data_2LQB
#
_entry.id   2LQB
#
_entity_poly.entity_id   1
_entity_poly.type   'polypeptide(L)'
_entity_poly.pdbx_seq_one_letter_code
;AGHMQEAVVKLRVEGMTCQSCVSSIEGKVRKLQGVVRVKVSLSNQEAVITYQPYLIQPEDLRDHVNDMGFEAAIKS
;
_entity_poly.pdbx_strand_id   A
#
# COMPACT_ATOMS: atom_id res chain seq x y z
N ALA A 1 -11.56 19.62 -9.99
CA ALA A 1 -10.80 20.33 -8.97
C ALA A 1 -9.30 20.19 -9.21
N GLY A 2 -8.60 21.32 -9.25
CA GLY A 2 -7.16 21.30 -9.47
C GLY A 2 -6.42 20.56 -8.37
N HIS A 3 -6.80 20.84 -7.12
CA HIS A 3 -6.16 20.21 -5.97
C HIS A 3 -6.16 18.68 -6.12
N MET A 4 -5.18 18.04 -5.51
CA MET A 4 -5.06 16.59 -5.57
C MET A 4 -5.93 15.93 -4.51
N GLN A 5 -7.03 15.32 -4.94
CA GLN A 5 -7.94 14.65 -4.02
C GLN A 5 -7.39 13.29 -3.60
N GLU A 6 -6.43 12.78 -4.36
CA GLU A 6 -5.82 11.49 -4.08
C GLU A 6 -5.35 11.42 -2.63
N ALA A 7 -5.54 10.27 -2.00
CA ALA A 7 -5.13 10.08 -0.61
C ALA A 7 -4.18 8.89 -0.48
N VAL A 8 -3.25 8.99 0.45
CA VAL A 8 -2.28 7.92 0.68
C VAL A 8 -2.35 7.41 2.12
N VAL A 9 -2.30 6.09 2.27
CA VAL A 9 -2.37 5.47 3.59
C VAL A 9 -1.12 4.62 3.85
N LYS A 10 -0.54 4.79 5.04
CA LYS A 10 0.65 4.04 5.42
C LYS A 10 0.33 3.03 6.50
N LEU A 11 0.76 1.78 6.29
CA LEU A 11 0.51 0.72 7.25
C LEU A 11 1.82 0.05 7.66
N ARG A 12 1.92 -0.30 8.95
CA ARG A 12 3.12 -0.94 9.47
C ARG A 12 3.13 -2.43 9.10
N VAL A 13 4.22 -2.85 8.46
CA VAL A 13 4.37 -4.26 8.06
C VAL A 13 4.96 -5.09 9.18
N GLU A 14 4.25 -6.14 9.58
CA GLU A 14 4.72 -7.02 10.64
C GLU A 14 5.22 -8.34 10.07
N GLY A 15 5.11 -8.50 8.75
CA GLY A 15 5.57 -9.71 8.11
C GLY A 15 6.91 -9.54 7.44
N MET A 16 7.31 -8.30 7.21
CA MET A 16 8.58 -8.00 6.58
C MET A 16 9.73 -8.73 7.28
N THR A 17 10.69 -9.19 6.49
CA THR A 17 11.83 -9.92 7.02
C THR A 17 13.12 -9.56 6.28
N CYS A 18 14.18 -10.30 6.56
CA CYS A 18 15.47 -10.06 5.91
C CYS A 18 15.32 -10.05 4.40
N GLN A 19 14.33 -10.78 3.90
CA GLN A 19 14.08 -10.86 2.47
C GLN A 19 13.86 -9.47 1.87
N SER A 20 13.64 -9.42 0.57
CA SER A 20 13.42 -8.15 -0.12
C SER A 20 12.11 -8.18 -0.91
N CYS A 21 11.04 -8.59 -0.25
CA CYS A 21 9.73 -8.67 -0.89
C CYS A 21 9.26 -7.29 -1.33
N VAL A 22 9.89 -6.25 -0.80
CA VAL A 22 9.54 -4.88 -1.13
C VAL A 22 9.42 -4.70 -2.64
N SER A 23 10.38 -5.22 -3.37
CA SER A 23 10.39 -5.12 -4.83
C SER A 23 9.20 -5.85 -5.43
N SER A 24 8.86 -7.00 -4.85
CA SER A 24 7.73 -7.80 -5.33
C SER A 24 6.41 -7.08 -5.08
N ILE A 25 6.28 -6.47 -3.90
CA ILE A 25 5.07 -5.76 -3.54
C ILE A 25 4.87 -4.54 -4.44
N GLU A 26 5.97 -3.98 -4.94
CA GLU A 26 5.90 -2.81 -5.81
C GLU A 26 5.17 -3.14 -7.10
N GLY A 27 5.42 -4.34 -7.64
CA GLY A 27 4.78 -4.74 -8.87
C GLY A 27 3.27 -4.91 -8.71
N LYS A 28 2.85 -5.28 -7.50
CA LYS A 28 1.43 -5.48 -7.23
C LYS A 28 0.61 -4.26 -7.67
N VAL A 29 1.19 -3.08 -7.50
CA VAL A 29 0.52 -1.84 -7.88
C VAL A 29 0.07 -1.89 -9.33
N ARG A 30 0.83 -2.61 -10.16
CA ARG A 30 0.52 -2.73 -11.58
C ARG A 30 -0.82 -3.44 -11.77
N LYS A 31 -1.21 -4.24 -10.80
CA LYS A 31 -2.47 -4.98 -10.86
C LYS A 31 -3.60 -4.19 -10.19
N LEU A 32 -3.23 -3.17 -9.43
CA LEU A 32 -4.21 -2.34 -8.74
C LEU A 32 -4.87 -1.37 -9.70
N GLN A 33 -6.19 -1.22 -9.58
CA GLN A 33 -6.95 -0.33 -10.45
C GLN A 33 -6.94 1.10 -9.89
N GLY A 34 -7.70 1.30 -8.81
CA GLY A 34 -7.76 2.61 -8.20
C GLY A 34 -6.42 3.11 -7.72
N VAL A 35 -5.73 2.29 -6.94
CA VAL A 35 -4.42 2.65 -6.41
C VAL A 35 -3.56 3.30 -7.48
N VAL A 36 -2.88 4.38 -7.11
CA VAL A 36 -2.02 5.10 -8.04
C VAL A 36 -0.59 4.57 -7.98
N ARG A 37 -0.08 4.40 -6.77
CA ARG A 37 1.28 3.89 -6.58
C ARG A 37 1.50 3.44 -5.14
N VAL A 38 2.48 2.58 -4.93
CA VAL A 38 2.78 2.07 -3.60
C VAL A 38 4.26 2.25 -3.28
N LYS A 39 4.55 2.91 -2.16
CA LYS A 39 5.92 3.14 -1.74
C LYS A 39 6.22 2.41 -0.43
N VAL A 40 7.23 1.55 -0.46
CA VAL A 40 7.63 0.79 0.72
C VAL A 40 8.99 1.22 1.23
N SER A 41 9.07 1.49 2.53
CA SER A 41 10.32 1.91 3.14
C SER A 41 10.91 0.81 4.02
N LEU A 42 11.98 0.18 3.54
CA LEU A 42 12.63 -0.90 4.28
C LEU A 42 13.31 -0.35 5.54
N SER A 43 13.73 0.90 5.48
CA SER A 43 14.40 1.54 6.62
C SER A 43 13.41 1.79 7.75
N ASN A 44 12.16 2.05 7.38
CA ASN A 44 11.11 2.32 8.36
C ASN A 44 10.25 1.07 8.60
N GLN A 45 10.56 0.01 7.88
CA GLN A 45 9.82 -1.24 8.01
C GLN A 45 8.31 -0.99 7.90
N GLU A 46 7.93 -0.12 6.98
CA GLU A 46 6.53 0.21 6.77
C GLU A 46 6.16 0.15 5.30
N ALA A 47 4.86 0.22 5.01
CA ALA A 47 4.38 0.17 3.64
C ALA A 47 3.37 1.28 3.37
N VAL A 48 3.64 2.07 2.34
CA VAL A 48 2.75 3.17 1.98
C VAL A 48 1.98 2.87 0.70
N ILE A 49 0.66 3.02 0.76
CA ILE A 49 -0.19 2.76 -0.40
C ILE A 49 -0.95 4.02 -0.82
N THR A 50 -0.67 4.50 -2.03
CA THR A 50 -1.34 5.68 -2.54
C THR A 50 -2.51 5.32 -3.43
N TYR A 51 -3.69 5.80 -3.09
CA TYR A 51 -4.90 5.53 -3.86
C TYR A 51 -5.73 6.79 -4.06
N GLN A 52 -6.78 6.69 -4.86
CA GLN A 52 -7.65 7.82 -5.12
C GLN A 52 -9.10 7.50 -4.77
N PRO A 53 -9.78 8.45 -4.12
CA PRO A 53 -11.18 8.28 -3.71
C PRO A 53 -12.13 8.27 -4.90
N TYR A 54 -11.66 8.78 -6.03
CA TYR A 54 -12.48 8.84 -7.23
C TYR A 54 -12.49 7.49 -7.95
N LEU A 55 -11.56 6.63 -7.58
CA LEU A 55 -11.46 5.30 -8.18
C LEU A 55 -11.83 4.21 -7.17
N ILE A 56 -10.91 3.93 -6.24
CA ILE A 56 -11.15 2.93 -5.23
C ILE A 56 -11.18 3.55 -3.83
N GLN A 57 -11.86 2.88 -2.90
CA GLN A 57 -11.97 3.36 -1.53
C GLN A 57 -10.81 2.85 -0.68
N PRO A 58 -10.65 3.45 0.51
CA PRO A 58 -9.57 3.07 1.44
C PRO A 58 -9.78 1.69 2.04
N GLU A 59 -11.01 1.42 2.49
CA GLU A 59 -11.34 0.13 3.08
C GLU A 59 -11.15 -1.00 2.07
N ASP A 60 -11.44 -0.71 0.81
CA ASP A 60 -11.31 -1.70 -0.25
C ASP A 60 -9.84 -2.05 -0.48
N LEU A 61 -8.98 -1.04 -0.47
CA LEU A 61 -7.55 -1.23 -0.68
C LEU A 61 -6.94 -2.02 0.47
N ARG A 62 -7.59 -1.97 1.63
CA ARG A 62 -7.10 -2.68 2.81
C ARG A 62 -7.08 -4.19 2.57
N ASP A 63 -8.13 -4.69 1.93
CA ASP A 63 -8.22 -6.12 1.63
C ASP A 63 -7.14 -6.54 0.64
N HIS A 64 -6.86 -5.68 -0.33
CA HIS A 64 -5.85 -5.96 -1.34
C HIS A 64 -4.47 -6.12 -0.70
N VAL A 65 -4.19 -5.29 0.31
CA VAL A 65 -2.92 -5.34 1.01
C VAL A 65 -2.64 -6.73 1.56
N ASN A 66 -3.68 -7.35 2.10
CA ASN A 66 -3.54 -8.69 2.67
C ASN A 66 -3.17 -9.71 1.60
N ASP A 67 -3.56 -9.42 0.36
CA ASP A 67 -3.26 -10.30 -0.76
C ASP A 67 -1.75 -10.52 -0.89
N MET A 68 -0.97 -9.59 -0.35
CA MET A 68 0.49 -9.70 -0.40
C MET A 68 0.99 -10.82 0.49
N GLY A 69 0.11 -11.32 1.36
CA GLY A 69 0.48 -12.38 2.27
C GLY A 69 1.06 -11.86 3.58
N PHE A 70 1.35 -10.57 3.61
CA PHE A 70 1.91 -9.96 4.82
C PHE A 70 0.82 -9.26 5.62
N GLU A 71 1.10 -9.01 6.90
CA GLU A 71 0.14 -8.36 7.79
C GLU A 71 0.47 -6.87 7.93
N ALA A 72 -0.51 -6.02 7.66
CA ALA A 72 -0.32 -4.58 7.77
C ALA A 72 -1.30 -3.98 8.79
N ALA A 73 -0.81 -3.01 9.56
CA ALA A 73 -1.64 -2.36 10.57
C ALA A 73 -1.62 -0.84 10.38
N ILE A 74 -2.77 -0.21 10.58
CA ILE A 74 -2.90 1.24 10.44
C ILE A 74 -1.81 1.95 11.25
N LYS A 75 -1.04 2.79 10.57
CA LYS A 75 0.03 3.54 11.21
C LYS A 75 -0.49 4.89 11.71
N SER A 76 -1.44 5.47 10.99
CA SER A 76 -2.02 6.75 11.36
C SER A 76 -2.49 6.74 12.81
N ALA A 1 -1.14 24.14 -12.92
CA ALA A 1 -2.38 23.58 -12.42
C ALA A 1 -2.12 22.55 -11.33
N GLY A 2 -3.18 22.05 -10.71
CA GLY A 2 -3.05 21.06 -9.66
C GLY A 2 -4.33 20.85 -8.89
N HIS A 3 -4.91 19.66 -9.01
CA HIS A 3 -6.16 19.34 -8.32
C HIS A 3 -6.36 17.82 -8.25
N MET A 4 -6.17 17.26 -7.07
CA MET A 4 -6.33 15.82 -6.87
C MET A 4 -6.74 15.52 -5.43
N GLN A 5 -7.84 14.78 -5.28
CA GLN A 5 -8.35 14.43 -3.96
C GLN A 5 -7.81 13.06 -3.53
N GLU A 6 -6.79 12.58 -4.23
CA GLU A 6 -6.18 11.29 -3.91
C GLU A 6 -5.65 11.28 -2.49
N ALA A 7 -5.82 10.15 -1.81
CA ALA A 7 -5.36 9.99 -0.44
C ALA A 7 -4.39 8.83 -0.32
N VAL A 8 -3.42 8.96 0.58
CA VAL A 8 -2.42 7.91 0.80
C VAL A 8 -2.43 7.44 2.25
N VAL A 9 -2.35 6.13 2.44
CA VAL A 9 -2.35 5.54 3.78
C VAL A 9 -1.11 4.68 4.00
N LYS A 10 -0.46 4.88 5.14
CA LYS A 10 0.74 4.11 5.47
C LYS A 10 0.46 3.12 6.60
N LEU A 11 0.85 1.87 6.39
CA LEU A 11 0.64 0.83 7.40
C LEU A 11 1.95 0.14 7.74
N ARG A 12 2.10 -0.26 9.01
CA ARG A 12 3.30 -0.94 9.46
C ARG A 12 3.32 -2.39 8.99
N VAL A 13 4.40 -2.77 8.31
CA VAL A 13 4.54 -4.12 7.81
C VAL A 13 5.17 -5.05 8.85
N GLU A 14 4.61 -6.24 9.00
CA GLU A 14 5.11 -7.21 9.97
C GLU A 14 5.89 -8.32 9.27
N GLY A 15 5.66 -8.48 7.97
CA GLY A 15 6.34 -9.50 7.21
C GLY A 15 7.45 -8.94 6.34
N MET A 16 7.69 -7.64 6.46
CA MET A 16 8.73 -6.97 5.68
C MET A 16 10.07 -7.68 5.86
N THR A 17 10.22 -8.39 6.97
CA THR A 17 11.45 -9.10 7.27
C THR A 17 11.88 -9.98 6.09
N CYS A 18 10.91 -10.39 5.29
CA CYS A 18 11.19 -11.23 4.12
C CYS A 18 12.23 -10.58 3.22
N GLN A 19 12.62 -11.28 2.17
CA GLN A 19 13.61 -10.78 1.23
C GLN A 19 12.98 -10.44 -0.11
N SER A 20 13.24 -9.22 -0.60
CA SER A 20 12.69 -8.78 -1.87
C SER A 20 11.17 -8.68 -1.80
N CYS A 21 10.64 -8.71 -0.58
CA CYS A 21 9.19 -8.63 -0.37
C CYS A 21 8.66 -7.30 -0.87
N VAL A 22 9.47 -6.26 -0.77
CA VAL A 22 9.07 -4.92 -1.21
C VAL A 22 8.82 -4.88 -2.71
N SER A 23 9.74 -5.49 -3.47
CA SER A 23 9.61 -5.51 -4.92
C SER A 23 8.36 -6.26 -5.34
N SER A 24 8.02 -7.32 -4.61
CA SER A 24 6.84 -8.12 -4.92
C SER A 24 5.57 -7.31 -4.66
N ILE A 25 5.54 -6.59 -3.55
CA ILE A 25 4.39 -5.78 -3.18
C ILE A 25 4.19 -4.63 -4.16
N GLU A 26 5.29 -4.01 -4.57
CA GLU A 26 5.24 -2.91 -5.51
C GLU A 26 4.67 -3.35 -6.85
N GLY A 27 5.05 -4.55 -7.28
CA GLY A 27 4.56 -5.07 -8.54
C GLY A 27 3.06 -5.28 -8.54
N LYS A 28 2.51 -5.63 -7.38
CA LYS A 28 1.08 -5.87 -7.25
C LYS A 28 0.29 -4.60 -7.56
N VAL A 29 0.86 -3.45 -7.21
CA VAL A 29 0.20 -2.18 -7.46
C VAL A 29 -0.18 -2.02 -8.92
N ARG A 30 0.59 -2.67 -9.80
CA ARG A 30 0.34 -2.59 -11.23
C ARG A 30 -0.99 -3.26 -11.58
N LYS A 31 -1.42 -4.18 -10.72
CA LYS A 31 -2.68 -4.89 -10.93
C LYS A 31 -3.84 -4.16 -10.26
N LEU A 32 -3.52 -3.22 -9.38
CA LEU A 32 -4.53 -2.45 -8.67
C LEU A 32 -5.15 -1.40 -9.58
N GLN A 33 -6.47 -1.26 -9.51
CA GLN A 33 -7.18 -0.28 -10.34
C GLN A 33 -7.17 1.09 -9.67
N GLY A 34 -8.02 1.24 -8.65
CA GLY A 34 -8.10 2.51 -7.94
C GLY A 34 -6.75 3.00 -7.48
N VAL A 35 -6.05 2.18 -6.70
CA VAL A 35 -4.73 2.54 -6.19
C VAL A 35 -3.87 3.16 -7.28
N VAL A 36 -3.14 4.21 -6.93
CA VAL A 36 -2.27 4.88 -7.88
C VAL A 36 -0.86 4.31 -7.84
N ARG A 37 -0.31 4.16 -6.64
CA ARG A 37 1.03 3.61 -6.46
C ARG A 37 1.29 3.27 -5.01
N VAL A 38 2.25 2.37 -4.78
CA VAL A 38 2.59 1.96 -3.42
C VAL A 38 4.09 2.10 -3.17
N LYS A 39 4.44 2.83 -2.13
CA LYS A 39 5.84 3.05 -1.78
C LYS A 39 6.17 2.42 -0.43
N VAL A 40 7.15 1.52 -0.42
CA VAL A 40 7.55 0.85 0.81
C VAL A 40 8.97 1.26 1.22
N SER A 41 9.15 1.51 2.51
CA SER A 41 10.45 1.91 3.03
C SER A 41 11.05 0.82 3.90
N LEU A 42 12.08 0.16 3.38
CA LEU A 42 12.75 -0.92 4.11
C LEU A 42 13.48 -0.38 5.33
N SER A 43 13.93 0.88 5.23
CA SER A 43 14.66 1.52 6.33
C SER A 43 13.72 1.83 7.49
N ASN A 44 12.45 2.11 7.16
CA ASN A 44 11.46 2.43 8.17
C ASN A 44 10.57 1.23 8.45
N GLN A 45 10.81 0.14 7.74
CA GLN A 45 10.02 -1.09 7.91
C GLN A 45 8.53 -0.79 7.84
N GLU A 46 8.15 0.09 6.91
CA GLU A 46 6.75 0.47 6.74
C GLU A 46 6.34 0.40 5.28
N ALA A 47 5.04 0.40 5.02
CA ALA A 47 4.51 0.33 3.66
C ALA A 47 3.47 1.42 3.43
N VAL A 48 3.66 2.21 2.38
CA VAL A 48 2.73 3.28 2.05
C VAL A 48 1.94 2.94 0.80
N ILE A 49 0.62 3.08 0.90
CA ILE A 49 -0.26 2.78 -0.23
C ILE A 49 -1.03 4.03 -0.66
N THR A 50 -0.77 4.47 -1.88
CA THR A 50 -1.45 5.65 -2.42
C THR A 50 -2.62 5.26 -3.31
N TYR A 51 -3.81 5.73 -2.95
CA TYR A 51 -5.01 5.43 -3.72
C TYR A 51 -5.88 6.67 -3.88
N GLN A 52 -6.98 6.52 -4.63
CA GLN A 52 -7.89 7.64 -4.86
C GLN A 52 -9.30 7.30 -4.39
N PRO A 53 -9.94 8.25 -3.69
CA PRO A 53 -11.30 8.06 -3.17
C PRO A 53 -12.34 8.04 -4.28
N TYR A 54 -12.00 8.60 -5.43
CA TYR A 54 -12.90 8.64 -6.56
C TYR A 54 -12.92 7.30 -7.30
N LEU A 55 -11.93 6.47 -7.02
CA LEU A 55 -11.82 5.16 -7.66
C LEU A 55 -12.14 4.05 -6.67
N ILE A 56 -11.19 3.77 -5.77
CA ILE A 56 -11.37 2.74 -4.76
C ILE A 56 -11.32 3.31 -3.35
N GLN A 57 -11.95 2.63 -2.41
CA GLN A 57 -11.98 3.07 -1.02
C GLN A 57 -10.75 2.57 -0.26
N PRO A 58 -10.53 3.13 0.93
CA PRO A 58 -9.40 2.74 1.78
C PRO A 58 -9.55 1.34 2.36
N GLU A 59 -10.75 1.05 2.87
CA GLU A 59 -11.02 -0.27 3.45
C GLU A 59 -10.86 -1.37 2.41
N ASP A 60 -11.24 -1.06 1.17
CA ASP A 60 -11.15 -2.03 0.08
C ASP A 60 -9.68 -2.34 -0.24
N LEU A 61 -8.86 -1.30 -0.27
CA LEU A 61 -7.44 -1.46 -0.57
C LEU A 61 -6.74 -2.22 0.55
N ARG A 62 -7.29 -2.15 1.75
CA ARG A 62 -6.72 -2.83 2.90
C ARG A 62 -6.73 -4.34 2.70
N ASP A 63 -7.84 -4.85 2.17
CA ASP A 63 -8.00 -6.28 1.92
C ASP A 63 -6.99 -6.77 0.89
N HIS A 64 -6.69 -5.91 -0.08
CA HIS A 64 -5.74 -6.25 -1.13
C HIS A 64 -4.34 -6.43 -0.57
N VAL A 65 -3.97 -5.59 0.41
CA VAL A 65 -2.66 -5.66 1.03
C VAL A 65 -2.42 -7.04 1.64
N ASN A 66 -3.44 -7.57 2.33
CA ASN A 66 -3.33 -8.87 2.97
C ASN A 66 -3.10 -9.96 1.93
N ASP A 67 -3.53 -9.69 0.70
CA ASP A 67 -3.37 -10.66 -0.39
C ASP A 67 -1.90 -11.00 -0.60
N MET A 68 -1.02 -10.11 -0.16
CA MET A 68 0.42 -10.33 -0.30
C MET A 68 0.91 -11.39 0.67
N GLY A 69 0.07 -11.74 1.63
CA GLY A 69 0.43 -12.75 2.61
C GLY A 69 1.06 -12.15 3.84
N PHE A 70 1.46 -10.89 3.76
CA PHE A 70 2.09 -10.21 4.88
C PHE A 70 1.03 -9.57 5.78
N GLU A 71 1.46 -9.07 6.94
CA GLU A 71 0.55 -8.43 7.88
C GLU A 71 0.82 -6.93 7.97
N ALA A 72 -0.23 -6.14 7.75
CA ALA A 72 -0.11 -4.68 7.80
C ALA A 72 -1.03 -4.10 8.86
N ALA A 73 -0.54 -3.08 9.57
CA ALA A 73 -1.31 -2.43 10.62
C ALA A 73 -1.42 -0.93 10.37
N ILE A 74 -2.59 -0.37 10.68
CA ILE A 74 -2.82 1.06 10.49
C ILE A 74 -1.92 1.89 11.39
N LYS A 75 -1.14 2.77 10.78
CA LYS A 75 -0.23 3.63 11.54
C LYS A 75 -1.00 4.66 12.36
N SER A 76 -1.63 5.61 11.68
CA SER A 76 -2.41 6.65 12.34
C SER A 76 -3.28 7.41 11.34
N ALA A 1 -8.59 25.03 -2.38
CA ALA A 1 -8.17 23.65 -2.37
C ALA A 1 -7.36 23.30 -3.62
N GLY A 2 -6.57 22.24 -3.53
CA GLY A 2 -5.76 21.82 -4.66
C GLY A 2 -6.53 20.99 -5.65
N HIS A 3 -5.82 20.41 -6.61
CA HIS A 3 -6.46 19.57 -7.63
C HIS A 3 -6.26 18.09 -7.33
N MET A 4 -5.10 17.75 -6.77
CA MET A 4 -4.79 16.37 -6.42
C MET A 4 -5.75 15.85 -5.36
N GLN A 5 -6.67 14.98 -5.76
CA GLN A 5 -7.64 14.41 -4.83
C GLN A 5 -7.17 13.06 -4.32
N GLU A 6 -6.21 12.47 -5.02
CA GLU A 6 -5.66 11.16 -4.63
C GLU A 6 -5.10 11.21 -3.22
N ALA A 7 -5.31 10.14 -2.46
CA ALA A 7 -4.82 10.06 -1.09
C ALA A 7 -3.97 8.81 -0.89
N VAL A 8 -3.03 8.88 0.05
CA VAL A 8 -2.15 7.76 0.34
C VAL A 8 -2.27 7.33 1.80
N VAL A 9 -2.21 6.02 2.03
CA VAL A 9 -2.31 5.48 3.38
C VAL A 9 -1.09 4.63 3.72
N LYS A 10 -0.54 4.85 4.91
CA LYS A 10 0.63 4.11 5.37
C LYS A 10 0.25 3.09 6.43
N LEU A 11 0.77 1.87 6.30
CA LEU A 11 0.49 0.81 7.26
C LEU A 11 1.77 0.24 7.84
N ARG A 12 1.75 -0.05 9.13
CA ARG A 12 2.91 -0.60 9.82
C ARG A 12 3.07 -2.08 9.52
N VAL A 13 4.20 -2.44 8.91
CA VAL A 13 4.47 -3.83 8.55
C VAL A 13 5.53 -4.43 9.49
N GLU A 14 5.21 -5.59 10.06
CA GLU A 14 6.13 -6.27 10.96
C GLU A 14 6.78 -7.47 10.28
N GLY A 15 6.15 -7.94 9.21
CA GLY A 15 6.68 -9.08 8.49
C GLY A 15 7.92 -8.73 7.68
N MET A 16 8.12 -7.44 7.44
CA MET A 16 9.28 -6.98 6.67
C MET A 16 10.57 -7.59 7.21
N THR A 17 11.48 -7.92 6.31
CA THR A 17 12.76 -8.51 6.70
C THR A 17 13.85 -8.18 5.69
N CYS A 18 15.00 -8.81 5.84
CA CYS A 18 16.13 -8.58 4.94
C CYS A 18 15.70 -8.73 3.48
N GLN A 19 14.73 -9.60 3.24
CA GLN A 19 14.23 -9.85 1.89
C GLN A 19 13.58 -8.59 1.33
N SER A 20 13.96 -8.22 0.11
CA SER A 20 13.41 -7.04 -0.55
C SER A 20 12.08 -7.36 -1.21
N CYS A 21 11.10 -7.74 -0.40
CA CYS A 21 9.77 -8.07 -0.91
C CYS A 21 9.12 -6.86 -1.57
N VAL A 22 9.66 -5.68 -1.28
CA VAL A 22 9.13 -4.44 -1.84
C VAL A 22 8.95 -4.55 -3.35
N SER A 23 9.97 -5.10 -4.02
CA SER A 23 9.93 -5.26 -5.47
C SER A 23 8.80 -6.21 -5.87
N SER A 24 8.59 -7.24 -5.07
CA SER A 24 7.54 -8.22 -5.36
C SER A 24 6.16 -7.60 -5.21
N ILE A 25 5.98 -6.79 -4.17
CA ILE A 25 4.71 -6.13 -3.93
C ILE A 25 4.39 -5.12 -5.02
N GLU A 26 5.42 -4.48 -5.54
CA GLU A 26 5.25 -3.49 -6.61
C GLU A 26 4.42 -4.06 -7.75
N GLY A 27 4.67 -5.33 -8.08
CA GLY A 27 3.94 -5.98 -9.15
C GLY A 27 2.47 -6.12 -8.85
N LYS A 28 2.14 -6.34 -7.58
CA LYS A 28 0.75 -6.49 -7.17
C LYS A 28 -0.04 -5.21 -7.42
N VAL A 29 0.58 -4.07 -7.16
CA VAL A 29 -0.06 -2.78 -7.37
C VAL A 29 -0.39 -2.56 -8.84
N ARG A 30 0.40 -3.17 -9.72
CA ARG A 30 0.18 -3.04 -11.16
C ARG A 30 -1.13 -3.70 -11.57
N LYS A 31 -1.63 -4.60 -10.73
CA LYS A 31 -2.87 -5.31 -11.00
C LYS A 31 -4.05 -4.56 -10.41
N LEU A 32 -3.77 -3.63 -9.50
CA LEU A 32 -4.83 -2.85 -8.85
C LEU A 32 -5.32 -1.75 -9.79
N GLN A 33 -6.65 -1.55 -9.80
CA GLN A 33 -7.25 -0.54 -10.65
C GLN A 33 -7.23 0.83 -9.97
N GLY A 34 -8.05 0.99 -8.94
CA GLY A 34 -8.10 2.25 -8.22
C GLY A 34 -6.73 2.71 -7.77
N VAL A 35 -6.07 1.88 -6.95
CA VAL A 35 -4.75 2.21 -6.44
C VAL A 35 -3.84 2.72 -7.55
N VAL A 36 -3.05 3.74 -7.24
CA VAL A 36 -2.12 4.32 -8.22
C VAL A 36 -0.75 3.66 -8.14
N ARG A 37 -0.23 3.53 -6.93
CA ARG A 37 1.07 2.92 -6.71
C ARG A 37 1.31 2.63 -5.24
N VAL A 38 2.21 1.70 -4.95
CA VAL A 38 2.53 1.34 -3.58
C VAL A 38 4.03 1.43 -3.32
N LYS A 39 4.41 2.19 -2.29
CA LYS A 39 5.80 2.36 -1.93
C LYS A 39 6.10 1.75 -0.56
N VAL A 40 7.03 0.81 -0.52
CA VAL A 40 7.40 0.16 0.73
C VAL A 40 8.83 0.52 1.14
N SER A 41 9.00 0.84 2.42
CA SER A 41 10.32 1.21 2.94
C SER A 41 10.85 0.13 3.87
N LEU A 42 11.85 -0.61 3.40
CA LEU A 42 12.45 -1.67 4.20
C LEU A 42 13.22 -1.10 5.38
N SER A 43 13.74 0.11 5.22
CA SER A 43 14.50 0.76 6.27
C SER A 43 13.58 1.21 7.41
N ASN A 44 12.33 1.53 7.06
CA ASN A 44 11.36 1.96 8.05
C ASN A 44 10.40 0.83 8.41
N GLN A 45 10.60 -0.32 7.77
CA GLN A 45 9.75 -1.49 8.03
C GLN A 45 8.28 -1.12 7.93
N GLU A 46 7.94 -0.29 6.95
CA GLU A 46 6.56 0.13 6.76
C GLU A 46 6.15 -0.01 5.30
N ALA A 47 4.84 0.07 5.05
CA ALA A 47 4.31 -0.04 3.69
C ALA A 47 3.35 1.09 3.38
N VAL A 48 3.61 1.80 2.29
CA VAL A 48 2.75 2.91 1.87
C VAL A 48 1.94 2.56 0.64
N ILE A 49 0.63 2.80 0.70
CA ILE A 49 -0.26 2.49 -0.41
C ILE A 49 -0.94 3.76 -0.91
N THR A 50 -0.68 4.12 -2.16
CA THR A 50 -1.28 5.30 -2.76
C THR A 50 -2.47 4.94 -3.63
N TYR A 51 -3.62 5.51 -3.31
CA TYR A 51 -4.85 5.24 -4.06
C TYR A 51 -5.62 6.54 -4.32
N GLN A 52 -6.72 6.41 -5.06
CA GLN A 52 -7.55 7.57 -5.38
C GLN A 52 -8.98 7.38 -4.91
N PRO A 53 -9.54 8.42 -4.29
CA PRO A 53 -10.91 8.39 -3.76
C PRO A 53 -11.96 8.35 -4.88
N TYR A 54 -11.56 8.81 -6.06
CA TYR A 54 -12.47 8.84 -7.20
C TYR A 54 -12.57 7.46 -7.86
N LEU A 55 -11.63 6.58 -7.50
CA LEU A 55 -11.61 5.22 -8.05
C LEU A 55 -12.01 4.21 -6.99
N ILE A 56 -11.12 3.98 -6.03
CA ILE A 56 -11.38 3.03 -4.95
C ILE A 56 -11.30 3.71 -3.59
N GLN A 57 -11.98 3.14 -2.61
CA GLN A 57 -11.98 3.69 -1.26
C GLN A 57 -10.81 3.16 -0.45
N PRO A 58 -10.55 3.78 0.71
CA PRO A 58 -9.46 3.39 1.59
C PRO A 58 -9.70 2.05 2.27
N GLU A 59 -10.92 1.87 2.78
CA GLU A 59 -11.30 0.63 3.44
C GLU A 59 -11.18 -0.56 2.50
N ASP A 60 -11.52 -0.35 1.24
CA ASP A 60 -11.45 -1.40 0.23
C ASP A 60 -10.00 -1.79 -0.05
N LEU A 61 -9.13 -0.78 -0.16
CA LEU A 61 -7.71 -1.02 -0.43
C LEU A 61 -7.04 -1.69 0.77
N ARG A 62 -7.59 -1.46 1.95
CA ARG A 62 -7.04 -2.06 3.17
C ARG A 62 -6.95 -3.57 3.04
N ASP A 63 -7.99 -4.18 2.48
CA ASP A 63 -8.02 -5.63 2.30
C ASP A 63 -6.93 -6.08 1.33
N HIS A 64 -6.70 -5.28 0.29
CA HIS A 64 -5.69 -5.59 -0.71
C HIS A 64 -4.30 -5.71 -0.08
N VAL A 65 -4.02 -4.83 0.89
CA VAL A 65 -2.74 -4.84 1.58
C VAL A 65 -2.49 -6.18 2.26
N ASN A 66 -3.50 -6.68 2.96
CA ASN A 66 -3.38 -7.96 3.67
C ASN A 66 -3.23 -9.11 2.68
N ASP A 67 -3.87 -8.97 1.52
CA ASP A 67 -3.81 -10.00 0.49
C ASP A 67 -2.36 -10.26 0.07
N MET A 68 -1.50 -9.28 0.30
CA MET A 68 -0.09 -9.40 -0.05
C MET A 68 0.59 -10.49 0.78
N GLY A 69 -0.08 -10.91 1.85
CA GLY A 69 0.46 -11.94 2.71
C GLY A 69 1.41 -11.38 3.76
N PHE A 70 1.24 -10.09 4.07
CA PHE A 70 2.09 -9.44 5.06
C PHE A 70 1.33 -9.20 6.36
N GLU A 71 1.99 -8.58 7.32
CA GLU A 71 1.36 -8.30 8.62
C GLU A 71 0.99 -6.82 8.73
N ALA A 72 1.11 -6.10 7.62
CA ALA A 72 0.77 -4.69 7.59
C ALA A 72 -0.51 -4.41 8.37
N ALA A 73 -0.50 -3.33 9.16
CA ALA A 73 -1.66 -2.96 9.95
C ALA A 73 -1.89 -1.45 9.91
N ILE A 74 -3.11 -1.03 10.24
CA ILE A 74 -3.46 0.38 10.24
C ILE A 74 -2.67 1.14 11.31
N LYS A 75 -2.06 2.25 10.90
CA LYS A 75 -1.28 3.07 11.82
C LYS A 75 -2.08 3.40 13.08
N SER A 76 -3.40 3.48 12.93
CA SER A 76 -4.28 3.78 14.05
C SER A 76 -5.18 2.59 14.37
N ALA A 1 1.09 18.62 -11.86
CA ALA A 1 0.71 19.57 -10.81
C ALA A 1 -0.67 19.24 -10.26
N GLY A 2 -0.96 17.95 -10.09
CA GLY A 2 -2.24 17.53 -9.57
C GLY A 2 -2.11 16.45 -8.51
N HIS A 3 -3.03 15.49 -8.55
CA HIS A 3 -3.01 14.39 -7.59
C HIS A 3 -3.22 14.91 -6.17
N MET A 4 -4.35 15.56 -5.94
CA MET A 4 -4.67 16.11 -4.62
C MET A 4 -5.84 15.36 -4.00
N GLN A 5 -6.81 15.00 -4.83
CA GLN A 5 -8.00 14.28 -4.36
C GLN A 5 -7.63 12.87 -3.90
N GLU A 6 -6.46 12.40 -4.31
CA GLU A 6 -5.99 11.07 -3.94
C GLU A 6 -5.45 11.06 -2.52
N ALA A 7 -5.74 9.99 -1.79
CA ALA A 7 -5.28 9.85 -0.41
C ALA A 7 -4.33 8.67 -0.26
N VAL A 8 -3.38 8.79 0.66
CA VAL A 8 -2.41 7.73 0.89
C VAL A 8 -2.46 7.26 2.34
N VAL A 9 -2.40 5.94 2.54
CA VAL A 9 -2.43 5.36 3.87
C VAL A 9 -1.21 4.49 4.12
N LYS A 10 -0.59 4.67 5.27
CA LYS A 10 0.59 3.89 5.64
C LYS A 10 0.27 2.92 6.77
N LEU A 11 0.63 1.65 6.58
CA LEU A 11 0.40 0.63 7.58
C LEU A 11 1.68 -0.11 7.93
N ARG A 12 1.82 -0.46 9.21
CA ARG A 12 3.01 -1.16 9.68
C ARG A 12 3.02 -2.61 9.19
N VAL A 13 4.18 -3.05 8.71
CA VAL A 13 4.31 -4.42 8.22
C VAL A 13 5.01 -5.31 9.24
N GLU A 14 4.59 -6.57 9.30
CA GLU A 14 5.17 -7.53 10.24
C GLU A 14 6.10 -8.50 9.51
N GLY A 15 5.97 -8.56 8.19
CA GLY A 15 6.80 -9.45 7.41
C GLY A 15 7.98 -8.75 6.78
N MET A 16 8.12 -7.46 7.07
CA MET A 16 9.21 -6.66 6.53
C MET A 16 10.57 -7.22 6.96
N THR A 17 11.63 -6.45 6.73
CA THR A 17 12.97 -6.87 7.10
C THR A 17 13.43 -8.03 6.23
N CYS A 18 12.92 -8.09 5.01
CA CYS A 18 13.29 -9.15 4.07
C CYS A 18 13.98 -8.57 2.84
N GLN A 19 13.61 -7.34 2.48
CA GLN A 19 14.18 -6.68 1.32
C GLN A 19 13.89 -7.46 0.05
N SER A 20 12.62 -7.51 -0.33
CA SER A 20 12.20 -8.23 -1.53
C SER A 20 10.69 -8.11 -1.74
N CYS A 21 9.95 -8.08 -0.64
CA CYS A 21 8.50 -7.98 -0.70
C CYS A 21 8.08 -6.65 -1.34
N VAL A 22 8.88 -5.61 -1.10
CA VAL A 22 8.60 -4.29 -1.66
C VAL A 22 8.45 -4.35 -3.18
N SER A 23 9.37 -5.05 -3.82
CA SER A 23 9.35 -5.17 -5.27
C SER A 23 8.11 -5.95 -5.73
N SER A 24 7.74 -6.96 -4.95
CA SER A 24 6.57 -7.77 -5.28
C SER A 24 5.29 -6.96 -5.16
N ILE A 25 5.20 -6.15 -4.10
CA ILE A 25 4.02 -5.32 -3.87
C ILE A 25 3.88 -4.26 -4.95
N GLU A 26 5.01 -3.82 -5.49
CA GLU A 26 5.01 -2.81 -6.54
C GLU A 26 4.28 -3.31 -7.79
N GLY A 27 4.47 -4.58 -8.09
CA GLY A 27 3.82 -5.16 -9.27
C GLY A 27 2.31 -5.12 -9.17
N LYS A 28 1.80 -5.23 -7.95
CA LYS A 28 0.35 -5.21 -7.73
C LYS A 28 -0.24 -3.88 -8.17
N VAL A 29 0.50 -2.80 -7.96
CA VAL A 29 0.04 -1.47 -8.33
C VAL A 29 -0.41 -1.44 -9.79
N ARG A 30 0.38 -2.05 -10.66
CA ARG A 30 0.06 -2.09 -12.09
C ARG A 30 -1.23 -2.86 -12.34
N LYS A 31 -1.55 -3.76 -11.42
CA LYS A 31 -2.77 -4.57 -11.53
C LYS A 31 -3.94 -3.90 -10.80
N LEU A 32 -3.62 -2.92 -9.96
CA LEU A 32 -4.65 -2.20 -9.21
C LEU A 32 -5.37 -1.21 -10.10
N GLN A 33 -6.70 -1.15 -9.98
CA GLN A 33 -7.51 -0.24 -10.77
C GLN A 33 -7.58 1.13 -10.11
N GLY A 34 -7.74 1.14 -8.78
CA GLY A 34 -7.83 2.39 -8.06
C GLY A 34 -6.48 2.86 -7.55
N VAL A 35 -5.82 2.01 -6.77
CA VAL A 35 -4.51 2.34 -6.22
C VAL A 35 -3.61 2.97 -7.28
N VAL A 36 -2.91 4.04 -6.89
CA VAL A 36 -2.01 4.74 -7.81
C VAL A 36 -0.60 4.18 -7.72
N ARG A 37 -0.11 4.01 -6.49
CA ARG A 37 1.24 3.50 -6.26
C ARG A 37 1.43 3.13 -4.79
N VAL A 38 2.40 2.26 -4.52
CA VAL A 38 2.69 1.83 -3.16
C VAL A 38 4.17 1.95 -2.85
N LYS A 39 4.49 2.67 -1.78
CA LYS A 39 5.87 2.87 -1.38
C LYS A 39 6.15 2.19 -0.03
N VAL A 40 7.12 1.28 -0.02
CA VAL A 40 7.48 0.56 1.19
C VAL A 40 8.88 0.95 1.66
N SER A 41 9.02 1.18 2.95
CA SER A 41 10.31 1.56 3.54
C SER A 41 10.85 0.45 4.43
N LEU A 42 11.88 -0.23 3.94
CA LEU A 42 12.49 -1.32 4.69
C LEU A 42 13.20 -0.79 5.93
N SER A 43 13.69 0.44 5.86
CA SER A 43 14.39 1.06 6.97
C SER A 43 13.42 1.41 8.10
N ASN A 44 12.17 1.71 7.73
CA ASN A 44 11.15 2.05 8.71
C ASN A 44 10.22 0.87 8.96
N GLN A 45 10.47 -0.23 8.27
CA GLN A 45 9.66 -1.44 8.43
C GLN A 45 8.18 -1.12 8.29
N GLU A 46 7.85 -0.24 7.35
CA GLU A 46 6.46 0.15 7.13
C GLU A 46 6.11 0.07 5.64
N ALA A 47 4.81 0.08 5.36
CA ALA A 47 4.34 0.01 3.98
C ALA A 47 3.31 1.11 3.70
N VAL A 48 3.56 1.89 2.65
CA VAL A 48 2.65 2.98 2.28
C VAL A 48 1.88 2.64 1.01
N ILE A 49 0.57 2.83 1.03
CA ILE A 49 -0.27 2.55 -0.12
C ILE A 49 -1.04 3.79 -0.55
N THR A 50 -0.76 4.27 -1.76
CA THR A 50 -1.43 5.45 -2.29
C THR A 50 -2.60 5.06 -3.19
N TYR A 51 -3.79 5.53 -2.85
CA TYR A 51 -4.98 5.23 -3.63
C TYR A 51 -5.82 6.50 -3.83
N GLN A 52 -6.88 6.36 -4.62
CA GLN A 52 -7.77 7.49 -4.91
C GLN A 52 -9.20 7.17 -4.50
N PRO A 53 -9.86 8.15 -3.84
CA PRO A 53 -11.25 7.99 -3.37
C PRO A 53 -12.24 7.95 -4.53
N TYR A 54 -11.83 8.50 -5.68
CA TYR A 54 -12.69 8.53 -6.84
C TYR A 54 -12.68 7.19 -7.58
N LEU A 55 -11.70 6.36 -7.23
CA LEU A 55 -11.57 5.04 -7.86
C LEU A 55 -11.92 3.94 -6.87
N ILE A 56 -11.06 3.74 -5.87
CA ILE A 56 -11.28 2.72 -4.87
C ILE A 56 -11.31 3.32 -3.47
N GLN A 57 -11.99 2.66 -2.55
CA GLN A 57 -12.10 3.12 -1.17
C GLN A 57 -10.92 2.64 -0.35
N PRO A 58 -10.75 3.22 0.86
CA PRO A 58 -9.66 2.87 1.77
C PRO A 58 -9.84 1.47 2.36
N GLU A 59 -11.05 1.17 2.81
CA GLU A 59 -11.34 -0.13 3.39
C GLU A 59 -11.10 -1.25 2.39
N ASP A 60 -11.41 -0.99 1.12
CA ASP A 60 -11.23 -1.96 0.06
C ASP A 60 -9.75 -2.23 -0.19
N LEU A 61 -8.96 -1.16 -0.20
CA LEU A 61 -7.53 -1.27 -0.43
C LEU A 61 -6.85 -2.00 0.73
N ARG A 62 -7.45 -1.92 1.91
CA ARG A 62 -6.90 -2.56 3.10
C ARG A 62 -6.79 -4.07 2.89
N ASP A 63 -7.82 -4.66 2.30
CA ASP A 63 -7.84 -6.09 2.04
C ASP A 63 -6.77 -6.48 1.03
N HIS A 64 -6.58 -5.62 0.03
CA HIS A 64 -5.58 -5.87 -1.01
C HIS A 64 -4.21 -6.13 -0.40
N VAL A 65 -3.89 -5.39 0.65
CA VAL A 65 -2.61 -5.54 1.33
C VAL A 65 -2.41 -6.98 1.83
N ASN A 66 -3.46 -7.54 2.43
CA ASN A 66 -3.40 -8.90 2.94
C ASN A 66 -3.21 -9.90 1.81
N ASP A 67 -3.52 -9.47 0.60
CA ASP A 67 -3.39 -10.34 -0.58
C ASP A 67 -1.91 -10.65 -0.85
N MET A 68 -1.03 -9.78 -0.37
CA MET A 68 0.40 -9.95 -0.58
C MET A 68 0.93 -11.08 0.31
N GLY A 69 0.12 -11.50 1.28
CA GLY A 69 0.53 -12.57 2.17
C GLY A 69 1.09 -12.05 3.48
N PHE A 70 1.45 -10.77 3.49
CA PHE A 70 2.01 -10.15 4.70
C PHE A 70 0.90 -9.51 5.53
N GLU A 71 1.18 -9.33 6.82
CA GLU A 71 0.21 -8.73 7.73
C GLU A 71 0.49 -7.25 7.93
N ALA A 72 -0.52 -6.43 7.67
CA ALA A 72 -0.39 -4.98 7.82
C ALA A 72 -1.39 -4.44 8.84
N ALA A 73 -0.95 -3.48 9.64
CA ALA A 73 -1.81 -2.89 10.66
C ALA A 73 -1.64 -1.36 10.68
N ILE A 74 -2.74 -0.66 10.98
CA ILE A 74 -2.71 0.80 11.03
C ILE A 74 -1.55 1.30 11.87
N LYS A 75 -0.94 2.40 11.43
CA LYS A 75 0.19 2.98 12.14
C LYS A 75 -0.29 3.99 13.20
N SER A 76 0.57 4.95 13.53
CA SER A 76 0.23 5.96 14.52
C SER A 76 0.56 7.35 14.01
N ALA A 1 -5.04 9.81 -14.26
CA ALA A 1 -5.82 11.00 -14.59
C ALA A 1 -6.83 11.30 -13.49
N GLY A 2 -6.84 12.56 -13.03
CA GLY A 2 -7.77 12.95 -11.99
C GLY A 2 -7.36 14.26 -11.33
N HIS A 3 -7.62 14.37 -10.04
CA HIS A 3 -7.29 15.57 -9.28
C HIS A 3 -6.14 15.31 -8.31
N MET A 4 -5.75 16.33 -7.56
CA MET A 4 -4.67 16.21 -6.59
C MET A 4 -5.23 15.93 -5.19
N GLN A 5 -6.41 15.33 -5.14
CA GLN A 5 -7.04 15.00 -3.87
C GLN A 5 -6.72 13.58 -3.44
N GLU A 6 -5.70 13.01 -4.08
CA GLU A 6 -5.29 11.64 -3.76
C GLU A 6 -4.72 11.56 -2.35
N ALA A 7 -5.04 10.48 -1.65
CA ALA A 7 -4.58 10.28 -0.28
C ALA A 7 -3.72 9.02 -0.17
N VAL A 8 -2.79 9.01 0.78
CA VAL A 8 -1.91 7.86 0.98
C VAL A 8 -2.04 7.33 2.40
N VAL A 9 -1.99 6.01 2.53
CA VAL A 9 -2.09 5.35 3.84
C VAL A 9 -0.88 4.48 4.11
N LYS A 10 -0.31 4.62 5.31
CA LYS A 10 0.85 3.84 5.71
C LYS A 10 0.48 2.81 6.78
N LEU A 11 0.99 1.59 6.62
CA LEU A 11 0.72 0.54 7.58
C LEU A 11 2.02 -0.06 8.13
N ARG A 12 1.98 -0.48 9.39
CA ARG A 12 3.16 -1.07 10.03
C ARG A 12 3.32 -2.53 9.63
N VAL A 13 4.42 -2.82 8.93
CA VAL A 13 4.69 -4.19 8.50
C VAL A 13 5.66 -4.89 9.44
N GLU A 14 5.34 -6.13 9.80
CA GLU A 14 6.19 -6.90 10.69
C GLU A 14 6.97 -7.96 9.93
N GLY A 15 6.44 -8.37 8.79
CA GLY A 15 7.11 -9.37 7.97
C GLY A 15 8.28 -8.80 7.20
N MET A 16 8.37 -7.48 7.14
CA MET A 16 9.45 -6.82 6.42
C MET A 16 10.82 -7.26 6.96
N THR A 17 11.87 -6.67 6.43
CA THR A 17 13.23 -6.99 6.85
C THR A 17 13.48 -8.50 6.76
N CYS A 18 12.75 -9.16 5.87
CA CYS A 18 12.90 -10.60 5.68
C CYS A 18 13.34 -10.92 4.25
N GLN A 19 12.95 -10.07 3.31
CA GLN A 19 13.29 -10.27 1.91
C GLN A 19 12.96 -9.02 1.09
N SER A 20 13.21 -9.11 -0.21
CA SER A 20 12.95 -7.99 -1.11
C SER A 20 11.53 -8.06 -1.67
N CYS A 21 10.56 -8.28 -0.79
CA CYS A 21 9.16 -8.38 -1.19
C CYS A 21 8.68 -7.06 -1.80
N VAL A 22 9.40 -5.98 -1.51
CA VAL A 22 9.05 -4.68 -2.03
C VAL A 22 8.82 -4.71 -3.54
N SER A 23 9.72 -5.40 -4.25
CA SER A 23 9.61 -5.51 -5.70
C SER A 23 8.36 -6.28 -6.09
N SER A 24 8.02 -7.30 -5.30
CA SER A 24 6.85 -8.12 -5.57
C SER A 24 5.57 -7.32 -5.37
N ILE A 25 5.54 -6.53 -4.31
CA ILE A 25 4.37 -5.72 -4.00
C ILE A 25 4.16 -4.63 -5.05
N GLU A 26 5.26 -4.22 -5.69
CA GLU A 26 5.20 -3.19 -6.73
C GLU A 26 4.32 -3.65 -7.89
N GLY A 27 4.40 -4.94 -8.21
CA GLY A 27 3.62 -5.48 -9.30
C GLY A 27 2.12 -5.31 -9.09
N LYS A 28 1.70 -5.33 -7.83
CA LYS A 28 0.29 -5.18 -7.49
C LYS A 28 -0.23 -3.82 -7.93
N VAL A 29 0.60 -2.79 -7.79
CA VAL A 29 0.23 -1.44 -8.18
C VAL A 29 -0.30 -1.40 -9.61
N ARG A 30 0.42 -2.07 -10.51
CA ARG A 30 0.03 -2.12 -11.91
C ARG A 30 -1.31 -2.82 -12.08
N LYS A 31 -1.64 -3.68 -11.12
CA LYS A 31 -2.90 -4.42 -11.17
C LYS A 31 -4.00 -3.67 -10.42
N LEU A 32 -3.61 -2.69 -9.62
CA LEU A 32 -4.56 -1.89 -8.86
C LEU A 32 -5.27 -0.89 -9.75
N GLN A 33 -6.58 -0.74 -9.54
CA GLN A 33 -7.38 0.19 -10.33
C GLN A 33 -7.32 1.59 -9.75
N GLY A 34 -7.78 1.74 -8.51
CA GLY A 34 -7.77 3.03 -7.87
C GLY A 34 -6.39 3.44 -7.41
N VAL A 35 -5.73 2.56 -6.66
CA VAL A 35 -4.39 2.83 -6.15
C VAL A 35 -3.51 3.44 -7.24
N VAL A 36 -2.76 4.48 -6.88
CA VAL A 36 -1.88 5.15 -7.82
C VAL A 36 -0.48 4.53 -7.79
N ARG A 37 0.02 4.31 -6.58
CA ARG A 37 1.36 3.74 -6.41
C ARG A 37 1.57 3.27 -4.98
N VAL A 38 2.50 2.35 -4.79
CA VAL A 38 2.80 1.82 -3.45
C VAL A 38 4.29 1.90 -3.16
N LYS A 39 4.64 2.53 -2.04
CA LYS A 39 6.04 2.67 -1.64
C LYS A 39 6.31 1.91 -0.36
N VAL A 40 7.28 0.99 -0.41
CA VAL A 40 7.64 0.19 0.75
C VAL A 40 9.05 0.53 1.23
N SER A 41 9.17 0.78 2.53
CA SER A 41 10.46 1.12 3.12
C SER A 41 10.95 0.00 4.03
N LEU A 42 11.94 -0.74 3.56
CA LEU A 42 12.51 -1.84 4.33
C LEU A 42 13.27 -1.32 5.54
N SER A 43 13.83 -0.12 5.42
CA SER A 43 14.59 0.50 6.51
C SER A 43 13.66 0.91 7.64
N ASN A 44 12.43 1.26 7.30
CA ASN A 44 11.45 1.68 8.29
C ASN A 44 10.49 0.54 8.63
N GLN A 45 10.68 -0.59 7.96
CA GLN A 45 9.83 -1.76 8.19
C GLN A 45 8.36 -1.38 8.11
N GLU A 46 8.02 -0.51 7.16
CA GLU A 46 6.64 -0.07 6.97
C GLU A 46 6.23 -0.15 5.51
N ALA A 47 4.93 -0.01 5.25
CA ALA A 47 4.41 -0.07 3.89
C ALA A 47 3.50 1.11 3.60
N VAL A 48 3.81 1.84 2.54
CA VAL A 48 3.01 3.00 2.14
C VAL A 48 2.20 2.71 0.88
N ILE A 49 0.90 2.99 0.96
CA ILE A 49 0.01 2.76 -0.18
C ILE A 49 -0.70 4.05 -0.59
N THR A 50 -0.42 4.51 -1.81
CA THR A 50 -1.02 5.73 -2.33
C THR A 50 -2.23 5.42 -3.21
N TYR A 51 -3.38 5.95 -2.85
CA TYR A 51 -4.61 5.73 -3.60
C TYR A 51 -5.39 7.03 -3.77
N GLN A 52 -6.48 6.96 -4.52
CA GLN A 52 -7.32 8.12 -4.77
C GLN A 52 -8.75 7.87 -4.33
N PRO A 53 -9.35 8.86 -3.65
CA PRO A 53 -10.72 8.77 -3.16
C PRO A 53 -11.75 8.79 -4.29
N TYR A 54 -11.35 9.34 -5.43
CA TYR A 54 -12.23 9.43 -6.59
C TYR A 54 -12.28 8.10 -7.33
N LEU A 55 -11.33 7.22 -7.04
CA LEU A 55 -11.27 5.92 -7.67
C LEU A 55 -11.67 4.81 -6.70
N ILE A 56 -10.81 4.54 -5.73
CA ILE A 56 -11.07 3.52 -4.73
C ILE A 56 -11.01 4.08 -3.32
N GLN A 57 -11.69 3.43 -2.39
CA GLN A 57 -11.71 3.87 -0.99
C GLN A 57 -10.52 3.30 -0.22
N PRO A 58 -10.28 3.84 0.97
CA PRO A 58 -9.18 3.40 1.83
C PRO A 58 -9.41 2.00 2.41
N GLU A 59 -10.63 1.77 2.89
CA GLU A 59 -10.98 0.47 3.47
C GLU A 59 -10.85 -0.64 2.43
N ASP A 60 -11.21 -0.33 1.19
CA ASP A 60 -11.13 -1.30 0.10
C ASP A 60 -9.68 -1.65 -0.20
N LEU A 61 -8.83 -0.63 -0.26
CA LEU A 61 -7.41 -0.83 -0.55
C LEU A 61 -6.72 -1.56 0.59
N ARG A 62 -7.25 -1.41 1.81
CA ARG A 62 -6.68 -2.05 2.98
C ARG A 62 -6.65 -3.57 2.81
N ASP A 63 -7.73 -4.12 2.26
CA ASP A 63 -7.82 -5.56 2.04
C ASP A 63 -6.81 -6.01 0.98
N HIS A 64 -6.51 -5.12 0.04
CA HIS A 64 -5.56 -5.44 -1.02
C HIS A 64 -4.15 -5.56 -0.46
N VAL A 65 -3.81 -4.71 0.50
CA VAL A 65 -2.49 -4.73 1.12
C VAL A 65 -2.25 -6.03 1.86
N ASN A 66 -3.24 -6.46 2.64
CA ASN A 66 -3.13 -7.70 3.40
C ASN A 66 -3.03 -8.90 2.47
N ASP A 67 -3.62 -8.78 1.28
CA ASP A 67 -3.59 -9.87 0.30
C ASP A 67 -2.16 -10.25 -0.02
N MET A 68 -1.23 -9.34 0.20
CA MET A 68 0.19 -9.59 -0.07
C MET A 68 0.73 -10.66 0.86
N GLY A 69 -0.02 -10.96 1.92
CA GLY A 69 0.41 -11.96 2.88
C GLY A 69 1.33 -11.38 3.95
N PHE A 70 1.41 -10.06 4.00
CA PHE A 70 2.25 -9.38 4.98
C PHE A 70 1.50 -9.17 6.29
N GLU A 71 2.19 -8.61 7.27
CA GLU A 71 1.60 -8.36 8.59
C GLU A 71 1.22 -6.89 8.74
N ALA A 72 1.30 -6.15 7.63
CA ALA A 72 0.97 -4.72 7.65
C ALA A 72 -0.25 -4.45 8.53
N ALA A 73 -0.17 -3.39 9.32
CA ALA A 73 -1.26 -3.01 10.20
C ALA A 73 -1.54 -1.52 10.15
N ILE A 74 -2.82 -1.14 10.18
CA ILE A 74 -3.20 0.26 10.12
C ILE A 74 -2.53 1.06 11.24
N LYS A 75 -1.79 2.09 10.86
CA LYS A 75 -1.10 2.94 11.81
C LYS A 75 -2.08 3.55 12.81
N SER A 76 -2.96 4.41 12.31
CA SER A 76 -3.95 5.06 13.15
C SER A 76 -5.37 4.64 12.76
N ALA A 1 -14.91 19.61 -9.46
CA ALA A 1 -14.50 20.77 -8.68
C ALA A 1 -13.48 20.38 -7.62
N GLY A 2 -12.20 20.54 -7.95
CA GLY A 2 -11.14 20.20 -7.02
C GLY A 2 -9.87 19.77 -7.71
N HIS A 3 -8.83 19.51 -6.93
CA HIS A 3 -7.55 19.09 -7.47
C HIS A 3 -6.74 18.32 -6.43
N MET A 4 -5.92 17.38 -6.91
CA MET A 4 -5.10 16.58 -6.01
C MET A 4 -5.95 15.95 -4.91
N GLN A 5 -6.96 15.18 -5.31
CA GLN A 5 -7.84 14.53 -4.35
C GLN A 5 -7.26 13.20 -3.89
N GLU A 6 -6.29 12.69 -4.64
CA GLU A 6 -5.64 11.43 -4.32
C GLU A 6 -5.13 11.44 -2.88
N ALA A 7 -5.29 10.30 -2.20
CA ALA A 7 -4.85 10.17 -0.82
C ALA A 7 -3.92 8.98 -0.64
N VAL A 8 -2.95 9.11 0.27
CA VAL A 8 -2.00 8.04 0.52
C VAL A 8 -2.04 7.61 1.99
N VAL A 9 -2.00 6.30 2.22
CA VAL A 9 -2.03 5.76 3.57
C VAL A 9 -0.82 4.88 3.84
N LYS A 10 -0.18 5.09 4.99
CA LYS A 10 1.00 4.32 5.37
C LYS A 10 0.67 3.37 6.52
N LEU A 11 1.04 2.11 6.36
CA LEU A 11 0.79 1.10 7.39
C LEU A 11 2.09 0.39 7.77
N ARG A 12 2.20 0.04 9.05
CA ARG A 12 3.38 -0.65 9.55
C ARG A 12 3.35 -2.13 9.17
N VAL A 13 4.37 -2.57 8.43
CA VAL A 13 4.46 -3.97 8.01
C VAL A 13 4.98 -4.85 9.14
N GLU A 14 4.20 -5.84 9.52
CA GLU A 14 4.59 -6.76 10.58
C GLU A 14 5.00 -8.11 10.01
N GLY A 15 4.85 -8.26 8.70
CA GLY A 15 5.22 -9.51 8.04
C GLY A 15 6.51 -9.39 7.26
N MET A 16 7.07 -8.19 7.21
CA MET A 16 8.31 -7.94 6.49
C MET A 16 9.38 -8.95 6.90
N THR A 17 10.20 -9.37 5.93
CA THR A 17 11.26 -10.33 6.20
C THR A 17 12.53 -9.97 5.44
N CYS A 18 13.51 -10.87 5.46
CA CYS A 18 14.76 -10.64 4.77
C CYS A 18 14.75 -11.28 3.38
N GLN A 19 13.55 -11.43 2.82
CA GLN A 19 13.40 -12.02 1.49
C GLN A 19 13.22 -10.93 0.44
N SER A 20 13.44 -9.69 0.82
CA SER A 20 13.30 -8.57 -0.10
C SER A 20 11.95 -8.60 -0.80
N CYS A 21 10.92 -8.98 -0.05
CA CYS A 21 9.56 -9.06 -0.60
C CYS A 21 9.08 -7.69 -1.06
N VAL A 22 9.76 -6.65 -0.60
CA VAL A 22 9.40 -5.27 -0.96
C VAL A 22 9.30 -5.12 -2.48
N SER A 23 10.29 -5.65 -3.20
CA SER A 23 10.32 -5.58 -4.64
C SER A 23 9.16 -6.36 -5.25
N SER A 24 8.85 -7.50 -4.66
CA SER A 24 7.75 -8.35 -5.13
C SER A 24 6.41 -7.68 -4.92
N ILE A 25 6.25 -7.04 -3.76
CA ILE A 25 5.00 -6.36 -3.43
C ILE A 25 4.77 -5.17 -4.35
N GLU A 26 5.85 -4.51 -4.74
CA GLU A 26 5.77 -3.36 -5.62
C GLU A 26 5.09 -3.72 -6.94
N GLY A 27 5.40 -4.91 -7.44
CA GLY A 27 4.82 -5.36 -8.69
C GLY A 27 3.32 -5.54 -8.60
N LYS A 28 2.84 -5.84 -7.40
CA LYS A 28 1.41 -6.04 -7.17
C LYS A 28 0.62 -4.77 -7.50
N VAL A 29 1.19 -3.62 -7.16
CA VAL A 29 0.55 -2.34 -7.42
C VAL A 29 0.18 -2.20 -8.89
N ARG A 30 0.96 -2.85 -9.75
CA ARG A 30 0.72 -2.80 -11.19
C ARG A 30 -0.62 -3.46 -11.54
N LYS A 31 -1.08 -4.34 -10.67
CA LYS A 31 -2.33 -5.04 -10.88
C LYS A 31 -3.50 -4.28 -10.26
N LEU A 32 -3.18 -3.34 -9.39
CA LEU A 32 -4.20 -2.54 -8.71
C LEU A 32 -4.76 -1.48 -9.65
N GLN A 33 -6.09 -1.33 -9.62
CA GLN A 33 -6.75 -0.34 -10.47
C GLN A 33 -6.75 1.04 -9.82
N GLY A 34 -7.60 1.23 -8.83
CA GLY A 34 -7.67 2.50 -8.15
C GLY A 34 -6.31 2.99 -7.67
N VAL A 35 -5.64 2.17 -6.86
CA VAL A 35 -4.33 2.51 -6.34
C VAL A 35 -3.44 3.08 -7.43
N VAL A 36 -2.69 4.12 -7.10
CA VAL A 36 -1.79 4.76 -8.06
C VAL A 36 -0.39 4.15 -7.98
N ARG A 37 0.13 4.02 -6.76
CA ARG A 37 1.46 3.45 -6.56
C ARG A 37 1.69 3.14 -5.08
N VAL A 38 2.62 2.22 -4.82
CA VAL A 38 2.94 1.83 -3.46
C VAL A 38 4.44 1.95 -3.18
N LYS A 39 4.78 2.69 -2.13
CA LYS A 39 6.17 2.89 -1.76
C LYS A 39 6.47 2.26 -0.40
N VAL A 40 7.42 1.34 -0.37
CA VAL A 40 7.81 0.66 0.85
C VAL A 40 9.22 1.05 1.28
N SER A 41 9.39 1.36 2.56
CA SER A 41 10.69 1.74 3.09
C SER A 41 11.22 0.68 4.04
N LEU A 42 12.21 -0.09 3.57
CA LEU A 42 12.80 -1.15 4.37
C LEU A 42 13.58 -0.56 5.54
N SER A 43 13.97 0.71 5.42
CA SER A 43 14.72 1.38 6.47
C SER A 43 13.81 1.71 7.66
N ASN A 44 12.56 2.01 7.37
CA ASN A 44 11.59 2.35 8.41
C ASN A 44 10.65 1.17 8.68
N GLN A 45 10.86 0.07 7.97
CA GLN A 45 10.05 -1.11 8.13
C GLN A 45 8.56 -0.78 8.03
N GLU A 46 8.22 0.09 7.07
CA GLU A 46 6.84 0.49 6.86
C GLU A 46 6.47 0.40 5.39
N ALA A 47 5.16 0.43 5.11
CA ALA A 47 4.67 0.33 3.74
C ALA A 47 3.65 1.44 3.46
N VAL A 48 3.90 2.20 2.39
CA VAL A 48 3.01 3.28 2.01
C VAL A 48 2.22 2.93 0.74
N ILE A 49 0.91 3.11 0.81
CA ILE A 49 0.05 2.81 -0.33
C ILE A 49 -0.69 4.06 -0.80
N THR A 50 -0.40 4.47 -2.03
CA THR A 50 -1.03 5.65 -2.60
C THR A 50 -2.20 5.27 -3.50
N TYR A 51 -3.39 5.78 -3.17
CA TYR A 51 -4.59 5.49 -3.95
C TYR A 51 -5.42 6.75 -4.16
N GLN A 52 -6.50 6.61 -4.92
CA GLN A 52 -7.38 7.74 -5.22
C GLN A 52 -8.80 7.45 -4.77
N PRO A 53 -9.44 8.43 -4.11
CA PRO A 53 -10.82 8.30 -3.62
C PRO A 53 -11.83 8.27 -4.76
N TYR A 54 -11.43 8.79 -5.92
CA TYR A 54 -12.31 8.83 -7.08
C TYR A 54 -12.35 7.47 -7.77
N LEU A 55 -11.40 6.61 -7.44
CA LEU A 55 -11.33 5.28 -8.03
C LEU A 55 -11.69 4.21 -7.01
N ILE A 56 -10.77 3.94 -6.09
CA ILE A 56 -10.99 2.93 -5.06
C ILE A 56 -10.95 3.56 -3.67
N GLN A 57 -11.62 2.92 -2.71
CA GLN A 57 -11.66 3.42 -1.34
C GLN A 57 -10.47 2.91 -0.54
N PRO A 58 -10.26 3.51 0.64
CA PRO A 58 -9.15 3.13 1.53
C PRO A 58 -9.34 1.75 2.14
N GLU A 59 -10.56 1.50 2.64
CA GLU A 59 -10.87 0.22 3.26
C GLU A 59 -10.73 -0.93 2.26
N ASP A 60 -11.07 -0.65 1.01
CA ASP A 60 -10.98 -1.65 -0.04
C ASP A 60 -9.53 -2.01 -0.34
N LEU A 61 -8.67 -0.98 -0.38
CA LEU A 61 -7.26 -1.20 -0.65
C LEU A 61 -6.59 -1.95 0.49
N ARG A 62 -7.16 -1.83 1.69
CA ARG A 62 -6.61 -2.50 2.86
C ARG A 62 -6.70 -4.01 2.70
N ASP A 63 -7.81 -4.49 2.17
CA ASP A 63 -8.01 -5.92 1.97
C ASP A 63 -7.02 -6.47 0.95
N HIS A 64 -6.74 -5.68 -0.08
CA HIS A 64 -5.80 -6.09 -1.12
C HIS A 64 -4.40 -6.30 -0.55
N VAL A 65 -4.02 -5.44 0.39
CA VAL A 65 -2.71 -5.54 1.03
C VAL A 65 -2.53 -6.89 1.72
N ASN A 66 -3.56 -7.32 2.44
CA ASN A 66 -3.52 -8.59 3.16
C ASN A 66 -3.37 -9.75 2.18
N ASP A 67 -3.79 -9.53 0.94
CA ASP A 67 -3.70 -10.57 -0.08
C ASP A 67 -2.26 -10.98 -0.32
N MET A 68 -1.33 -10.09 0.02
CA MET A 68 0.10 -10.37 -0.15
C MET A 68 0.58 -11.39 0.88
N GLY A 69 -0.24 -11.63 1.90
CA GLY A 69 0.12 -12.58 2.93
C GLY A 69 0.74 -11.92 4.15
N PHE A 70 1.19 -10.68 3.97
CA PHE A 70 1.79 -9.92 5.06
C PHE A 70 0.73 -9.21 5.90
N GLU A 71 1.13 -8.73 7.07
CA GLU A 71 0.22 -8.03 7.95
C GLU A 71 0.57 -6.55 8.03
N ALA A 72 -0.42 -5.70 7.75
CA ALA A 72 -0.22 -4.25 7.79
C ALA A 72 -1.15 -3.60 8.80
N ALA A 73 -0.65 -2.60 9.52
CA ALA A 73 -1.44 -1.89 10.51
C ALA A 73 -1.43 -0.38 10.25
N ILE A 74 -2.57 0.26 10.44
CA ILE A 74 -2.67 1.71 10.24
C ILE A 74 -1.80 2.47 11.23
N LYS A 75 -0.91 3.30 10.71
CA LYS A 75 -0.01 4.09 11.53
C LYS A 75 -0.80 4.87 12.59
N SER A 76 -2.00 5.30 12.22
CA SER A 76 -2.85 6.06 13.13
C SER A 76 -3.86 5.15 13.81
N ALA A 1 -3.68 14.55 -13.60
CA ALA A 1 -3.04 15.68 -12.94
C ALA A 1 -3.45 15.78 -11.48
N GLY A 2 -3.73 14.63 -10.86
CA GLY A 2 -4.14 14.61 -9.48
C GLY A 2 -2.96 14.66 -8.52
N HIS A 3 -2.72 15.85 -7.97
CA HIS A 3 -1.61 16.03 -7.03
C HIS A 3 -2.08 15.83 -5.59
N MET A 4 -3.19 16.47 -5.25
CA MET A 4 -3.75 16.38 -3.90
C MET A 4 -5.15 15.81 -3.94
N GLN A 5 -5.48 15.10 -5.01
CA GLN A 5 -6.80 14.51 -5.17
C GLN A 5 -6.80 13.05 -4.72
N GLU A 6 -5.61 12.47 -4.62
CA GLU A 6 -5.47 11.08 -4.19
C GLU A 6 -5.02 10.99 -2.74
N ALA A 7 -5.56 10.03 -2.01
CA ALA A 7 -5.21 9.84 -0.61
C ALA A 7 -4.32 8.60 -0.43
N VAL A 8 -3.37 8.71 0.49
CA VAL A 8 -2.45 7.60 0.76
C VAL A 8 -2.52 7.18 2.22
N VAL A 9 -2.41 5.88 2.46
CA VAL A 9 -2.46 5.34 3.82
C VAL A 9 -1.22 4.52 4.13
N LYS A 10 -0.64 4.75 5.31
CA LYS A 10 0.55 4.03 5.73
C LYS A 10 0.23 3.04 6.85
N LEU A 11 0.73 1.83 6.73
CA LEU A 11 0.50 0.80 7.72
C LEU A 11 1.83 0.22 8.23
N ARG A 12 1.78 -0.42 9.39
CA ARG A 12 2.97 -1.02 9.98
C ARG A 12 3.10 -2.49 9.60
N VAL A 13 4.19 -2.82 8.93
CA VAL A 13 4.45 -4.20 8.50
C VAL A 13 5.34 -4.93 9.50
N GLU A 14 4.86 -6.08 9.97
CA GLU A 14 5.62 -6.88 10.92
C GLU A 14 6.22 -8.11 10.25
N GLY A 15 5.91 -8.29 8.97
CA GLY A 15 6.42 -9.43 8.22
C GLY A 15 7.69 -9.10 7.47
N MET A 16 7.88 -7.81 7.17
CA MET A 16 9.06 -7.37 6.44
C MET A 16 10.33 -7.94 7.06
N THR A 17 11.29 -8.30 6.22
CA THR A 17 12.55 -8.86 6.68
C THR A 17 13.74 -8.30 5.89
N CYS A 18 13.88 -8.76 4.64
CA CYS A 18 14.95 -8.31 3.78
C CYS A 18 14.41 -7.59 2.56
N GLN A 19 15.29 -6.89 1.85
CA GLN A 19 14.89 -6.16 0.65
C GLN A 19 14.51 -7.11 -0.48
N SER A 20 13.21 -7.31 -0.66
CA SER A 20 12.73 -8.21 -1.71
C SER A 20 11.20 -8.29 -1.68
N CYS A 21 10.63 -8.26 -0.48
CA CYS A 21 9.18 -8.32 -0.32
C CYS A 21 8.51 -7.13 -0.98
N VAL A 22 9.08 -5.95 -0.76
CA VAL A 22 8.52 -4.72 -1.33
C VAL A 22 8.49 -4.78 -2.85
N SER A 23 9.59 -5.25 -3.44
CA SER A 23 9.68 -5.37 -4.89
C SER A 23 8.51 -6.16 -5.45
N SER A 24 8.10 -7.19 -4.72
CA SER A 24 6.99 -8.04 -5.16
C SER A 24 5.67 -7.28 -5.09
N ILE A 25 5.50 -6.50 -4.02
CA ILE A 25 4.28 -5.72 -3.84
C ILE A 25 4.16 -4.64 -4.91
N GLU A 26 5.27 -4.32 -5.56
CA GLU A 26 5.28 -3.31 -6.61
C GLU A 26 4.39 -3.73 -7.78
N GLY A 27 4.42 -5.02 -8.10
CA GLY A 27 3.61 -5.53 -9.19
C GLY A 27 2.12 -5.38 -8.94
N LYS A 28 1.73 -5.51 -7.68
CA LYS A 28 0.33 -5.40 -7.29
C LYS A 28 -0.28 -4.11 -7.83
N VAL A 29 0.48 -3.03 -7.75
CA VAL A 29 0.02 -1.73 -8.23
C VAL A 29 -0.49 -1.83 -9.67
N ARG A 30 0.26 -2.53 -10.51
CA ARG A 30 -0.11 -2.70 -11.91
C ARG A 30 -1.41 -3.48 -12.03
N LYS A 31 -1.70 -4.30 -11.03
CA LYS A 31 -2.92 -5.11 -11.02
C LYS A 31 -4.04 -4.39 -10.29
N LEU A 32 -3.69 -3.36 -9.54
CA LEU A 32 -4.67 -2.58 -8.79
C LEU A 32 -5.43 -1.61 -9.71
N GLN A 33 -6.74 -1.53 -9.53
CA GLN A 33 -7.57 -0.65 -10.34
C GLN A 33 -7.60 0.75 -9.75
N GLY A 34 -7.98 0.85 -8.48
CA GLY A 34 -8.05 2.14 -7.83
C GLY A 34 -6.68 2.65 -7.39
N VAL A 35 -5.98 1.84 -6.60
CA VAL A 35 -4.67 2.21 -6.12
C VAL A 35 -3.83 2.86 -7.22
N VAL A 36 -3.08 3.89 -6.86
CA VAL A 36 -2.24 4.60 -7.83
C VAL A 36 -0.84 3.98 -7.88
N ARG A 37 -0.24 3.80 -6.71
CA ARG A 37 1.09 3.21 -6.62
C ARG A 37 1.44 2.85 -5.18
N VAL A 38 2.59 2.21 -5.00
CA VAL A 38 3.04 1.80 -3.67
C VAL A 38 4.37 2.44 -3.32
N LYS A 39 4.43 3.06 -2.14
CA LYS A 39 5.65 3.71 -1.68
C LYS A 39 6.25 2.97 -0.49
N VAL A 40 5.85 1.72 -0.32
CA VAL A 40 6.35 0.90 0.78
C VAL A 40 7.86 1.06 0.95
N SER A 41 8.29 1.38 2.17
CA SER A 41 9.70 1.57 2.45
C SER A 41 10.22 0.45 3.36
N LEU A 42 11.04 -0.43 2.79
CA LEU A 42 11.61 -1.54 3.55
C LEU A 42 12.62 -1.04 4.58
N SER A 43 13.27 0.07 4.27
CA SER A 43 14.25 0.65 5.18
C SER A 43 13.59 1.20 6.43
N ASN A 44 12.33 1.64 6.29
CA ASN A 44 11.58 2.19 7.40
C ASN A 44 10.63 1.15 7.98
N GLN A 45 10.67 -0.06 7.42
CA GLN A 45 9.81 -1.14 7.88
C GLN A 45 8.35 -0.70 7.90
N GLU A 46 7.95 0.06 6.89
CA GLU A 46 6.57 0.54 6.80
C GLU A 46 6.02 0.33 5.40
N ALA A 47 4.69 0.25 5.30
CA ALA A 47 4.03 0.03 4.02
C ALA A 47 3.13 1.22 3.67
N VAL A 48 3.37 1.80 2.50
CA VAL A 48 2.59 2.94 2.04
C VAL A 48 1.69 2.56 0.86
N ILE A 49 0.39 2.81 1.00
CA ILE A 49 -0.56 2.50 -0.05
C ILE A 49 -1.26 3.76 -0.56
N THR A 50 -0.99 4.11 -1.82
CA THR A 50 -1.59 5.29 -2.43
C THR A 50 -2.80 4.91 -3.28
N TYR A 51 -3.95 5.49 -2.96
CA TYR A 51 -5.18 5.21 -3.69
C TYR A 51 -5.96 6.50 -3.94
N GLN A 52 -7.00 6.39 -4.76
CA GLN A 52 -7.84 7.55 -5.07
C GLN A 52 -9.30 7.29 -4.71
N PRO A 53 -9.95 8.29 -4.10
CA PRO A 53 -11.35 8.19 -3.69
C PRO A 53 -12.31 8.15 -4.89
N TYR A 54 -11.81 8.59 -6.05
CA TYR A 54 -12.62 8.61 -7.26
C TYR A 54 -12.67 7.23 -7.91
N LEU A 55 -11.77 6.35 -7.48
CA LEU A 55 -11.72 4.99 -8.00
C LEU A 55 -12.11 3.97 -6.95
N ILE A 56 -11.24 3.78 -5.95
CA ILE A 56 -11.50 2.85 -4.87
C ILE A 56 -11.52 3.55 -3.52
N GLN A 57 -12.20 2.94 -2.56
CA GLN A 57 -12.29 3.51 -1.21
C GLN A 57 -11.15 3.03 -0.33
N PRO A 58 -10.97 3.68 0.83
CA PRO A 58 -9.91 3.33 1.78
C PRO A 58 -10.15 1.99 2.45
N GLU A 59 -11.38 1.77 2.92
CA GLU A 59 -11.75 0.52 3.58
C GLU A 59 -11.57 -0.66 2.63
N ASP A 60 -11.85 -0.45 1.35
CA ASP A 60 -11.73 -1.49 0.35
C ASP A 60 -10.28 -1.87 0.12
N LEU A 61 -9.41 -0.85 0.07
CA LEU A 61 -7.98 -1.07 -0.14
C LEU A 61 -7.36 -1.79 1.06
N ARG A 62 -8.01 -1.67 2.22
CA ARG A 62 -7.51 -2.31 3.43
C ARG A 62 -7.35 -3.81 3.21
N ASP A 63 -8.31 -4.43 2.55
CA ASP A 63 -8.27 -5.86 2.29
C ASP A 63 -7.14 -6.20 1.34
N HIS A 64 -6.91 -5.34 0.35
CA HIS A 64 -5.84 -5.54 -0.62
C HIS A 64 -4.49 -5.69 0.07
N VAL A 65 -4.27 -4.88 1.10
CA VAL A 65 -3.02 -4.93 1.84
C VAL A 65 -2.74 -6.33 2.39
N ASN A 66 -3.77 -6.93 2.98
CA ASN A 66 -3.63 -8.27 3.54
C ASN A 66 -3.41 -9.30 2.44
N ASP A 67 -4.04 -9.08 1.29
CA ASP A 67 -3.91 -9.98 0.16
C ASP A 67 -2.46 -10.08 -0.29
N MET A 68 -1.68 -9.06 0.03
CA MET A 68 -0.27 -9.03 -0.36
C MET A 68 0.51 -10.14 0.35
N GLY A 69 -0.12 -10.75 1.35
CA GLY A 69 0.53 -11.82 2.08
C GLY A 69 1.40 -11.31 3.21
N PHE A 70 1.08 -10.12 3.71
CA PHE A 70 1.84 -9.52 4.80
C PHE A 70 0.98 -9.36 6.05
N GLU A 71 1.56 -8.80 7.10
CA GLU A 71 0.85 -8.59 8.36
C GLU A 71 0.53 -7.11 8.55
N ALA A 72 0.77 -6.32 7.52
CA ALA A 72 0.51 -4.89 7.59
C ALA A 72 -0.83 -4.60 8.25
N ALA A 73 -0.86 -3.60 9.13
CA ALA A 73 -2.08 -3.23 9.83
C ALA A 73 -2.23 -1.72 9.92
N ILE A 74 -3.47 -1.25 9.90
CA ILE A 74 -3.74 0.18 9.97
C ILE A 74 -3.05 0.82 11.17
N LYS A 75 -2.22 1.81 10.90
CA LYS A 75 -1.49 2.50 11.97
C LYS A 75 -2.45 3.24 12.89
N SER A 76 -3.31 4.08 12.32
CA SER A 76 -4.27 4.84 13.10
C SER A 76 -5.66 4.20 13.02
N ALA A 1 -11.67 20.20 -0.68
CA ALA A 1 -11.18 19.81 -1.99
C ALA A 1 -9.80 20.39 -2.25
N GLY A 2 -9.21 20.03 -3.39
CA GLY A 2 -7.89 20.52 -3.74
C GLY A 2 -7.37 19.92 -5.02
N HIS A 3 -6.19 20.38 -5.45
CA HIS A 3 -5.58 19.87 -6.68
C HIS A 3 -5.44 18.35 -6.64
N MET A 4 -4.55 17.87 -5.77
CA MET A 4 -4.32 16.44 -5.63
C MET A 4 -5.47 15.77 -4.89
N GLN A 5 -6.28 15.02 -5.62
CA GLN A 5 -7.43 14.32 -5.01
C GLN A 5 -7.02 12.94 -4.52
N GLU A 6 -5.88 12.45 -5.01
CA GLU A 6 -5.38 11.14 -4.61
C GLU A 6 -4.93 11.14 -3.15
N ALA A 7 -5.23 10.06 -2.44
CA ALA A 7 -4.85 9.94 -1.04
C ALA A 7 -4.09 8.65 -0.79
N VAL A 8 -3.03 8.74 0.01
CA VAL A 8 -2.21 7.57 0.32
C VAL A 8 -2.08 7.39 1.83
N VAL A 9 -2.10 6.14 2.28
CA VAL A 9 -1.98 5.84 3.70
C VAL A 9 -0.83 4.88 3.96
N LYS A 10 -0.15 5.05 5.09
CA LYS A 10 0.97 4.20 5.46
C LYS A 10 0.61 3.28 6.62
N LEU A 11 0.90 1.99 6.47
CA LEU A 11 0.59 1.02 7.51
C LEU A 11 1.85 0.25 7.92
N ARG A 12 1.98 -0.03 9.21
CA ARG A 12 3.13 -0.76 9.73
C ARG A 12 3.07 -2.23 9.31
N VAL A 13 4.19 -2.74 8.82
CA VAL A 13 4.26 -4.14 8.40
C VAL A 13 4.80 -5.03 9.50
N GLU A 14 4.12 -6.14 9.76
CA GLU A 14 4.53 -7.07 10.79
C GLU A 14 5.18 -8.31 10.18
N GLY A 15 5.21 -8.37 8.86
CA GLY A 15 5.82 -9.50 8.17
C GLY A 15 7.08 -9.13 7.44
N MET A 16 7.35 -7.83 7.34
CA MET A 16 8.53 -7.34 6.65
C MET A 16 9.79 -8.04 7.17
N THR A 17 10.72 -8.32 6.25
CA THR A 17 11.96 -8.98 6.61
C THR A 17 13.13 -8.47 5.77
N CYS A 18 14.31 -9.00 6.03
CA CYS A 18 15.51 -8.59 5.30
C CYS A 18 15.28 -8.66 3.79
N GLN A 19 14.46 -9.62 3.37
CA GLN A 19 14.16 -9.80 1.96
C GLN A 19 13.65 -8.49 1.35
N SER A 20 13.50 -8.48 0.02
CA SER A 20 13.03 -7.30 -0.69
C SER A 20 11.61 -7.51 -1.21
N CYS A 21 10.68 -7.74 -0.29
CA CYS A 21 9.28 -7.95 -0.67
C CYS A 21 8.71 -6.72 -1.35
N VAL A 22 9.38 -5.58 -1.18
CA VAL A 22 8.94 -4.34 -1.80
C VAL A 22 8.68 -4.51 -3.29
N SER A 23 9.59 -5.19 -3.97
CA SER A 23 9.46 -5.43 -5.40
C SER A 23 8.22 -6.26 -5.70
N SER A 24 7.92 -7.21 -4.82
CA SER A 24 6.76 -8.07 -5.00
C SER A 24 5.46 -7.28 -4.84
N ILE A 25 5.43 -6.40 -3.85
CA ILE A 25 4.26 -5.58 -3.60
C ILE A 25 4.01 -4.61 -4.75
N GLU A 26 5.09 -4.06 -5.30
CA GLU A 26 4.98 -3.12 -6.41
C GLU A 26 4.29 -3.76 -7.61
N GLY A 27 4.59 -5.04 -7.84
CA GLY A 27 3.99 -5.75 -8.95
C GLY A 27 2.48 -5.86 -8.82
N LYS A 28 2.00 -5.96 -7.59
CA LYS A 28 0.57 -6.08 -7.33
C LYS A 28 -0.17 -4.85 -7.83
N VAL A 29 0.38 -3.68 -7.54
CA VAL A 29 -0.24 -2.42 -7.96
C VAL A 29 -0.52 -2.41 -9.46
N ARG A 30 0.43 -2.95 -10.23
CA ARG A 30 0.29 -3.01 -11.68
C ARG A 30 -1.03 -3.68 -12.08
N LYS A 31 -1.53 -4.54 -11.19
CA LYS A 31 -2.78 -5.24 -11.45
C LYS A 31 -3.96 -4.50 -10.83
N LEU A 32 -3.66 -3.62 -9.87
CA LEU A 32 -4.69 -2.84 -9.19
C LEU A 32 -5.15 -1.68 -10.06
N GLN A 33 -6.46 -1.44 -10.06
CA GLN A 33 -7.03 -0.34 -10.86
C GLN A 33 -6.95 0.98 -10.10
N GLY A 34 -7.76 1.11 -9.05
CA GLY A 34 -7.76 2.33 -8.26
C GLY A 34 -6.36 2.71 -7.80
N VAL A 35 -5.72 1.83 -7.04
CA VAL A 35 -4.38 2.08 -6.54
C VAL A 35 -3.48 2.63 -7.63
N VAL A 36 -2.70 3.65 -7.30
CA VAL A 36 -1.78 4.27 -8.26
C VAL A 36 -0.39 3.66 -8.14
N ARG A 37 0.11 3.57 -6.91
CA ARG A 37 1.42 3.01 -6.66
C ARG A 37 1.61 2.68 -5.18
N VAL A 38 2.56 1.80 -4.88
CA VAL A 38 2.83 1.41 -3.50
C VAL A 38 4.31 1.59 -3.17
N LYS A 39 4.58 2.33 -2.10
CA LYS A 39 5.96 2.57 -1.67
C LYS A 39 6.22 1.93 -0.31
N VAL A 40 7.22 1.07 -0.24
CA VAL A 40 7.58 0.40 1.00
C VAL A 40 8.95 0.86 1.50
N SER A 41 9.03 1.15 2.79
CA SER A 41 10.27 1.61 3.39
C SER A 41 10.83 0.56 4.35
N LEU A 42 11.89 -0.13 3.93
CA LEU A 42 12.51 -1.16 4.74
C LEU A 42 13.19 -0.54 5.97
N SER A 43 13.66 0.69 5.82
CA SER A 43 14.32 1.40 6.92
C SER A 43 13.33 1.76 8.02
N ASN A 44 12.08 2.01 7.61
CA ASN A 44 11.04 2.38 8.56
C ASN A 44 10.16 1.17 8.90
N GLN A 45 10.46 0.04 8.28
CA GLN A 45 9.69 -1.18 8.50
C GLN A 45 8.20 -0.92 8.35
N GLU A 46 7.84 -0.12 7.36
CA GLU A 46 6.44 0.22 7.11
C GLU A 46 6.09 0.04 5.63
N ALA A 47 4.80 0.06 5.33
CA ALA A 47 4.35 -0.08 3.95
C ALA A 47 3.34 1.01 3.59
N VAL A 48 3.64 1.74 2.52
CA VAL A 48 2.76 2.81 2.06
C VAL A 48 2.07 2.44 0.76
N ILE A 49 0.75 2.63 0.72
CA ILE A 49 -0.03 2.31 -0.47
C ILE A 49 -0.80 3.54 -0.96
N THR A 50 -0.42 4.04 -2.13
CA THR A 50 -1.08 5.20 -2.71
C THR A 50 -2.27 4.79 -3.57
N TYR A 51 -3.44 5.34 -3.25
CA TYR A 51 -4.66 5.04 -3.98
C TYR A 51 -5.48 6.30 -4.25
N GLN A 52 -6.46 6.18 -5.12
CA GLN A 52 -7.32 7.32 -5.47
C GLN A 52 -8.75 7.09 -4.99
N PRO A 53 -9.34 8.14 -4.40
CA PRO A 53 -10.72 8.08 -3.88
C PRO A 53 -11.75 8.00 -5.00
N TYR A 54 -11.52 8.74 -6.07
CA TYR A 54 -12.44 8.75 -7.21
C TYR A 54 -12.47 7.38 -7.88
N LEU A 55 -11.50 6.55 -7.56
CA LEU A 55 -11.43 5.20 -8.13
C LEU A 55 -11.81 4.14 -7.10
N ILE A 56 -10.91 3.91 -6.15
CA ILE A 56 -11.14 2.93 -5.10
C ILE A 56 -11.12 3.58 -3.72
N GLN A 57 -11.83 2.97 -2.77
CA GLN A 57 -11.88 3.49 -1.41
C GLN A 57 -10.74 2.94 -0.57
N PRO A 58 -10.52 3.54 0.62
CA PRO A 58 -9.47 3.11 1.53
C PRO A 58 -9.75 1.75 2.16
N GLU A 59 -10.99 1.57 2.62
CA GLU A 59 -11.39 0.31 3.24
C GLU A 59 -11.27 -0.85 2.26
N ASP A 60 -11.52 -0.56 0.99
CA ASP A 60 -11.45 -1.57 -0.06
C ASP A 60 -10.01 -2.02 -0.28
N LEU A 61 -9.09 -1.07 -0.28
CA LEU A 61 -7.67 -1.35 -0.48
C LEU A 61 -7.12 -2.17 0.68
N ARG A 62 -7.76 -2.06 1.83
CA ARG A 62 -7.33 -2.79 3.02
C ARG A 62 -7.19 -4.28 2.73
N ASP A 63 -8.16 -4.82 1.99
CA ASP A 63 -8.15 -6.23 1.64
C ASP A 63 -6.96 -6.56 0.73
N HIS A 64 -6.67 -5.65 -0.18
CA HIS A 64 -5.56 -5.84 -1.12
C HIS A 64 -4.24 -6.03 -0.37
N VAL A 65 -4.08 -5.29 0.72
CA VAL A 65 -2.86 -5.38 1.52
C VAL A 65 -2.64 -6.81 2.03
N ASN A 66 -3.72 -7.45 2.46
CA ASN A 66 -3.64 -8.82 2.96
C ASN A 66 -3.20 -9.77 1.87
N ASP A 67 -3.53 -9.43 0.63
CA ASP A 67 -3.16 -10.26 -0.52
C ASP A 67 -1.65 -10.38 -0.65
N MET A 68 -0.92 -9.42 -0.07
CA MET A 68 0.53 -9.42 -0.12
C MET A 68 1.10 -10.55 0.74
N GLY A 69 0.25 -11.14 1.57
CA GLY A 69 0.69 -12.22 2.43
C GLY A 69 1.21 -11.73 3.77
N PHE A 70 1.35 -10.41 3.90
CA PHE A 70 1.83 -9.82 5.14
C PHE A 70 0.71 -9.07 5.85
N GLU A 71 0.92 -8.81 7.14
CA GLU A 71 -0.07 -8.11 7.95
C GLU A 71 0.29 -6.63 8.10
N ALA A 72 -0.64 -5.76 7.74
CA ALA A 72 -0.41 -4.32 7.83
C ALA A 72 -1.43 -3.66 8.77
N ALA A 73 -0.95 -2.70 9.55
CA ALA A 73 -1.81 -1.99 10.50
C ALA A 73 -1.70 -0.49 10.31
N ILE A 74 -2.84 0.21 10.43
CA ILE A 74 -2.87 1.65 10.28
C ILE A 74 -1.99 2.34 11.32
N LYS A 75 -1.05 3.15 10.85
CA LYS A 75 -0.15 3.87 11.74
C LYS A 75 -0.93 4.76 12.71
N SER A 76 -2.05 5.30 12.24
CA SER A 76 -2.88 6.17 13.06
C SER A 76 -4.06 5.39 13.65
N ALA A 1 -8.63 18.90 -13.64
CA ALA A 1 -8.83 19.24 -12.24
C ALA A 1 -8.49 18.07 -11.33
N GLY A 2 -7.54 18.27 -10.43
CA GLY A 2 -7.14 17.22 -9.51
C GLY A 2 -5.63 17.06 -9.44
N HIS A 3 -5.04 17.58 -8.37
CA HIS A 3 -3.59 17.48 -8.19
C HIS A 3 -3.26 16.79 -6.87
N MET A 4 -4.03 17.09 -5.82
CA MET A 4 -3.80 16.49 -4.52
C MET A 4 -5.08 15.83 -4.01
N GLN A 5 -5.74 15.08 -4.88
CA GLN A 5 -6.98 14.39 -4.52
C GLN A 5 -6.68 12.96 -4.08
N GLU A 6 -5.49 12.46 -4.41
CA GLU A 6 -5.09 11.12 -4.05
C GLU A 6 -4.68 11.04 -2.59
N ALA A 7 -5.06 9.96 -1.92
CA ALA A 7 -4.72 9.76 -0.51
C ALA A 7 -3.85 8.53 -0.32
N VAL A 8 -2.90 8.62 0.60
CA VAL A 8 -2.00 7.51 0.88
C VAL A 8 -2.06 7.11 2.35
N VAL A 9 -2.00 5.81 2.61
CA VAL A 9 -2.05 5.30 3.97
C VAL A 9 -0.82 4.44 4.29
N LYS A 10 -0.22 4.70 5.44
CA LYS A 10 0.97 3.96 5.86
C LYS A 10 0.64 3.02 7.03
N LEU A 11 1.03 1.77 6.90
CA LEU A 11 0.78 0.77 7.94
C LEU A 11 2.08 0.08 8.36
N ARG A 12 2.04 -0.61 9.49
CA ARG A 12 3.21 -1.32 10.00
C ARG A 12 3.17 -2.79 9.59
N VAL A 13 4.18 -3.23 8.87
CA VAL A 13 4.27 -4.62 8.42
C VAL A 13 4.83 -5.51 9.52
N GLU A 14 4.22 -6.68 9.69
CA GLU A 14 4.67 -7.62 10.72
C GLU A 14 5.42 -8.79 10.09
N GLY A 15 5.20 -9.00 8.78
CA GLY A 15 5.85 -10.09 8.08
C GLY A 15 7.22 -9.69 7.56
N MET A 16 7.26 -8.66 6.73
CA MET A 16 8.51 -8.18 6.15
C MET A 16 9.56 -7.98 7.24
N THR A 17 10.81 -8.24 6.90
CA THR A 17 11.92 -8.09 7.85
C THR A 17 13.13 -7.46 7.18
N CYS A 18 13.82 -8.25 6.36
CA CYS A 18 15.02 -7.77 5.67
C CYS A 18 14.88 -7.98 4.16
N GLN A 19 14.25 -9.09 3.78
CA GLN A 19 14.07 -9.40 2.37
C GLN A 19 13.43 -8.23 1.63
N SER A 20 13.80 -8.07 0.36
CA SER A 20 13.27 -6.98 -0.45
C SER A 20 11.99 -7.41 -1.17
N CYS A 21 11.08 -8.00 -0.42
CA CYS A 21 9.80 -8.46 -0.98
C CYS A 21 9.00 -7.29 -1.54
N VAL A 22 9.36 -6.08 -1.12
CA VAL A 22 8.67 -4.87 -1.57
C VAL A 22 8.58 -4.84 -3.09
N SER A 23 9.67 -5.16 -3.76
CA SER A 23 9.71 -5.17 -5.22
C SER A 23 8.55 -5.98 -5.79
N SER A 24 8.24 -7.09 -5.13
CA SER A 24 7.16 -7.96 -5.57
C SER A 24 5.80 -7.27 -5.40
N ILE A 25 5.64 -6.57 -4.29
CA ILE A 25 4.40 -5.86 -4.01
C ILE A 25 4.15 -4.75 -5.02
N GLU A 26 5.22 -4.28 -5.65
CA GLU A 26 5.12 -3.21 -6.64
C GLU A 26 4.27 -3.67 -7.83
N GLY A 27 4.43 -4.92 -8.22
CA GLY A 27 3.68 -5.46 -9.34
C GLY A 27 2.19 -5.49 -9.07
N LYS A 28 1.82 -5.49 -7.80
CA LYS A 28 0.41 -5.52 -7.42
C LYS A 28 -0.33 -4.28 -7.92
N VAL A 29 0.30 -3.12 -7.75
CA VAL A 29 -0.30 -1.86 -8.19
C VAL A 29 -0.69 -1.94 -9.67
N ARG A 30 0.21 -2.47 -10.49
CA ARG A 30 -0.04 -2.59 -11.92
C ARG A 30 -1.34 -3.35 -12.17
N LYS A 31 -1.71 -4.21 -11.24
CA LYS A 31 -2.92 -5.00 -11.36
C LYS A 31 -4.10 -4.33 -10.65
N LEU A 32 -3.77 -3.39 -9.76
CA LEU A 32 -4.79 -2.66 -9.02
C LEU A 32 -5.42 -1.57 -9.88
N GLN A 33 -6.74 -1.45 -9.80
CA GLN A 33 -7.47 -0.45 -10.57
C GLN A 33 -7.50 0.89 -9.83
N GLY A 34 -7.64 0.82 -8.51
CA GLY A 34 -7.69 2.04 -7.71
C GLY A 34 -6.31 2.50 -7.28
N VAL A 35 -5.62 1.66 -6.50
CA VAL A 35 -4.29 1.99 -6.02
C VAL A 35 -3.45 2.65 -7.12
N VAL A 36 -2.68 3.66 -6.74
CA VAL A 36 -1.83 4.37 -7.68
C VAL A 36 -0.44 3.76 -7.73
N ARG A 37 0.15 3.58 -6.55
CA ARG A 37 1.49 3.01 -6.45
C ARG A 37 1.82 2.64 -5.01
N VAL A 38 2.93 1.94 -4.82
CA VAL A 38 3.35 1.52 -3.49
C VAL A 38 4.73 2.10 -3.14
N LYS A 39 4.82 2.70 -1.96
CA LYS A 39 6.06 3.30 -1.51
C LYS A 39 6.63 2.54 -0.31
N VAL A 40 6.15 1.31 -0.13
CA VAL A 40 6.62 0.46 0.98
C VAL A 40 8.13 0.51 1.11
N SER A 41 8.61 0.83 2.30
CA SER A 41 10.05 0.91 2.56
C SER A 41 10.49 -0.20 3.50
N LEU A 42 11.18 -1.19 2.95
CA LEU A 42 11.67 -2.32 3.74
C LEU A 42 12.77 -1.87 4.71
N SER A 43 13.40 -0.75 4.39
CA SER A 43 14.47 -0.22 5.23
C SER A 43 13.91 0.39 6.51
N ASN A 44 12.70 0.93 6.41
CA ASN A 44 12.04 1.54 7.57
C ASN A 44 11.02 0.59 8.19
N GLN A 45 10.95 -0.63 7.65
CA GLN A 45 10.01 -1.62 8.14
C GLN A 45 8.59 -1.09 8.16
N GLU A 46 8.24 -0.34 7.12
CA GLU A 46 6.91 0.24 7.01
C GLU A 46 6.32 -0.01 5.62
N ALA A 47 5.00 0.03 5.53
CA ALA A 47 4.31 -0.19 4.27
C ALA A 47 3.44 1.02 3.89
N VAL A 48 3.69 1.57 2.71
CA VAL A 48 2.94 2.71 2.23
C VAL A 48 2.03 2.34 1.06
N ILE A 49 0.75 2.65 1.19
CA ILE A 49 -0.22 2.34 0.14
C ILE A 49 -0.87 3.62 -0.39
N THR A 50 -0.61 3.93 -1.66
CA THR A 50 -1.18 5.11 -2.28
C THR A 50 -2.39 4.76 -3.14
N TYR A 51 -3.53 5.35 -2.82
CA TYR A 51 -4.76 5.09 -3.56
C TYR A 51 -5.53 6.39 -3.80
N GLN A 52 -6.58 6.30 -4.61
CA GLN A 52 -7.40 7.46 -4.93
C GLN A 52 -8.86 7.21 -4.57
N PRO A 53 -9.50 8.22 -3.95
CA PRO A 53 -10.90 8.13 -3.54
C PRO A 53 -11.85 8.13 -4.73
N TYR A 54 -11.35 8.57 -5.89
CA TYR A 54 -12.16 8.62 -7.09
C TYR A 54 -12.23 7.25 -7.76
N LEU A 55 -11.35 6.35 -7.35
CA LEU A 55 -11.31 5.00 -7.90
C LEU A 55 -11.72 3.96 -6.85
N ILE A 56 -10.86 3.76 -5.86
CA ILE A 56 -11.13 2.81 -4.79
C ILE A 56 -11.13 3.50 -3.43
N GLN A 57 -11.83 2.89 -2.46
CA GLN A 57 -11.90 3.44 -1.12
C GLN A 57 -10.75 2.92 -0.25
N PRO A 58 -10.56 3.55 0.91
CA PRO A 58 -9.51 3.18 1.85
C PRO A 58 -9.77 1.83 2.51
N GLU A 59 -11.00 1.63 2.97
CA GLU A 59 -11.38 0.37 3.63
C GLU A 59 -11.26 -0.80 2.66
N ASP A 60 -11.56 -0.54 1.38
CA ASP A 60 -11.49 -1.57 0.36
C ASP A 60 -10.05 -2.00 0.10
N LEU A 61 -9.15 -1.00 0.08
CA LEU A 61 -7.74 -1.28 -0.17
C LEU A 61 -7.13 -2.08 0.99
N ARG A 62 -7.80 -2.05 2.14
CA ARG A 62 -7.32 -2.78 3.30
C ARG A 62 -7.19 -4.27 3.00
N ASP A 63 -8.16 -4.81 2.28
CA ASP A 63 -8.16 -6.22 1.93
C ASP A 63 -7.01 -6.53 0.98
N HIS A 64 -6.73 -5.61 0.06
CA HIS A 64 -5.66 -5.79 -0.91
C HIS A 64 -4.34 -6.07 -0.20
N VAL A 65 -4.12 -5.40 0.93
CA VAL A 65 -2.89 -5.58 1.70
C VAL A 65 -2.72 -7.03 2.12
N ASN A 66 -3.80 -7.64 2.59
CA ASN A 66 -3.77 -9.03 3.03
C ASN A 66 -3.44 -9.96 1.86
N ASP A 67 -3.79 -9.54 0.65
CA ASP A 67 -3.53 -10.33 -0.54
C ASP A 67 -2.03 -10.44 -0.81
N MET A 68 -1.27 -9.48 -0.27
CA MET A 68 0.18 -9.47 -0.46
C MET A 68 0.83 -10.61 0.32
N GLY A 69 0.06 -11.25 1.20
CA GLY A 69 0.59 -12.35 1.99
C GLY A 69 1.13 -11.90 3.33
N PHE A 70 1.25 -10.59 3.51
CA PHE A 70 1.75 -10.03 4.76
C PHE A 70 0.64 -9.33 5.54
N GLU A 71 0.86 -9.16 6.83
CA GLU A 71 -0.13 -8.50 7.69
C GLU A 71 0.26 -7.06 7.96
N ALA A 72 -0.65 -6.14 7.67
CA ALA A 72 -0.42 -4.71 7.88
C ALA A 72 -1.42 -4.13 8.87
N ALA A 73 -0.95 -3.23 9.73
CA ALA A 73 -1.80 -2.60 10.72
C ALA A 73 -1.60 -1.09 10.73
N ILE A 74 -2.70 -0.34 10.88
CA ILE A 74 -2.65 1.11 10.90
C ILE A 74 -1.62 1.60 11.92
N LYS A 75 -0.70 2.44 11.45
CA LYS A 75 0.35 2.98 12.31
C LYS A 75 -0.27 3.69 13.52
N SER A 76 -1.41 4.33 13.31
CA SER A 76 -2.09 5.04 14.38
C SER A 76 -2.93 4.09 15.23
N ALA A 1 -14.94 19.40 -7.30
CA ALA A 1 -13.72 19.79 -8.00
C ALA A 1 -12.49 19.24 -7.28
N GLY A 2 -11.48 18.86 -8.06
CA GLY A 2 -10.25 18.34 -7.48
C GLY A 2 -9.59 17.32 -8.37
N HIS A 3 -8.33 17.58 -8.73
CA HIS A 3 -7.58 16.67 -9.59
C HIS A 3 -6.48 15.96 -8.81
N MET A 4 -5.96 16.64 -7.79
CA MET A 4 -4.89 16.08 -6.96
C MET A 4 -5.41 15.77 -5.56
N GLN A 5 -6.51 15.04 -5.49
CA GLN A 5 -7.10 14.67 -4.20
C GLN A 5 -6.65 13.29 -3.77
N GLU A 6 -5.60 12.78 -4.41
CA GLU A 6 -5.06 11.46 -4.09
C GLU A 6 -4.54 11.43 -2.65
N ALA A 7 -4.79 10.31 -1.97
CA ALA A 7 -4.35 10.14 -0.59
C ALA A 7 -3.49 8.89 -0.44
N VAL A 8 -2.58 8.91 0.53
CA VAL A 8 -1.70 7.79 0.78
C VAL A 8 -1.84 7.28 2.22
N VAL A 9 -1.75 5.97 2.39
CA VAL A 9 -1.88 5.37 3.71
C VAL A 9 -0.64 4.53 4.05
N LYS A 10 -0.12 4.72 5.27
CA LYS A 10 1.05 3.98 5.70
C LYS A 10 0.67 2.92 6.74
N LEU A 11 1.17 1.70 6.54
CA LEU A 11 0.88 0.60 7.45
C LEU A 11 2.17 -0.02 7.97
N ARG A 12 2.13 -0.50 9.21
CA ARG A 12 3.29 -1.13 9.83
C ARG A 12 3.32 -2.62 9.55
N VAL A 13 4.37 -3.08 8.88
CA VAL A 13 4.51 -4.50 8.55
C VAL A 13 5.25 -5.24 9.65
N GLU A 14 4.67 -6.34 10.11
CA GLU A 14 5.28 -7.14 11.17
C GLU A 14 5.88 -8.43 10.60
N GLY A 15 5.58 -8.70 9.33
CA GLY A 15 6.11 -9.89 8.69
C GLY A 15 7.31 -9.60 7.81
N MET A 16 7.49 -8.33 7.48
CA MET A 16 8.62 -7.92 6.64
C MET A 16 9.94 -8.47 7.18
N THR A 17 10.83 -8.85 6.28
CA THR A 17 12.12 -9.40 6.67
C THR A 17 13.22 -8.94 5.72
N CYS A 18 14.41 -9.52 5.87
CA CYS A 18 15.54 -9.17 5.02
C CYS A 18 15.16 -9.22 3.55
N GLN A 19 14.36 -10.22 3.19
CA GLN A 19 13.92 -10.38 1.81
C GLN A 19 13.22 -9.12 1.30
N SER A 20 13.68 -8.62 0.17
CA SER A 20 13.10 -7.41 -0.42
C SER A 20 11.77 -7.71 -1.10
N CYS A 21 10.78 -8.07 -0.29
CA CYS A 21 9.46 -8.40 -0.81
C CYS A 21 8.82 -7.19 -1.50
N VAL A 22 9.37 -6.01 -1.21
CA VAL A 22 8.88 -4.77 -1.80
C VAL A 22 8.70 -4.90 -3.30
N SER A 23 9.71 -5.48 -3.96
CA SER A 23 9.67 -5.66 -5.41
C SER A 23 8.43 -6.43 -5.83
N SER A 24 8.06 -7.42 -5.03
CA SER A 24 6.88 -8.24 -5.31
C SER A 24 5.60 -7.43 -5.17
N ILE A 25 5.54 -6.60 -4.12
CA ILE A 25 4.38 -5.77 -3.87
C ILE A 25 4.21 -4.72 -4.96
N GLU A 26 5.31 -4.35 -5.59
CA GLU A 26 5.29 -3.34 -6.66
C GLU A 26 4.45 -3.83 -7.84
N GLY A 27 4.54 -5.12 -8.12
CA GLY A 27 3.78 -5.69 -9.23
C GLY A 27 2.28 -5.57 -9.02
N LYS A 28 1.85 -5.65 -7.77
CA LYS A 28 0.43 -5.56 -7.44
C LYS A 28 -0.15 -4.23 -7.92
N VAL A 29 0.62 -3.16 -7.76
CA VAL A 29 0.18 -1.83 -8.18
C VAL A 29 -0.28 -1.83 -9.63
N ARG A 30 0.49 -2.50 -10.49
CA ARG A 30 0.16 -2.58 -11.91
C ARG A 30 -1.18 -3.28 -12.11
N LYS A 31 -1.56 -4.11 -11.15
CA LYS A 31 -2.81 -4.84 -11.23
C LYS A 31 -3.93 -4.06 -10.53
N LEU A 32 -3.55 -3.09 -9.72
CA LEU A 32 -4.52 -2.27 -8.99
C LEU A 32 -5.16 -1.24 -9.92
N GLN A 33 -6.47 -1.07 -9.79
CA GLN A 33 -7.20 -0.11 -10.61
C GLN A 33 -7.14 1.29 -9.99
N GLY A 34 -7.51 1.38 -8.72
CA GLY A 34 -7.49 2.66 -8.03
C GLY A 34 -6.11 3.05 -7.56
N VAL A 35 -5.50 2.19 -6.75
CA VAL A 35 -4.16 2.45 -6.23
C VAL A 35 -3.24 2.97 -7.32
N VAL A 36 -2.46 4.01 -6.99
CA VAL A 36 -1.53 4.60 -7.94
C VAL A 36 -0.16 3.95 -7.83
N ARG A 37 0.34 3.83 -6.61
CA ARG A 37 1.65 3.24 -6.36
C ARG A 37 1.84 2.96 -4.87
N VAL A 38 2.74 2.02 -4.57
CA VAL A 38 3.03 1.65 -3.19
C VAL A 38 4.53 1.70 -2.91
N LYS A 39 4.90 2.44 -1.87
CA LYS A 39 6.30 2.57 -1.50
C LYS A 39 6.56 1.95 -0.12
N VAL A 40 7.46 0.97 -0.09
CA VAL A 40 7.80 0.29 1.15
C VAL A 40 9.24 0.59 1.58
N SER A 41 9.43 0.87 2.86
CA SER A 41 10.74 1.18 3.39
C SER A 41 11.23 0.06 4.31
N LEU A 42 12.19 -0.72 3.83
CA LEU A 42 12.75 -1.82 4.61
C LEU A 42 13.53 -1.30 5.82
N SER A 43 13.95 -0.04 5.73
CA SER A 43 14.71 0.58 6.82
C SER A 43 13.80 0.89 8.00
N ASN A 44 12.55 1.23 7.70
CA ASN A 44 11.58 1.56 8.75
C ASN A 44 10.62 0.40 8.98
N GLN A 45 10.82 -0.68 8.24
CA GLN A 45 9.96 -1.85 8.36
C GLN A 45 8.49 -1.48 8.23
N GLU A 46 8.20 -0.58 7.29
CA GLU A 46 6.82 -0.14 7.06
C GLU A 46 6.47 -0.19 5.58
N ALA A 47 5.17 -0.14 5.28
CA ALA A 47 4.71 -0.18 3.90
C ALA A 47 3.72 0.95 3.62
N VAL A 48 4.00 1.72 2.58
CA VAL A 48 3.13 2.83 2.20
C VAL A 48 2.35 2.51 0.93
N ILE A 49 1.05 2.79 0.96
CA ILE A 49 0.19 2.53 -0.19
C ILE A 49 -0.51 3.81 -0.64
N THR A 50 -0.21 4.26 -1.85
CA THR A 50 -0.82 5.46 -2.40
C THR A 50 -2.01 5.13 -3.28
N TYR A 51 -3.17 5.69 -2.94
CA TYR A 51 -4.39 5.45 -3.71
C TYR A 51 -5.14 6.75 -3.97
N GLN A 52 -6.21 6.67 -4.75
CA GLN A 52 -7.02 7.84 -5.07
C GLN A 52 -8.47 7.65 -4.64
N PRO A 53 -9.04 8.68 -4.03
CA PRO A 53 -10.43 8.64 -3.54
C PRO A 53 -11.44 8.65 -4.69
N TYR A 54 -11.01 9.14 -5.85
CA TYR A 54 -11.88 9.20 -7.02
C TYR A 54 -11.94 7.85 -7.71
N LEU A 55 -11.02 6.96 -7.36
CA LEU A 55 -10.96 5.63 -7.95
C LEU A 55 -11.40 4.57 -6.94
N ILE A 56 -10.56 4.34 -5.93
CA ILE A 56 -10.87 3.36 -4.89
C ILE A 56 -10.85 4.00 -3.51
N GLN A 57 -11.59 3.41 -2.58
CA GLN A 57 -11.65 3.91 -1.22
C GLN A 57 -10.49 3.39 -0.39
N PRO A 58 -10.30 3.99 0.80
CA PRO A 58 -9.22 3.60 1.71
C PRO A 58 -9.45 2.23 2.34
N GLU A 59 -10.68 2.00 2.79
CA GLU A 59 -11.04 0.73 3.42
C GLU A 59 -10.87 -0.43 2.43
N ASP A 60 -11.19 -0.16 1.17
CA ASP A 60 -11.08 -1.17 0.12
C ASP A 60 -9.62 -1.52 -0.15
N LEU A 61 -8.77 -0.50 -0.20
CA LEU A 61 -7.35 -0.69 -0.44
C LEU A 61 -6.68 -1.42 0.73
N ARG A 62 -7.27 -1.28 1.91
CA ARG A 62 -6.73 -1.92 3.10
C ARG A 62 -6.75 -3.44 2.96
N ASP A 63 -7.83 -3.97 2.41
CA ASP A 63 -7.96 -5.40 2.20
C ASP A 63 -6.95 -5.91 1.17
N HIS A 64 -6.58 -5.04 0.25
CA HIS A 64 -5.63 -5.38 -0.79
C HIS A 64 -4.23 -5.61 -0.20
N VAL A 65 -3.87 -4.78 0.77
CA VAL A 65 -2.57 -4.89 1.42
C VAL A 65 -2.40 -6.25 2.09
N ASN A 66 -3.42 -6.66 2.84
CA ASN A 66 -3.39 -7.95 3.54
C ASN A 66 -3.40 -9.10 2.55
N ASP A 67 -3.98 -8.87 1.37
CA ASP A 67 -4.06 -9.89 0.34
C ASP A 67 -2.66 -10.39 -0.03
N MET A 68 -1.66 -9.55 0.21
CA MET A 68 -0.28 -9.91 -0.10
C MET A 68 0.22 -11.01 0.82
N GLY A 69 -0.53 -11.27 1.89
CA GLY A 69 -0.14 -12.30 2.84
C GLY A 69 0.76 -11.78 3.93
N PHE A 70 0.86 -10.45 4.03
CA PHE A 70 1.70 -9.82 5.04
C PHE A 70 0.90 -9.52 6.32
N GLU A 71 1.58 -8.97 7.31
CA GLU A 71 0.93 -8.64 8.57
C GLU A 71 0.68 -7.14 8.69
N ALA A 72 1.00 -6.41 7.62
CA ALA A 72 0.81 -4.97 7.59
C ALA A 72 -0.54 -4.59 8.17
N ALA A 73 -0.56 -3.53 8.99
CA ALA A 73 -1.78 -3.06 9.62
C ALA A 73 -1.87 -1.54 9.58
N ILE A 74 -3.09 -1.02 9.59
CA ILE A 74 -3.31 0.42 9.57
C ILE A 74 -2.70 1.08 10.80
N LYS A 75 -1.81 2.04 10.57
CA LYS A 75 -1.16 2.76 11.66
C LYS A 75 -2.19 3.38 12.60
N SER A 76 -3.33 3.78 12.04
CA SER A 76 -4.40 4.40 12.82
C SER A 76 -5.64 3.51 12.83
N ALA A 1 -11.02 25.75 -3.28
CA ALA A 1 -9.91 25.40 -4.15
C ALA A 1 -9.74 23.88 -4.23
N GLY A 2 -8.78 23.44 -5.05
CA GLY A 2 -8.54 22.02 -5.20
C GLY A 2 -7.35 21.73 -6.09
N HIS A 3 -6.47 20.84 -5.64
CA HIS A 3 -5.29 20.48 -6.42
C HIS A 3 -5.27 18.98 -6.72
N MET A 4 -5.28 18.17 -5.68
CA MET A 4 -5.28 16.72 -5.83
C MET A 4 -6.17 16.05 -4.80
N GLN A 5 -7.03 15.15 -5.26
CA GLN A 5 -7.94 14.44 -4.38
C GLN A 5 -7.37 13.09 -3.96
N GLU A 6 -6.37 12.63 -4.71
CA GLU A 6 -5.73 11.35 -4.42
C GLU A 6 -5.23 11.30 -2.98
N ALA A 7 -5.39 10.14 -2.34
CA ALA A 7 -4.94 9.98 -0.96
C ALA A 7 -4.04 8.75 -0.83
N VAL A 8 -3.10 8.82 0.13
CA VAL A 8 -2.18 7.72 0.36
C VAL A 8 -2.28 7.21 1.78
N VAL A 9 -2.16 5.89 1.94
CA VAL A 9 -2.25 5.27 3.26
C VAL A 9 -0.98 4.47 3.56
N LYS A 10 -0.45 4.65 4.77
CA LYS A 10 0.75 3.95 5.20
C LYS A 10 0.42 2.90 6.26
N LEU A 11 0.97 1.70 6.08
CA LEU A 11 0.73 0.60 7.01
C LEU A 11 2.06 0.05 7.55
N ARG A 12 2.06 -0.32 8.82
CA ARG A 12 3.26 -0.87 9.45
C ARG A 12 3.33 -2.38 9.26
N VAL A 13 4.40 -2.83 8.59
CA VAL A 13 4.60 -4.25 8.35
C VAL A 13 5.54 -4.87 9.37
N GLU A 14 5.13 -5.99 9.95
CA GLU A 14 5.95 -6.68 10.94
C GLU A 14 6.59 -7.92 10.35
N GLY A 15 6.20 -8.27 9.13
CA GLY A 15 6.75 -9.44 8.47
C GLY A 15 7.63 -9.09 7.29
N MET A 16 7.81 -7.79 7.07
CA MET A 16 8.64 -7.32 5.95
C MET A 16 10.12 -7.43 6.31
N THR A 17 10.40 -7.92 7.51
CA THR A 17 11.78 -8.08 7.97
C THR A 17 12.64 -8.77 6.91
N CYS A 18 12.01 -9.65 6.14
CA CYS A 18 12.72 -10.38 5.09
C CYS A 18 12.76 -9.57 3.80
N GLN A 19 13.69 -8.61 3.73
CA GLN A 19 13.83 -7.77 2.56
C GLN A 19 13.92 -8.61 1.29
N SER A 20 12.82 -8.66 0.54
CA SER A 20 12.78 -9.44 -0.70
C SER A 20 11.42 -9.33 -1.36
N CYS A 21 10.38 -9.64 -0.59
CA CYS A 21 9.01 -9.58 -1.11
C CYS A 21 8.65 -8.16 -1.53
N VAL A 22 9.42 -7.19 -1.05
CA VAL A 22 9.18 -5.79 -1.38
C VAL A 22 9.02 -5.59 -2.88
N SER A 23 9.91 -6.20 -3.64
CA SER A 23 9.87 -6.08 -5.10
C SER A 23 8.62 -6.75 -5.66
N SER A 24 8.23 -7.87 -5.06
CA SER A 24 7.04 -8.60 -5.50
C SER A 24 5.77 -7.79 -5.23
N ILE A 25 5.73 -7.16 -4.06
CA ILE A 25 4.56 -6.36 -3.67
C ILE A 25 4.37 -5.19 -4.63
N GLU A 26 5.47 -4.64 -5.13
CA GLU A 26 5.42 -3.52 -6.05
C GLU A 26 4.69 -3.91 -7.34
N GLY A 27 4.94 -5.13 -7.80
CA GLY A 27 4.31 -5.60 -9.02
C GLY A 27 2.80 -5.70 -8.89
N LYS A 28 2.33 -5.90 -7.66
CA LYS A 28 0.90 -6.02 -7.39
C LYS A 28 0.17 -4.73 -7.77
N VAL A 29 0.81 -3.60 -7.52
CA VAL A 29 0.23 -2.30 -7.83
C VAL A 29 -0.16 -2.21 -9.30
N ARG A 30 0.60 -2.91 -10.15
CA ARG A 30 0.35 -2.90 -11.58
C ARG A 30 -0.97 -3.59 -11.90
N LYS A 31 -1.45 -4.40 -10.96
CA LYS A 31 -2.71 -5.13 -11.14
C LYS A 31 -3.88 -4.32 -10.58
N LEU A 32 -3.57 -3.33 -9.75
CA LEU A 32 -4.59 -2.48 -9.14
C LEU A 32 -5.13 -1.48 -10.15
N GLN A 33 -6.45 -1.34 -10.18
CA GLN A 33 -7.10 -0.40 -11.10
C GLN A 33 -7.21 0.99 -10.48
N GLY A 34 -7.64 1.04 -9.22
CA GLY A 34 -7.78 2.31 -8.54
C GLY A 34 -6.46 2.86 -8.06
N VAL A 35 -5.77 2.09 -7.22
CA VAL A 35 -4.48 2.50 -6.69
C VAL A 35 -3.60 3.12 -7.77
N VAL A 36 -2.87 4.17 -7.42
CA VAL A 36 -1.99 4.85 -8.36
C VAL A 36 -0.59 4.26 -8.32
N ARG A 37 -0.06 4.08 -7.11
CA ARG A 37 1.28 3.52 -6.95
C ARG A 37 1.50 3.08 -5.50
N VAL A 38 2.43 2.15 -5.31
CA VAL A 38 2.75 1.65 -3.97
C VAL A 38 4.24 1.75 -3.69
N LYS A 39 4.58 2.41 -2.59
CA LYS A 39 5.98 2.57 -2.19
C LYS A 39 6.27 1.83 -0.89
N VAL A 40 7.26 0.93 -0.93
CA VAL A 40 7.63 0.17 0.24
C VAL A 40 9.02 0.55 0.74
N SER A 41 9.13 0.84 2.03
CA SER A 41 10.40 1.23 2.62
C SER A 41 10.92 0.13 3.55
N LEU A 42 11.95 -0.57 3.10
CA LEU A 42 12.55 -1.65 3.89
C LEU A 42 13.29 -1.09 5.09
N SER A 43 13.81 0.13 4.96
CA SER A 43 14.54 0.77 6.04
C SER A 43 13.59 1.18 7.17
N ASN A 44 12.35 1.47 6.82
CA ASN A 44 11.35 1.88 7.80
C ASN A 44 10.41 0.72 8.12
N GLN A 45 10.64 -0.42 7.47
CA GLN A 45 9.82 -1.60 7.69
C GLN A 45 8.33 -1.26 7.59
N GLU A 46 7.99 -0.40 6.64
CA GLU A 46 6.61 0.01 6.44
C GLU A 46 6.22 -0.08 4.96
N ALA A 47 4.91 -0.01 4.70
CA ALA A 47 4.41 -0.07 3.33
C ALA A 47 3.44 1.06 3.05
N VAL A 48 3.71 1.83 2.00
CA VAL A 48 2.86 2.95 1.63
C VAL A 48 2.09 2.64 0.34
N ILE A 49 0.78 2.83 0.38
CA ILE A 49 -0.07 2.58 -0.77
C ILE A 49 -0.83 3.83 -1.17
N THR A 50 -0.55 4.32 -2.38
CA THR A 50 -1.21 5.53 -2.88
C THR A 50 -2.39 5.16 -3.78
N TYR A 51 -3.57 5.65 -3.42
CA TYR A 51 -4.78 5.38 -4.18
C TYR A 51 -5.61 6.65 -4.38
N GLN A 52 -6.67 6.54 -5.17
CA GLN A 52 -7.54 7.69 -5.43
C GLN A 52 -8.98 7.37 -5.07
N PRO A 53 -9.66 8.32 -4.41
CA PRO A 53 -11.05 8.17 -3.99
C PRO A 53 -12.01 8.17 -5.17
N TYR A 54 -11.54 8.66 -6.31
CA TYR A 54 -12.37 8.72 -7.51
C TYR A 54 -12.38 7.37 -8.23
N LEU A 55 -11.46 6.49 -7.84
CA LEU A 55 -11.38 5.16 -8.44
C LEU A 55 -11.76 4.08 -7.43
N ILE A 56 -10.89 3.87 -6.45
CA ILE A 56 -11.14 2.87 -5.43
C ILE A 56 -11.13 3.49 -4.03
N GLN A 57 -11.79 2.83 -3.09
CA GLN A 57 -11.86 3.34 -1.72
C GLN A 57 -10.67 2.85 -0.90
N PRO A 58 -10.48 3.43 0.29
CA PRO A 58 -9.38 3.07 1.19
C PRO A 58 -9.57 1.69 1.79
N GLU A 59 -10.78 1.41 2.26
CA GLU A 59 -11.09 0.12 2.86
C GLU A 59 -10.87 -1.02 1.88
N ASP A 60 -11.22 -0.77 0.62
CA ASP A 60 -11.07 -1.77 -0.43
C ASP A 60 -9.60 -2.04 -0.72
N LEU A 61 -8.81 -0.98 -0.79
CA LEU A 61 -7.38 -1.10 -1.05
C LEU A 61 -6.66 -1.75 0.13
N ARG A 62 -7.22 -1.55 1.32
CA ARG A 62 -6.62 -2.11 2.53
C ARG A 62 -6.64 -3.64 2.50
N ASP A 63 -7.75 -4.20 2.03
CA ASP A 63 -7.90 -5.65 1.94
C ASP A 63 -6.91 -6.23 0.92
N HIS A 64 -6.55 -5.42 -0.07
CA HIS A 64 -5.61 -5.85 -1.09
C HIS A 64 -4.22 -6.04 -0.52
N VAL A 65 -3.83 -5.15 0.38
CA VAL A 65 -2.52 -5.21 1.01
C VAL A 65 -2.33 -6.52 1.77
N ASN A 66 -3.35 -6.89 2.55
CA ASN A 66 -3.31 -8.13 3.33
C ASN A 66 -3.24 -9.35 2.41
N ASP A 67 -3.73 -9.19 1.19
CA ASP A 67 -3.72 -10.29 0.22
C ASP A 67 -2.31 -10.80 -0.01
N MET A 68 -1.32 -9.95 0.26
CA MET A 68 0.08 -10.33 0.09
C MET A 68 0.49 -11.36 1.13
N GLY A 69 -0.34 -11.54 2.15
CA GLY A 69 -0.04 -12.50 3.20
C GLY A 69 0.82 -11.90 4.30
N PHE A 70 0.93 -10.58 4.31
CA PHE A 70 1.72 -9.88 5.32
C PHE A 70 0.86 -9.50 6.52
N GLU A 71 1.47 -8.84 7.49
CA GLU A 71 0.77 -8.41 8.70
C GLU A 71 0.54 -6.91 8.70
N ALA A 72 0.89 -6.26 7.59
CA ALA A 72 0.74 -4.82 7.46
C ALA A 72 -0.63 -4.38 7.98
N ALA A 73 -0.64 -3.27 8.72
CA ALA A 73 -1.88 -2.74 9.28
C ALA A 73 -1.92 -1.22 9.17
N ILE A 74 -3.13 -0.68 9.08
CA ILE A 74 -3.30 0.77 8.97
C ILE A 74 -2.57 1.50 10.09
N LYS A 75 -1.66 2.39 9.71
CA LYS A 75 -0.89 3.16 10.68
C LYS A 75 -1.82 3.88 11.67
N SER A 76 -2.58 4.85 11.16
CA SER A 76 -3.50 5.60 12.00
C SER A 76 -4.92 5.07 11.86
N ALA A 1 -0.15 19.40 -13.07
CA ALA A 1 -1.25 18.53 -13.43
C ALA A 1 -1.72 17.72 -12.23
N GLY A 2 -2.70 18.24 -11.51
CA GLY A 2 -3.23 17.54 -10.35
C GLY A 2 -3.26 18.42 -9.11
N HIS A 3 -4.24 18.19 -8.25
CA HIS A 3 -4.39 18.96 -7.02
C HIS A 3 -4.12 18.10 -5.79
N MET A 4 -3.38 17.02 -5.99
CA MET A 4 -3.05 16.11 -4.90
C MET A 4 -4.31 15.68 -4.16
N GLN A 5 -5.37 15.41 -4.91
CA GLN A 5 -6.65 15.00 -4.32
C GLN A 5 -6.59 13.54 -3.89
N GLU A 6 -5.62 12.81 -4.42
CA GLU A 6 -5.46 11.39 -4.10
C GLU A 6 -5.12 11.20 -2.62
N ALA A 7 -5.71 10.17 -2.01
CA ALA A 7 -5.48 9.88 -0.60
C ALA A 7 -4.52 8.71 -0.44
N VAL A 8 -3.64 8.80 0.56
CA VAL A 8 -2.67 7.75 0.83
C VAL A 8 -2.80 7.24 2.26
N VAL A 9 -2.58 5.94 2.44
CA VAL A 9 -2.68 5.32 3.75
C VAL A 9 -1.38 4.60 4.11
N LYS A 10 -0.91 4.83 5.33
CA LYS A 10 0.32 4.20 5.81
C LYS A 10 0.02 3.11 6.84
N LEU A 11 0.60 1.94 6.64
CA LEU A 11 0.40 0.82 7.56
C LEU A 11 1.73 0.29 8.07
N ARG A 12 1.71 -0.31 9.26
CA ARG A 12 2.91 -0.85 9.87
C ARG A 12 3.10 -2.32 9.47
N VAL A 13 4.21 -2.61 8.80
CA VAL A 13 4.50 -3.98 8.38
C VAL A 13 5.43 -4.68 9.36
N GLU A 14 4.96 -5.80 9.91
CA GLU A 14 5.75 -6.57 10.87
C GLU A 14 6.32 -7.82 10.22
N GLY A 15 5.94 -8.06 8.98
CA GLY A 15 6.42 -9.23 8.26
C GLY A 15 7.55 -8.91 7.31
N MET A 16 7.84 -7.62 7.16
CA MET A 16 8.90 -7.17 6.27
C MET A 16 10.20 -7.92 6.54
N THR A 17 10.95 -8.23 5.48
CA THR A 17 12.20 -8.95 5.61
C THR A 17 13.29 -8.33 4.74
N CYS A 18 14.42 -9.01 4.64
CA CYS A 18 15.54 -8.52 3.84
C CYS A 18 15.49 -9.11 2.43
N GLN A 19 14.31 -9.55 2.02
CA GLN A 19 14.13 -10.13 0.69
C GLN A 19 13.64 -9.09 -0.31
N SER A 20 13.64 -7.83 0.12
CA SER A 20 13.19 -6.74 -0.73
C SER A 20 11.88 -7.10 -1.42
N CYS A 21 10.93 -7.62 -0.65
CA CYS A 21 9.63 -8.00 -1.18
C CYS A 21 8.89 -6.79 -1.74
N VAL A 22 9.34 -5.60 -1.37
CA VAL A 22 8.72 -4.37 -1.83
C VAL A 22 8.58 -4.35 -3.35
N SER A 23 9.65 -4.76 -4.04
CA SER A 23 9.65 -4.79 -5.49
C SER A 23 8.48 -5.61 -6.02
N SER A 24 8.17 -6.70 -5.33
CA SER A 24 7.08 -7.58 -5.73
C SER A 24 5.73 -6.89 -5.51
N ILE A 25 5.59 -6.20 -4.39
CA ILE A 25 4.36 -5.50 -4.07
C ILE A 25 4.12 -4.34 -5.04
N GLU A 26 5.20 -3.87 -5.67
CA GLU A 26 5.09 -2.77 -6.61
C GLU A 26 4.24 -3.16 -7.82
N GLY A 27 4.40 -4.39 -8.27
CA GLY A 27 3.65 -4.88 -9.41
C GLY A 27 2.17 -4.96 -9.12
N LYS A 28 1.81 -5.12 -7.85
CA LYS A 28 0.41 -5.21 -7.45
C LYS A 28 -0.37 -3.99 -7.91
N VAL A 29 0.27 -2.82 -7.85
CA VAL A 29 -0.37 -1.58 -8.27
C VAL A 29 -0.91 -1.70 -9.69
N ARG A 30 -0.22 -2.48 -10.52
CA ARG A 30 -0.63 -2.66 -11.90
C ARG A 30 -1.96 -3.39 -11.99
N LYS A 31 -2.28 -4.16 -10.95
CA LYS A 31 -3.53 -4.90 -10.90
C LYS A 31 -4.61 -4.09 -10.19
N LEU A 32 -4.20 -3.06 -9.46
CA LEU A 32 -5.13 -2.21 -8.73
C LEU A 32 -5.85 -1.25 -9.68
N GLN A 33 -7.15 -1.09 -9.49
CA GLN A 33 -7.94 -0.20 -10.33
C GLN A 33 -7.90 1.22 -9.79
N GLY A 34 -8.08 1.35 -8.48
CA GLY A 34 -8.08 2.67 -7.85
C GLY A 34 -6.69 3.08 -7.40
N VAL A 35 -6.03 2.21 -6.66
CA VAL A 35 -4.68 2.50 -6.16
C VAL A 35 -3.81 3.09 -7.26
N VAL A 36 -3.11 4.17 -6.92
CA VAL A 36 -2.22 4.83 -7.88
C VAL A 36 -0.80 4.29 -7.80
N ARG A 37 -0.30 4.15 -6.58
CA ARG A 37 1.04 3.63 -6.36
C ARG A 37 1.26 3.26 -4.89
N VAL A 38 2.23 2.39 -4.65
CA VAL A 38 2.53 1.96 -3.29
C VAL A 38 4.02 2.11 -2.97
N LYS A 39 4.31 2.85 -1.90
CA LYS A 39 5.69 3.07 -1.50
C LYS A 39 5.98 2.44 -0.14
N VAL A 40 6.96 1.55 -0.10
CA VAL A 40 7.33 0.87 1.13
C VAL A 40 8.72 1.30 1.60
N SER A 41 8.84 1.57 2.90
CA SER A 41 10.12 2.00 3.47
C SER A 41 10.68 0.92 4.39
N LEU A 42 11.73 0.25 3.92
CA LEU A 42 12.36 -0.81 4.70
C LEU A 42 13.07 -0.24 5.93
N SER A 43 13.53 1.00 5.82
CA SER A 43 14.22 1.66 6.93
C SER A 43 13.23 2.01 8.04
N ASN A 44 11.98 2.28 7.66
CA ASN A 44 10.96 2.62 8.63
C ASN A 44 10.06 1.42 8.93
N GLN A 45 10.34 0.31 8.27
CA GLN A 45 9.55 -0.90 8.45
C GLN A 45 8.06 -0.63 8.33
N GLU A 46 7.70 0.22 7.36
CA GLU A 46 6.30 0.58 7.13
C GLU A 46 5.95 0.45 5.66
N ALA A 47 4.65 0.47 5.37
CA ALA A 47 4.17 0.37 4.00
C ALA A 47 3.16 1.47 3.68
N VAL A 48 3.42 2.22 2.62
CA VAL A 48 2.54 3.30 2.21
C VAL A 48 1.77 2.93 0.94
N ILE A 49 0.46 3.12 0.98
CA ILE A 49 -0.39 2.82 -0.17
C ILE A 49 -1.18 4.04 -0.62
N THR A 50 -0.91 4.50 -1.83
CA THR A 50 -1.58 5.66 -2.39
C THR A 50 -2.74 5.24 -3.29
N TYR A 51 -3.94 5.72 -2.97
CA TYR A 51 -5.12 5.40 -3.75
C TYR A 51 -5.99 6.63 -3.98
N GLN A 52 -7.07 6.47 -4.73
CA GLN A 52 -7.97 7.58 -5.01
C GLN A 52 -9.37 7.30 -4.47
N PRO A 53 -9.97 8.33 -3.86
CA PRO A 53 -11.32 8.22 -3.27
C PRO A 53 -12.41 8.07 -4.32
N TYR A 54 -12.18 8.67 -5.49
CA TYR A 54 -13.14 8.60 -6.58
C TYR A 54 -13.03 7.27 -7.31
N LEU A 55 -12.01 6.49 -6.98
CA LEU A 55 -11.80 5.19 -7.60
C LEU A 55 -12.13 4.06 -6.64
N ILE A 56 -11.23 3.84 -5.67
CA ILE A 56 -11.44 2.79 -4.68
C ILE A 56 -11.45 3.37 -3.27
N GLN A 57 -12.13 2.68 -2.36
CA GLN A 57 -12.24 3.12 -0.98
C GLN A 57 -11.02 2.67 -0.17
N PRO A 58 -10.86 3.23 1.04
CA PRO A 58 -9.75 2.90 1.92
C PRO A 58 -9.85 1.49 2.49
N GLU A 59 -11.05 1.13 2.95
CA GLU A 59 -11.28 -0.19 3.52
C GLU A 59 -11.02 -1.28 2.48
N ASP A 60 -11.35 -0.99 1.23
CA ASP A 60 -11.16 -1.94 0.15
C ASP A 60 -9.68 -2.16 -0.13
N LEU A 61 -8.92 -1.08 -0.14
CA LEU A 61 -7.48 -1.15 -0.38
C LEU A 61 -6.77 -1.86 0.75
N ARG A 62 -7.39 -1.87 1.93
CA ARG A 62 -6.82 -2.52 3.11
C ARG A 62 -6.67 -4.02 2.87
N ASP A 63 -7.68 -4.63 2.27
CA ASP A 63 -7.66 -6.06 2.00
C ASP A 63 -6.56 -6.39 0.98
N HIS A 64 -6.29 -5.47 0.08
CA HIS A 64 -5.27 -5.67 -0.94
C HIS A 64 -3.90 -5.85 -0.31
N VAL A 65 -3.62 -5.07 0.74
CA VAL A 65 -2.35 -5.14 1.44
C VAL A 65 -2.17 -6.48 2.14
N ASN A 66 -3.21 -6.90 2.86
CA ASN A 66 -3.18 -8.17 3.57
C ASN A 66 -3.12 -9.35 2.61
N ASP A 67 -3.72 -9.17 1.43
CA ASP A 67 -3.74 -10.20 0.41
C ASP A 67 -2.33 -10.52 -0.07
N MET A 68 -1.42 -9.57 0.10
CA MET A 68 -0.04 -9.74 -0.32
C MET A 68 0.65 -10.80 0.53
N GLY A 69 0.02 -11.17 1.65
CA GLY A 69 0.59 -12.17 2.53
C GLY A 69 1.57 -11.57 3.53
N PHE A 70 1.32 -10.33 3.92
CA PHE A 70 2.19 -9.64 4.88
C PHE A 70 1.47 -9.43 6.20
N GLU A 71 2.19 -8.90 7.18
CA GLU A 71 1.62 -8.64 8.50
C GLU A 71 1.16 -7.19 8.61
N ALA A 72 1.27 -6.44 7.52
CA ALA A 72 0.86 -5.05 7.50
C ALA A 72 -0.48 -4.86 8.20
N ALA A 73 -0.58 -3.80 9.00
CA ALA A 73 -1.81 -3.50 9.72
C ALA A 73 -2.12 -2.02 9.68
N ILE A 74 -3.40 -1.69 9.77
CA ILE A 74 -3.84 -0.29 9.73
C ILE A 74 -3.27 0.49 10.92
N LYS A 75 -2.54 1.56 10.62
CA LYS A 75 -1.94 2.39 11.65
C LYS A 75 -3.00 2.88 12.64
N SER A 76 -4.08 3.47 12.10
CA SER A 76 -5.16 3.99 12.94
C SER A 76 -6.17 2.88 13.26
N ALA A 1 2.48 11.66 2.73
CA ALA A 1 1.50 10.77 2.09
C ALA A 1 0.21 11.51 1.78
N GLY A 2 0.34 12.68 1.15
CA GLY A 2 -0.83 13.47 0.80
C GLY A 2 -0.50 14.67 -0.04
N HIS A 3 -1.05 15.82 0.31
CA HIS A 3 -0.80 17.06 -0.43
C HIS A 3 -1.22 16.91 -1.89
N MET A 4 -2.21 16.05 -2.13
CA MET A 4 -2.68 15.81 -3.49
C MET A 4 -4.16 15.41 -3.48
N GLN A 5 -4.77 15.39 -4.66
CA GLN A 5 -6.18 15.01 -4.78
C GLN A 5 -6.37 13.53 -4.49
N GLU A 6 -5.27 12.77 -4.52
CA GLU A 6 -5.33 11.34 -4.27
C GLU A 6 -5.24 11.06 -2.77
N ALA A 7 -5.95 10.03 -2.33
CA ALA A 7 -5.95 9.65 -0.92
C ALA A 7 -5.05 8.45 -0.68
N VAL A 8 -4.36 8.46 0.47
CA VAL A 8 -3.46 7.37 0.81
C VAL A 8 -3.83 6.76 2.17
N VAL A 9 -3.57 5.47 2.31
CA VAL A 9 -3.88 4.77 3.55
C VAL A 9 -2.63 4.12 4.15
N LYS A 10 -1.47 4.59 3.72
CA LYS A 10 -0.20 4.07 4.21
C LYS A 10 -0.36 3.48 5.61
N LEU A 11 0.15 2.27 5.80
CA LEU A 11 0.07 1.59 7.10
C LEU A 11 1.45 1.14 7.56
N ARG A 12 1.49 0.47 8.70
CA ARG A 12 2.74 -0.02 9.26
C ARG A 12 2.88 -1.53 9.05
N VAL A 13 3.92 -1.92 8.33
CA VAL A 13 4.17 -3.33 8.05
C VAL A 13 4.97 -3.97 9.18
N GLU A 14 4.41 -5.04 9.75
CA GLU A 14 5.07 -5.75 10.84
C GLU A 14 5.65 -7.07 10.35
N GLY A 15 5.38 -7.41 9.10
CA GLY A 15 5.88 -8.64 8.52
C GLY A 15 7.16 -8.45 7.74
N MET A 16 7.58 -7.19 7.61
CA MET A 16 8.81 -6.87 6.88
C MET A 16 9.97 -7.72 7.37
N THR A 17 10.83 -8.12 6.45
CA THR A 17 12.00 -8.93 6.79
C THR A 17 13.15 -8.67 5.83
N CYS A 18 14.24 -9.41 6.01
CA CYS A 18 15.41 -9.27 5.15
C CYS A 18 15.03 -9.29 3.68
N GLN A 19 13.97 -10.03 3.36
CA GLN A 19 13.51 -10.14 1.99
C GLN A 19 12.99 -8.80 1.48
N SER A 20 13.55 -8.35 0.36
CA SER A 20 13.16 -7.08 -0.23
C SER A 20 11.82 -7.21 -0.96
N CYS A 21 10.77 -7.51 -0.20
CA CYS A 21 9.44 -7.66 -0.78
C CYS A 21 8.95 -6.34 -1.38
N VAL A 22 9.62 -5.25 -1.03
CA VAL A 22 9.26 -3.94 -1.53
C VAL A 22 9.10 -3.97 -3.05
N SER A 23 10.05 -4.59 -3.74
CA SER A 23 10.02 -4.69 -5.19
C SER A 23 8.82 -5.50 -5.66
N SER A 24 8.50 -6.55 -4.91
CA SER A 24 7.37 -7.42 -5.26
C SER A 24 6.05 -6.69 -5.05
N ILE A 25 5.94 -5.96 -3.95
CA ILE A 25 4.73 -5.21 -3.64
C ILE A 25 4.51 -4.08 -4.63
N GLU A 26 5.60 -3.61 -5.25
CA GLU A 26 5.52 -2.53 -6.22
C GLU A 26 4.74 -2.98 -7.45
N GLY A 27 4.96 -4.22 -7.87
CA GLY A 27 4.28 -4.74 -9.04
C GLY A 27 2.78 -4.88 -8.82
N LYS A 28 2.39 -5.16 -7.58
CA LYS A 28 0.98 -5.31 -7.25
C LYS A 28 0.17 -4.11 -7.76
N VAL A 29 0.76 -2.93 -7.70
CA VAL A 29 0.10 -1.71 -8.14
C VAL A 29 -0.37 -1.85 -9.59
N ARG A 30 0.38 -2.60 -10.39
CA ARG A 30 0.04 -2.82 -11.79
C ARG A 30 -1.27 -3.60 -11.91
N LYS A 31 -1.60 -4.34 -10.86
CA LYS A 31 -2.83 -5.15 -10.85
C LYS A 31 -3.99 -4.35 -10.26
N LEU A 32 -3.67 -3.25 -9.59
CA LEU A 32 -4.69 -2.40 -8.98
C LEU A 32 -5.40 -1.56 -10.04
N GLN A 33 -6.73 -1.50 -9.93
CA GLN A 33 -7.52 -0.72 -10.88
C GLN A 33 -7.67 0.72 -10.41
N GLY A 34 -7.94 0.90 -9.12
CA GLY A 34 -8.10 2.24 -8.57
C GLY A 34 -6.79 2.82 -8.09
N VAL A 35 -6.08 2.06 -7.26
CA VAL A 35 -4.80 2.51 -6.72
C VAL A 35 -3.95 3.18 -7.79
N VAL A 36 -3.33 4.30 -7.44
CA VAL A 36 -2.49 5.04 -8.37
C VAL A 36 -1.04 4.57 -8.28
N ARG A 37 -0.53 4.46 -7.06
CA ARG A 37 0.84 4.01 -6.84
C ARG A 37 1.06 3.63 -5.39
N VAL A 38 2.03 2.75 -5.15
CA VAL A 38 2.35 2.29 -3.80
C VAL A 38 3.85 2.38 -3.53
N LYS A 39 4.19 3.07 -2.44
CA LYS A 39 5.59 3.23 -2.05
C LYS A 39 5.88 2.51 -0.75
N VAL A 40 6.84 1.60 -0.78
CA VAL A 40 7.22 0.85 0.41
C VAL A 40 8.63 1.20 0.87
N SER A 41 8.77 1.49 2.15
CA SER A 41 10.07 1.86 2.72
C SER A 41 10.58 0.77 3.66
N LEU A 42 11.59 0.04 3.20
CA LEU A 42 12.17 -1.04 4.00
C LEU A 42 12.91 -0.48 5.21
N SER A 43 13.44 0.73 5.07
CA SER A 43 14.17 1.37 6.16
C SER A 43 13.23 1.80 7.27
N ASN A 44 11.99 2.12 6.90
CA ASN A 44 10.99 2.54 7.88
C ASN A 44 10.03 1.40 8.20
N GLN A 45 10.23 0.26 7.54
CA GLN A 45 9.39 -0.91 7.75
C GLN A 45 7.91 -0.54 7.64
N GLU A 46 7.59 0.32 6.67
CA GLU A 46 6.22 0.75 6.46
C GLU A 46 5.84 0.66 4.99
N ALA A 47 4.55 0.51 4.71
CA ALA A 47 4.05 0.42 3.35
C ALA A 47 3.03 1.50 3.05
N VAL A 48 3.28 2.28 2.00
CA VAL A 48 2.37 3.35 1.61
C VAL A 48 1.61 2.99 0.34
N ILE A 49 0.29 3.10 0.40
CA ILE A 49 -0.56 2.78 -0.75
C ILE A 49 -1.43 3.98 -1.13
N THR A 50 -1.15 4.55 -2.30
CA THR A 50 -1.91 5.71 -2.78
C THR A 50 -3.05 5.27 -3.69
N TYR A 51 -4.27 5.67 -3.34
CA TYR A 51 -5.44 5.31 -4.13
C TYR A 51 -6.34 6.53 -4.34
N GLN A 52 -7.33 6.38 -5.20
CA GLN A 52 -8.26 7.46 -5.51
C GLN A 52 -9.70 7.05 -5.18
N PRO A 53 -10.43 7.96 -4.51
CA PRO A 53 -11.83 7.71 -4.13
C PRO A 53 -12.76 7.70 -5.34
N TYR A 54 -12.28 8.23 -6.46
CA TYR A 54 -13.08 8.28 -7.68
C TYR A 54 -13.02 6.95 -8.41
N LEU A 55 -12.07 6.11 -8.05
CA LEU A 55 -11.90 4.81 -8.68
C LEU A 55 -12.23 3.69 -7.69
N ILE A 56 -11.36 3.51 -6.69
CA ILE A 56 -11.55 2.48 -5.69
C ILE A 56 -11.64 3.08 -4.29
N GLN A 57 -12.29 2.36 -3.38
CA GLN A 57 -12.45 2.82 -2.01
C GLN A 57 -11.26 2.39 -1.15
N PRO A 58 -11.16 2.98 0.04
CA PRO A 58 -10.08 2.69 0.99
C PRO A 58 -10.19 1.28 1.57
N GLU A 59 -11.40 0.91 1.99
CA GLU A 59 -11.64 -0.40 2.57
C GLU A 59 -11.34 -1.50 1.57
N ASP A 60 -11.63 -1.23 0.30
CA ASP A 60 -11.39 -2.20 -0.77
C ASP A 60 -9.89 -2.42 -0.97
N LEU A 61 -9.14 -1.33 -0.98
CA LEU A 61 -7.69 -1.41 -1.18
C LEU A 61 -7.02 -2.06 0.02
N ARG A 62 -7.64 -1.95 1.19
CA ARG A 62 -7.10 -2.52 2.41
C ARG A 62 -6.96 -4.03 2.27
N ASP A 63 -7.95 -4.67 1.67
CA ASP A 63 -7.93 -6.12 1.48
C ASP A 63 -6.80 -6.52 0.54
N HIS A 64 -6.52 -5.69 -0.45
CA HIS A 64 -5.46 -5.96 -1.42
C HIS A 64 -4.11 -6.05 -0.72
N VAL A 65 -3.90 -5.20 0.27
CA VAL A 65 -2.66 -5.18 1.03
C VAL A 65 -2.37 -6.55 1.64
N ASN A 66 -3.41 -7.17 2.18
CA ASN A 66 -3.26 -8.49 2.80
C ASN A 66 -2.83 -9.53 1.78
N ASP A 67 -3.18 -9.30 0.52
CA ASP A 67 -2.83 -10.22 -0.55
C ASP A 67 -1.32 -10.38 -0.65
N MET A 68 -0.58 -9.39 -0.16
CA MET A 68 0.87 -9.41 -0.19
C MET A 68 1.42 -10.47 0.77
N GLY A 69 0.56 -10.97 1.65
CA GLY A 69 0.98 -11.97 2.61
C GLY A 69 1.47 -11.36 3.90
N PHE A 70 1.68 -10.05 3.90
CA PHE A 70 2.15 -9.35 5.09
C PHE A 70 1.00 -8.73 5.86
N GLU A 71 1.28 -8.26 7.06
CA GLU A 71 0.26 -7.64 7.90
C GLU A 71 0.49 -6.12 8.02
N ALA A 72 -0.54 -5.36 7.69
CA ALA A 72 -0.45 -3.91 7.76
C ALA A 72 -1.50 -3.34 8.72
N ALA A 73 -1.10 -2.31 9.48
CA ALA A 73 -2.00 -1.69 10.45
C ALA A 73 -1.91 -0.17 10.36
N ILE A 74 -3.06 0.50 10.48
CA ILE A 74 -3.10 1.96 10.43
C ILE A 74 -2.07 2.57 11.37
N LYS A 75 -1.21 3.42 10.83
CA LYS A 75 -0.18 4.07 11.63
C LYS A 75 -0.78 4.74 12.86
N SER A 76 -1.69 5.69 12.62
CA SER A 76 -2.35 6.41 13.71
C SER A 76 -3.45 5.55 14.33
N ALA A 1 -10.42 18.94 -4.80
CA ALA A 1 -10.45 20.19 -5.54
C ALA A 1 -10.07 19.98 -7.00
N GLY A 2 -9.27 18.93 -7.25
CA GLY A 2 -8.84 18.64 -8.61
C GLY A 2 -7.41 18.14 -8.67
N HIS A 3 -6.53 18.79 -7.92
CA HIS A 3 -5.13 18.41 -7.89
C HIS A 3 -4.73 17.87 -6.51
N MET A 4 -3.67 17.09 -6.48
CA MET A 4 -3.19 16.51 -5.23
C MET A 4 -4.36 16.07 -4.34
N GLN A 5 -5.37 15.48 -4.97
CA GLN A 5 -6.54 15.01 -4.24
C GLN A 5 -6.36 13.57 -3.75
N GLU A 6 -5.38 12.88 -4.33
CA GLU A 6 -5.10 11.50 -3.96
C GLU A 6 -4.79 11.39 -2.47
N ALA A 7 -5.11 10.24 -1.89
CA ALA A 7 -4.87 10.01 -0.47
C ALA A 7 -4.09 8.71 -0.26
N VAL A 8 -3.42 8.61 0.89
CA VAL A 8 -2.64 7.42 1.22
C VAL A 8 -3.10 6.81 2.54
N VAL A 9 -2.94 5.50 2.66
CA VAL A 9 -3.33 4.79 3.87
C VAL A 9 -2.15 4.03 4.47
N LYS A 10 -0.95 4.41 4.08
CA LYS A 10 0.26 3.76 4.57
C LYS A 10 0.02 3.16 5.96
N LEU A 11 0.44 1.92 6.14
CA LEU A 11 0.29 1.23 7.42
C LEU A 11 1.62 0.70 7.92
N ARG A 12 1.58 -0.02 9.04
CA ARG A 12 2.78 -0.59 9.62
C ARG A 12 2.86 -2.10 9.35
N VAL A 13 3.90 -2.51 8.65
CA VAL A 13 4.10 -3.92 8.33
C VAL A 13 5.01 -4.61 9.35
N GLU A 14 4.60 -5.79 9.80
CA GLU A 14 5.39 -6.54 10.77
C GLU A 14 6.10 -7.71 10.10
N GLY A 15 5.40 -8.39 9.20
CA GLY A 15 5.98 -9.52 8.50
C GLY A 15 7.29 -9.18 7.82
N MET A 16 7.26 -8.15 6.99
CA MET A 16 8.46 -7.72 6.27
C MET A 16 9.64 -7.58 7.22
N THR A 17 10.83 -7.96 6.75
CA THR A 17 12.03 -7.88 7.56
C THR A 17 13.24 -7.49 6.71
N CYS A 18 13.43 -8.18 5.60
CA CYS A 18 14.54 -7.90 4.69
C CYS A 18 14.06 -7.25 3.41
N GLN A 19 14.95 -7.15 2.43
CA GLN A 19 14.61 -6.55 1.14
C GLN A 19 14.40 -7.62 0.08
N SER A 20 13.18 -8.17 0.03
CA SER A 20 12.84 -9.20 -0.93
C SER A 20 11.38 -9.09 -1.36
N CYS A 21 10.48 -9.26 -0.40
CA CYS A 21 9.05 -9.19 -0.68
C CYS A 21 8.67 -7.80 -1.19
N VAL A 22 9.50 -6.82 -0.88
CA VAL A 22 9.25 -5.44 -1.30
C VAL A 22 9.02 -5.37 -2.81
N SER A 23 9.87 -6.05 -3.56
CA SER A 23 9.76 -6.05 -5.02
C SER A 23 8.46 -6.71 -5.46
N SER A 24 8.05 -7.76 -4.75
CA SER A 24 6.83 -8.47 -5.08
C SER A 24 5.61 -7.61 -4.80
N ILE A 25 5.63 -6.89 -3.69
CA ILE A 25 4.52 -6.02 -3.31
C ILE A 25 4.38 -4.86 -4.29
N GLU A 26 5.51 -4.41 -4.84
CA GLU A 26 5.51 -3.30 -5.78
C GLU A 26 4.73 -3.67 -7.05
N GLY A 27 4.89 -4.92 -7.48
CA GLY A 27 4.20 -5.37 -8.69
C GLY A 27 2.69 -5.39 -8.51
N LYS A 28 2.25 -5.39 -7.26
CA LYS A 28 0.82 -5.41 -6.96
C LYS A 28 0.13 -4.15 -7.51
N VAL A 29 0.77 -3.01 -7.34
CA VAL A 29 0.23 -1.74 -7.81
C VAL A 29 -0.13 -1.83 -9.29
N ARG A 30 0.63 -2.63 -10.04
CA ARG A 30 0.39 -2.80 -11.47
C ARG A 30 -0.96 -3.45 -11.72
N LYS A 31 -1.44 -4.22 -10.74
CA LYS A 31 -2.73 -4.89 -10.86
C LYS A 31 -3.83 -4.06 -10.22
N LEU A 32 -3.44 -3.09 -9.40
CA LEU A 32 -4.41 -2.22 -8.75
C LEU A 32 -4.97 -1.18 -9.72
N GLN A 33 -6.28 -0.97 -9.65
CA GLN A 33 -6.94 -0.01 -10.53
C GLN A 33 -6.91 1.39 -9.92
N GLY A 34 -7.66 1.58 -8.84
CA GLY A 34 -7.71 2.88 -8.18
C GLY A 34 -6.34 3.32 -7.69
N VAL A 35 -5.69 2.46 -6.89
CA VAL A 35 -4.37 2.78 -6.36
C VAL A 35 -3.49 3.44 -7.41
N VAL A 36 -2.78 4.48 -7.00
CA VAL A 36 -1.90 5.20 -7.91
C VAL A 36 -0.48 4.64 -7.86
N ARG A 37 0.02 4.42 -6.64
CA ARG A 37 1.36 3.89 -6.46
C ARG A 37 1.55 3.38 -5.03
N VAL A 38 2.49 2.46 -4.86
CA VAL A 38 2.77 1.90 -3.54
C VAL A 38 4.27 1.95 -3.23
N LYS A 39 4.61 2.54 -2.08
CA LYS A 39 6.00 2.65 -1.67
C LYS A 39 6.26 1.81 -0.42
N VAL A 40 7.21 0.89 -0.51
CA VAL A 40 7.56 0.04 0.62
C VAL A 40 8.95 0.36 1.15
N SER A 41 9.04 0.60 2.45
CA SER A 41 10.32 0.94 3.08
C SER A 41 10.77 -0.19 3.99
N LEU A 42 11.76 -0.95 3.55
CA LEU A 42 12.29 -2.06 4.33
C LEU A 42 13.04 -1.56 5.56
N SER A 43 13.63 -0.38 5.43
CA SER A 43 14.38 0.22 6.54
C SER A 43 13.45 0.63 7.67
N ASN A 44 12.22 1.00 7.31
CA ASN A 44 11.23 1.42 8.30
C ASN A 44 10.22 0.31 8.56
N GLN A 45 10.39 -0.80 7.86
CA GLN A 45 9.49 -1.94 8.01
C GLN A 45 8.03 -1.50 7.91
N GLU A 46 7.75 -0.59 6.98
CA GLU A 46 6.40 -0.08 6.78
C GLU A 46 6.02 -0.12 5.31
N ALA A 47 4.72 -0.18 5.05
CA ALA A 47 4.22 -0.22 3.68
C ALA A 47 3.29 0.96 3.39
N VAL A 48 3.62 1.71 2.36
CA VAL A 48 2.81 2.87 1.97
C VAL A 48 2.02 2.60 0.70
N ILE A 49 0.71 2.82 0.76
CA ILE A 49 -0.15 2.60 -0.39
C ILE A 49 -0.92 3.87 -0.75
N THR A 50 -0.60 4.45 -1.91
CA THR A 50 -1.26 5.66 -2.36
C THR A 50 -2.43 5.34 -3.28
N TYR A 51 -3.62 5.81 -2.92
CA TYR A 51 -4.81 5.57 -3.71
C TYR A 51 -5.63 6.85 -3.88
N GLN A 52 -6.67 6.77 -4.69
CA GLN A 52 -7.53 7.93 -4.94
C GLN A 52 -8.98 7.62 -4.59
N PRO A 53 -9.64 8.56 -3.90
CA PRO A 53 -11.04 8.41 -3.49
C PRO A 53 -12.01 8.45 -4.67
N TYR A 54 -11.54 9.01 -5.78
CA TYR A 54 -12.36 9.12 -6.98
C TYR A 54 -12.38 7.79 -7.75
N LEU A 55 -11.46 6.90 -7.41
CA LEU A 55 -11.36 5.60 -8.06
C LEU A 55 -11.76 4.49 -7.09
N ILE A 56 -10.85 4.15 -6.18
CA ILE A 56 -11.10 3.10 -5.21
C ILE A 56 -11.13 3.66 -3.80
N GLN A 57 -11.82 2.97 -2.90
CA GLN A 57 -11.92 3.39 -1.50
C GLN A 57 -10.76 2.85 -0.68
N PRO A 58 -10.58 3.40 0.54
CA PRO A 58 -9.52 2.98 1.45
C PRO A 58 -9.75 1.58 2.01
N GLU A 59 -10.97 1.32 2.43
CA GLU A 59 -11.32 0.02 2.99
C GLU A 59 -11.14 -1.09 1.95
N ASP A 60 -11.44 -0.77 0.70
CA ASP A 60 -11.31 -1.73 -0.39
C ASP A 60 -9.83 -2.07 -0.63
N LEU A 61 -8.99 -1.04 -0.65
CA LEU A 61 -7.56 -1.24 -0.88
C LEU A 61 -6.91 -1.96 0.30
N ARG A 62 -7.50 -1.79 1.49
CA ARG A 62 -6.98 -2.41 2.70
C ARG A 62 -6.95 -3.92 2.55
N ASP A 63 -8.01 -4.49 1.97
CA ASP A 63 -8.10 -5.92 1.77
C ASP A 63 -7.03 -6.41 0.79
N HIS A 64 -6.72 -5.59 -0.20
CA HIS A 64 -5.71 -5.93 -1.20
C HIS A 64 -4.35 -6.11 -0.55
N VAL A 65 -4.06 -5.31 0.47
CA VAL A 65 -2.79 -5.37 1.18
C VAL A 65 -2.60 -6.75 1.83
N ASN A 66 -3.66 -7.25 2.46
CA ASN A 66 -3.61 -8.55 3.12
C ASN A 66 -3.35 -9.66 2.11
N ASP A 67 -3.66 -9.38 0.85
CA ASP A 67 -3.46 -10.37 -0.22
C ASP A 67 -2.00 -10.78 -0.31
N MET A 68 -1.12 -9.93 0.19
CA MET A 68 0.32 -10.21 0.17
C MET A 68 0.68 -11.27 1.20
N GLY A 69 -0.25 -11.55 2.11
CA GLY A 69 -0.01 -12.54 3.14
C GLY A 69 0.55 -11.92 4.42
N PHE A 70 1.02 -10.69 4.32
CA PHE A 70 1.57 -9.99 5.48
C PHE A 70 0.47 -9.30 6.27
N GLU A 71 0.82 -8.82 7.46
CA GLU A 71 -0.14 -8.14 8.32
C GLU A 71 0.19 -6.66 8.44
N ALA A 72 -0.77 -5.81 8.11
CA ALA A 72 -0.58 -4.36 8.19
C ALA A 72 -1.59 -3.73 9.14
N ALA A 73 -1.12 -2.74 9.91
CA ALA A 73 -1.97 -2.04 10.86
C ALA A 73 -1.78 -0.54 10.78
N ILE A 74 -2.88 0.20 10.89
CA ILE A 74 -2.83 1.66 10.82
C ILE A 74 -1.76 2.21 11.76
N LYS A 75 -0.89 3.05 11.21
CA LYS A 75 0.19 3.65 11.99
C LYS A 75 -0.36 4.31 13.26
N SER A 76 -1.52 4.95 13.13
CA SER A 76 -2.15 5.62 14.25
C SER A 76 -2.96 4.64 15.08
N ALA A 1 -7.97 10.16 -11.76
CA ALA A 1 -6.89 10.39 -12.72
C ALA A 1 -6.97 11.81 -13.28
N GLY A 2 -6.94 12.81 -12.40
CA GLY A 2 -7.01 14.19 -12.84
C GLY A 2 -6.73 15.16 -11.72
N HIS A 3 -7.62 15.19 -10.72
CA HIS A 3 -7.46 16.08 -9.58
C HIS A 3 -6.39 15.57 -8.63
N MET A 4 -5.90 16.46 -7.76
CA MET A 4 -4.86 16.09 -6.80
C MET A 4 -5.48 15.77 -5.45
N GLN A 5 -6.58 15.04 -5.46
CA GLN A 5 -7.27 14.66 -4.23
C GLN A 5 -6.84 13.27 -3.77
N GLU A 6 -5.74 12.77 -4.35
CA GLU A 6 -5.24 11.45 -3.99
C GLU A 6 -4.80 11.40 -2.54
N ALA A 7 -5.09 10.28 -1.87
CA ALA A 7 -4.72 10.10 -0.48
C ALA A 7 -3.85 8.86 -0.28
N VAL A 8 -2.88 8.96 0.61
CA VAL A 8 -1.98 7.84 0.89
C VAL A 8 -2.04 7.44 2.36
N VAL A 9 -2.02 6.14 2.61
CA VAL A 9 -2.06 5.62 3.97
C VAL A 9 -0.86 4.74 4.27
N LYS A 10 -0.24 4.95 5.42
CA LYS A 10 0.92 4.17 5.83
C LYS A 10 0.57 3.22 6.98
N LEU A 11 0.92 1.96 6.82
CA LEU A 11 0.65 0.95 7.85
C LEU A 11 1.94 0.24 8.27
N ARG A 12 1.96 -0.23 9.51
CA ARG A 12 3.13 -0.94 10.03
C ARG A 12 3.10 -2.40 9.62
N VAL A 13 4.18 -2.85 8.99
CA VAL A 13 4.28 -4.24 8.54
C VAL A 13 4.80 -5.14 9.65
N GLU A 14 4.32 -6.38 9.68
CA GLU A 14 4.73 -7.34 10.70
C GLU A 14 5.87 -8.21 10.19
N GLY A 15 5.63 -8.90 9.08
CA GLY A 15 6.64 -9.77 8.51
C GLY A 15 7.89 -9.00 8.09
N MET A 16 7.73 -8.14 7.08
CA MET A 16 8.85 -7.34 6.59
C MET A 16 10.13 -8.18 6.52
N THR A 17 9.96 -9.48 6.32
CA THR A 17 11.11 -10.38 6.24
C THR A 17 12.16 -9.86 5.28
N CYS A 18 13.34 -10.46 5.32
CA CYS A 18 14.44 -10.05 4.44
C CYS A 18 14.00 -10.03 2.99
N GLN A 19 13.01 -10.86 2.66
CA GLN A 19 12.50 -10.94 1.30
C GLN A 19 12.16 -9.56 0.76
N SER A 20 12.45 -9.33 -0.51
CA SER A 20 12.19 -8.04 -1.14
C SER A 20 10.70 -7.92 -1.49
N CYS A 21 9.86 -7.98 -0.47
CA CYS A 21 8.42 -7.87 -0.66
C CYS A 21 8.05 -6.51 -1.24
N VAL A 22 8.82 -5.49 -0.86
CA VAL A 22 8.58 -4.14 -1.33
C VAL A 22 8.49 -4.09 -2.86
N SER A 23 9.44 -4.76 -3.52
CA SER A 23 9.48 -4.79 -4.97
C SER A 23 8.25 -5.51 -5.54
N SER A 24 7.83 -6.56 -4.83
CA SER A 24 6.67 -7.34 -5.27
C SER A 24 5.39 -6.51 -5.14
N ILE A 25 5.31 -5.71 -4.09
CA ILE A 25 4.14 -4.87 -3.86
C ILE A 25 3.97 -3.85 -4.98
N GLU A 26 5.09 -3.40 -5.55
CA GLU A 26 5.06 -2.42 -6.62
C GLU A 26 4.34 -2.97 -7.85
N GLY A 27 4.57 -4.24 -8.14
CA GLY A 27 3.94 -4.87 -9.28
C GLY A 27 2.43 -4.96 -9.14
N LYS A 28 1.97 -5.05 -7.88
CA LYS A 28 0.54 -5.14 -7.61
C LYS A 28 -0.19 -3.89 -8.10
N VAL A 29 0.40 -2.73 -7.83
CA VAL A 29 -0.20 -1.46 -8.24
C VAL A 29 -0.55 -1.48 -9.72
N ARG A 30 0.37 -1.97 -10.54
CA ARG A 30 0.15 -2.03 -11.99
C ARG A 30 -1.14 -2.78 -12.30
N LYS A 31 -1.53 -3.68 -11.40
CA LYS A 31 -2.75 -4.46 -11.59
C LYS A 31 -3.93 -3.81 -10.88
N LEU A 32 -3.63 -2.91 -9.95
CA LEU A 32 -4.67 -2.21 -9.19
C LEU A 32 -5.26 -1.08 -10.03
N GLN A 33 -6.59 -0.96 -9.98
CA GLN A 33 -7.29 0.09 -10.71
C GLN A 33 -7.32 1.39 -9.92
N GLY A 34 -7.53 1.28 -8.61
CA GLY A 34 -7.59 2.45 -7.77
C GLY A 34 -6.22 2.90 -7.31
N VAL A 35 -5.53 2.05 -6.55
CA VAL A 35 -4.20 2.37 -6.05
C VAL A 35 -3.35 3.04 -7.13
N VAL A 36 -2.60 4.05 -6.73
CA VAL A 36 -1.74 4.78 -7.67
C VAL A 36 -0.33 4.17 -7.70
N ARG A 37 0.25 3.98 -6.52
CA ARG A 37 1.59 3.42 -6.41
C ARG A 37 1.91 3.05 -4.95
N VAL A 38 3.01 2.34 -4.77
CA VAL A 38 3.42 1.92 -3.43
C VAL A 38 4.75 2.56 -3.04
N LYS A 39 4.80 3.14 -1.84
CA LYS A 39 6.00 3.79 -1.35
C LYS A 39 6.60 3.01 -0.18
N VAL A 40 6.20 1.75 -0.06
CA VAL A 40 6.70 0.89 1.01
C VAL A 40 8.21 1.06 1.20
N SER A 41 8.62 1.31 2.43
CA SER A 41 10.03 1.51 2.75
C SER A 41 10.56 0.35 3.59
N LEU A 42 11.40 -0.49 2.98
CA LEU A 42 11.97 -1.63 3.67
C LEU A 42 12.96 -1.17 4.76
N SER A 43 13.58 -0.03 4.52
CA SER A 43 14.54 0.51 5.47
C SER A 43 13.84 1.02 6.73
N ASN A 44 12.60 1.45 6.57
CA ASN A 44 11.81 1.96 7.68
C ASN A 44 10.87 0.90 8.23
N GLN A 45 10.93 -0.29 7.63
CA GLN A 45 10.08 -1.40 8.05
C GLN A 45 8.62 -0.98 8.07
N GLU A 46 8.21 -0.19 7.09
CA GLU A 46 6.84 0.29 7.00
C GLU A 46 6.29 0.10 5.59
N ALA A 47 4.97 0.09 5.47
CA ALA A 47 4.31 -0.07 4.18
C ALA A 47 3.41 1.11 3.86
N VAL A 48 3.65 1.75 2.72
CA VAL A 48 2.87 2.90 2.30
C VAL A 48 2.00 2.56 1.09
N ILE A 49 0.70 2.82 1.21
CA ILE A 49 -0.23 2.55 0.13
C ILE A 49 -0.88 3.84 -0.38
N THR A 50 -0.59 4.19 -1.62
CA THR A 50 -1.15 5.39 -2.22
C THR A 50 -2.35 5.07 -3.11
N TYR A 51 -3.49 5.66 -2.79
CA TYR A 51 -4.71 5.43 -3.56
C TYR A 51 -5.46 6.73 -3.81
N GLN A 52 -6.50 6.67 -4.63
CA GLN A 52 -7.29 7.85 -4.95
C GLN A 52 -8.77 7.61 -4.61
N PRO A 53 -9.40 8.63 -3.99
CA PRO A 53 -10.80 8.55 -3.61
C PRO A 53 -11.74 8.58 -4.80
N TYR A 54 -11.21 9.02 -5.95
CA TYR A 54 -12.01 9.08 -7.17
C TYR A 54 -12.09 7.72 -7.85
N LEU A 55 -11.22 6.80 -7.43
CA LEU A 55 -11.20 5.46 -7.99
C LEU A 55 -11.63 4.43 -6.95
N ILE A 56 -10.77 4.20 -5.96
CA ILE A 56 -11.07 3.24 -4.90
C ILE A 56 -11.09 3.91 -3.54
N GLN A 57 -11.80 3.30 -2.59
CA GLN A 57 -11.89 3.84 -1.25
C GLN A 57 -10.75 3.33 -0.37
N PRO A 58 -10.59 3.95 0.80
CA PRO A 58 -9.53 3.57 1.76
C PRO A 58 -9.80 2.21 2.40
N GLU A 59 -11.03 1.99 2.84
CA GLU A 59 -11.40 0.74 3.48
C GLU A 59 -11.25 -0.43 2.51
N ASP A 60 -11.54 -0.18 1.24
CA ASP A 60 -11.43 -1.20 0.21
C ASP A 60 -9.97 -1.58 -0.04
N LEU A 61 -9.11 -0.57 -0.07
CA LEU A 61 -7.68 -0.80 -0.28
C LEU A 61 -7.06 -1.56 0.88
N ARG A 62 -7.75 -1.56 2.02
CA ARG A 62 -7.26 -2.26 3.20
C ARG A 62 -7.07 -3.74 2.92
N ASP A 63 -8.02 -4.33 2.21
CA ASP A 63 -7.95 -5.74 1.86
C ASP A 63 -6.80 -6.02 0.91
N HIS A 64 -6.56 -5.11 -0.01
CA HIS A 64 -5.47 -5.25 -0.99
C HIS A 64 -4.15 -5.50 -0.27
N VAL A 65 -3.94 -4.81 0.85
CA VAL A 65 -2.71 -4.95 1.61
C VAL A 65 -2.49 -6.40 2.03
N ASN A 66 -3.56 -7.08 2.42
CA ASN A 66 -3.48 -8.46 2.84
C ASN A 66 -3.04 -9.36 1.68
N ASP A 67 -3.36 -8.93 0.46
CA ASP A 67 -2.99 -9.68 -0.73
C ASP A 67 -1.47 -9.76 -0.89
N MET A 68 -0.77 -8.82 -0.27
CA MET A 68 0.69 -8.79 -0.34
C MET A 68 1.29 -9.97 0.40
N GLY A 69 0.47 -10.66 1.20
CA GLY A 69 0.95 -11.81 1.95
C GLY A 69 1.43 -11.44 3.33
N PHE A 70 1.52 -10.13 3.60
CA PHE A 70 1.98 -9.64 4.89
C PHE A 70 0.85 -8.95 5.64
N GLU A 71 1.01 -8.83 6.96
CA GLU A 71 0.00 -8.20 7.79
C GLU A 71 0.36 -6.73 8.06
N ALA A 72 -0.58 -5.84 7.76
CA ALA A 72 -0.37 -4.41 7.96
C ALA A 72 -1.40 -3.84 8.93
N ALA A 73 -0.95 -2.94 9.80
CA ALA A 73 -1.84 -2.30 10.77
C ALA A 73 -1.61 -0.80 10.84
N ILE A 74 -2.70 -0.06 10.97
CA ILE A 74 -2.61 1.41 11.04
C ILE A 74 -1.61 1.85 12.09
N LYS A 75 -0.75 2.79 11.72
CA LYS A 75 0.27 3.30 12.65
C LYS A 75 -0.37 3.78 13.94
N SER A 76 -1.36 4.66 13.82
CA SER A 76 -2.06 5.20 14.98
C SER A 76 -3.05 4.19 15.55
N ALA A 1 -4.08 15.38 -13.98
CA ALA A 1 -5.03 16.03 -13.09
C ALA A 1 -5.22 15.22 -11.81
N GLY A 2 -5.72 15.89 -10.77
CA GLY A 2 -5.94 15.22 -9.50
C GLY A 2 -6.34 16.18 -8.40
N HIS A 3 -5.86 17.42 -8.50
CA HIS A 3 -6.16 18.44 -7.51
C HIS A 3 -5.71 18.00 -6.11
N MET A 4 -4.71 17.13 -6.08
CA MET A 4 -4.19 16.63 -4.81
C MET A 4 -5.30 15.99 -3.98
N GLN A 5 -6.30 15.44 -4.66
CA GLN A 5 -7.42 14.80 -3.98
C GLN A 5 -7.06 13.39 -3.54
N GLU A 6 -5.99 12.86 -4.13
CA GLU A 6 -5.54 11.51 -3.80
C GLU A 6 -4.97 11.45 -2.39
N ALA A 7 -5.28 10.36 -1.68
CA ALA A 7 -4.81 10.18 -0.30
C ALA A 7 -3.91 8.95 -0.19
N VAL A 8 -2.95 9.01 0.73
CA VAL A 8 -2.02 7.91 0.94
C VAL A 8 -2.07 7.42 2.38
N VAL A 9 -1.94 6.11 2.56
CA VAL A 9 -1.98 5.51 3.89
C VAL A 9 -0.71 4.71 4.16
N LYS A 10 -0.17 4.86 5.37
CA LYS A 10 1.04 4.15 5.75
C LYS A 10 0.73 3.05 6.77
N LEU A 11 1.24 1.86 6.52
CA LEU A 11 1.02 0.73 7.42
C LEU A 11 2.34 0.11 7.85
N ARG A 12 2.29 -0.70 8.91
CA ARG A 12 3.49 -1.35 9.43
C ARG A 12 3.54 -2.82 9.00
N VAL A 13 4.59 -3.18 8.28
CA VAL A 13 4.77 -4.56 7.81
C VAL A 13 5.57 -5.38 8.81
N GLU A 14 4.96 -6.43 9.34
CA GLU A 14 5.62 -7.30 10.29
C GLU A 14 5.97 -8.64 9.67
N GLY A 15 5.55 -8.84 8.42
CA GLY A 15 5.83 -10.08 7.72
C GLY A 15 6.97 -9.94 6.74
N MET A 16 7.40 -8.71 6.49
CA MET A 16 8.50 -8.46 5.57
C MET A 16 9.73 -9.26 5.96
N THR A 17 9.87 -9.55 7.25
CA THR A 17 11.01 -10.31 7.74
C THR A 17 12.32 -9.75 7.20
N CYS A 18 12.41 -8.43 7.14
CA CYS A 18 13.61 -7.77 6.65
C CYS A 18 14.06 -8.38 5.33
N GLN A 19 13.39 -8.00 4.24
CA GLN A 19 13.72 -8.51 2.92
C GLN A 19 13.44 -7.46 1.85
N SER A 20 13.79 -7.80 0.61
CA SER A 20 13.58 -6.89 -0.51
C SER A 20 12.28 -7.21 -1.24
N CYS A 21 11.29 -7.67 -0.48
CA CYS A 21 10.00 -8.02 -1.05
C CYS A 21 9.31 -6.80 -1.66
N VAL A 22 9.81 -5.62 -1.31
CA VAL A 22 9.26 -4.38 -1.82
C VAL A 22 9.07 -4.43 -3.33
N SER A 23 10.08 -4.93 -4.02
CA SER A 23 10.04 -5.05 -5.48
C SER A 23 8.88 -5.95 -5.91
N SER A 24 8.66 -7.01 -5.15
CA SER A 24 7.59 -7.96 -5.46
C SER A 24 6.22 -7.31 -5.29
N ILE A 25 6.07 -6.54 -4.21
CA ILE A 25 4.81 -5.87 -3.94
C ILE A 25 4.51 -4.80 -4.99
N GLU A 26 5.56 -4.17 -5.50
CA GLU A 26 5.42 -3.14 -6.51
C GLU A 26 4.58 -3.63 -7.69
N GLY A 27 4.78 -4.89 -8.07
CA GLY A 27 4.04 -5.47 -9.16
C GLY A 27 2.56 -5.57 -8.87
N LYS A 28 2.21 -5.83 -7.61
CA LYS A 28 0.83 -5.95 -7.19
C LYS A 28 0.06 -4.65 -7.43
N VAL A 29 0.69 -3.52 -7.07
CA VAL A 29 0.07 -2.22 -7.25
C VAL A 29 -0.23 -1.95 -8.72
N ARG A 30 0.57 -2.53 -9.60
CA ARG A 30 0.38 -2.35 -11.04
C ARG A 30 -0.92 -2.98 -11.50
N LYS A 31 -1.43 -3.93 -10.71
CA LYS A 31 -2.67 -4.62 -11.04
C LYS A 31 -3.86 -3.90 -10.40
N LEU A 32 -3.59 -3.05 -9.43
CA LEU A 32 -4.63 -2.30 -8.74
C LEU A 32 -5.16 -1.16 -9.61
N GLN A 33 -6.48 -0.98 -9.61
CA GLN A 33 -7.10 0.07 -10.41
C GLN A 33 -7.08 1.40 -9.66
N GLY A 34 -7.93 1.52 -8.66
CA GLY A 34 -7.99 2.75 -7.88
C GLY A 34 -6.62 3.20 -7.40
N VAL A 35 -5.95 2.35 -6.65
CA VAL A 35 -4.62 2.67 -6.12
C VAL A 35 -3.73 3.24 -7.22
N VAL A 36 -2.94 4.25 -6.86
CA VAL A 36 -2.04 4.89 -7.81
C VAL A 36 -0.66 4.25 -7.78
N ARG A 37 -0.12 4.08 -6.57
CA ARG A 37 1.20 3.47 -6.41
C ARG A 37 1.46 3.13 -4.93
N VAL A 38 2.37 2.21 -4.70
CA VAL A 38 2.71 1.79 -3.34
C VAL A 38 4.22 1.86 -3.11
N LYS A 39 4.62 2.59 -2.08
CA LYS A 39 6.04 2.73 -1.76
C LYS A 39 6.35 2.11 -0.39
N VAL A 40 7.26 1.16 -0.38
CA VAL A 40 7.65 0.48 0.85
C VAL A 40 9.08 0.81 1.23
N SER A 41 9.32 1.06 2.52
CA SER A 41 10.65 1.38 3.01
C SER A 41 11.20 0.25 3.87
N LEU A 42 12.18 -0.47 3.34
CA LEU A 42 12.79 -1.59 4.06
C LEU A 42 13.57 -1.08 5.26
N SER A 43 14.10 0.14 5.16
CA SER A 43 14.87 0.74 6.24
C SER A 43 13.96 1.11 7.41
N ASN A 44 12.71 1.46 7.10
CA ASN A 44 11.75 1.85 8.12
C ASN A 44 10.79 0.69 8.42
N GLN A 45 10.97 -0.41 7.71
CA GLN A 45 10.11 -1.58 7.89
C GLN A 45 8.64 -1.20 7.84
N GLU A 46 8.30 -0.30 6.91
CA GLU A 46 6.92 0.15 6.75
C GLU A 46 6.50 0.10 5.29
N ALA A 47 5.19 0.15 5.06
CA ALA A 47 4.65 0.10 3.70
C ALA A 47 3.64 1.23 3.47
N VAL A 48 3.86 2.02 2.43
CA VAL A 48 2.98 3.13 2.12
C VAL A 48 2.16 2.83 0.86
N ILE A 49 0.84 2.96 0.98
CA ILE A 49 -0.05 2.71 -0.14
C ILE A 49 -0.79 3.97 -0.55
N THR A 50 -0.54 4.42 -1.79
CA THR A 50 -1.17 5.62 -2.30
C THR A 50 -2.38 5.28 -3.16
N TYR A 51 -3.54 5.82 -2.79
CA TYR A 51 -4.77 5.56 -3.53
C TYR A 51 -5.56 6.85 -3.73
N GLN A 52 -6.66 6.76 -4.48
CA GLN A 52 -7.50 7.92 -4.74
C GLN A 52 -8.93 7.67 -4.28
N PRO A 53 -9.52 8.66 -3.61
CA PRO A 53 -10.89 8.58 -3.09
C PRO A 53 -11.93 8.60 -4.21
N TYR A 54 -11.52 9.10 -5.37
CA TYR A 54 -12.41 9.18 -6.52
C TYR A 54 -12.54 7.83 -7.21
N LEU A 55 -11.62 6.93 -6.90
CA LEU A 55 -11.62 5.59 -7.49
C LEU A 55 -11.98 4.54 -6.46
N ILE A 56 -11.03 4.22 -5.58
CA ILE A 56 -11.25 3.23 -4.53
C ILE A 56 -11.17 3.86 -3.15
N GLN A 57 -11.83 3.24 -2.18
CA GLN A 57 -11.84 3.74 -0.81
C GLN A 57 -10.62 3.23 -0.03
N PRO A 58 -10.38 3.83 1.14
CA PRO A 58 -9.25 3.45 2.00
C PRO A 58 -9.44 2.07 2.63
N GLU A 59 -10.64 1.82 3.14
CA GLU A 59 -10.94 0.54 3.78
C GLU A 59 -10.82 -0.60 2.77
N ASP A 60 -11.21 -0.34 1.53
CA ASP A 60 -11.14 -1.34 0.48
C ASP A 60 -9.68 -1.68 0.14
N LEU A 61 -8.86 -0.65 0.05
CA LEU A 61 -7.44 -0.84 -0.26
C LEU A 61 -6.72 -1.54 0.87
N ARG A 62 -7.23 -1.39 2.09
CA ARG A 62 -6.63 -2.02 3.26
C ARG A 62 -6.71 -3.54 3.16
N ASP A 63 -7.86 -4.05 2.73
CA ASP A 63 -8.06 -5.48 2.58
C ASP A 63 -7.18 -6.05 1.47
N HIS A 64 -6.95 -5.24 0.43
CA HIS A 64 -6.12 -5.67 -0.68
C HIS A 64 -4.67 -5.85 -0.25
N VAL A 65 -4.21 -4.97 0.63
CA VAL A 65 -2.83 -5.03 1.13
C VAL A 65 -2.54 -6.39 1.76
N ASN A 66 -3.48 -6.86 2.58
CA ASN A 66 -3.33 -8.14 3.27
C ASN A 66 -3.35 -9.28 2.26
N ASP A 67 -3.97 -9.05 1.11
CA ASP A 67 -4.05 -10.06 0.06
C ASP A 67 -2.67 -10.36 -0.53
N MET A 68 -1.78 -9.39 -0.41
CA MET A 68 -0.42 -9.54 -0.93
C MET A 68 0.33 -10.63 -0.18
N GLY A 69 -0.21 -11.04 0.96
CA GLY A 69 0.42 -12.08 1.75
C GLY A 69 1.42 -11.53 2.73
N PHE A 70 1.16 -10.32 3.22
CA PHE A 70 2.05 -9.66 4.18
C PHE A 70 1.35 -9.45 5.51
N GLU A 71 2.14 -9.23 6.56
CA GLU A 71 1.59 -8.99 7.89
C GLU A 71 1.21 -7.53 8.09
N ALA A 72 1.36 -6.74 7.02
CA ALA A 72 1.03 -5.33 7.08
C ALA A 72 -0.26 -5.08 7.85
N ALA A 73 -0.26 -4.06 8.70
CA ALA A 73 -1.44 -3.73 9.49
C ALA A 73 -1.64 -2.22 9.54
N ILE A 74 -2.91 -1.81 9.70
CA ILE A 74 -3.24 -0.38 9.77
C ILE A 74 -2.56 0.28 10.96
N LYS A 75 -1.77 1.31 10.68
CA LYS A 75 -1.07 2.04 11.73
C LYS A 75 -2.03 2.49 12.82
N SER A 76 -3.25 2.84 12.42
CA SER A 76 -4.26 3.29 13.36
C SER A 76 -4.98 2.10 14.00
N ALA A 1 -10.95 15.70 -13.37
CA ALA A 1 -11.53 15.12 -12.18
C ALA A 1 -10.46 14.87 -11.12
N GLY A 2 -10.90 14.49 -9.92
CA GLY A 2 -9.96 14.23 -8.83
C GLY A 2 -9.61 15.48 -8.05
N HIS A 3 -9.23 16.54 -8.76
CA HIS A 3 -8.87 17.80 -8.12
C HIS A 3 -7.66 17.61 -7.20
N MET A 4 -6.84 16.62 -7.51
CA MET A 4 -5.64 16.34 -6.72
C MET A 4 -6.02 16.01 -5.28
N GLN A 5 -7.13 15.28 -5.11
CA GLN A 5 -7.60 14.90 -3.79
C GLN A 5 -7.05 13.53 -3.39
N GLU A 6 -6.04 13.07 -4.12
CA GLU A 6 -5.43 11.77 -3.84
C GLU A 6 -4.89 11.72 -2.41
N ALA A 7 -5.06 10.57 -1.77
CA ALA A 7 -4.59 10.39 -0.39
C ALA A 7 -3.70 9.16 -0.28
N VAL A 8 -2.76 9.19 0.66
CA VAL A 8 -1.85 8.08 0.87
C VAL A 8 -1.96 7.54 2.30
N VAL A 9 -1.88 6.22 2.43
CA VAL A 9 -1.97 5.58 3.74
C VAL A 9 -0.74 4.72 4.01
N LYS A 10 -0.18 4.86 5.20
CA LYS A 10 1.00 4.10 5.60
C LYS A 10 0.65 3.07 6.66
N LEU A 11 1.16 1.85 6.49
CA LEU A 11 0.90 0.77 7.44
C LEU A 11 2.21 0.18 7.96
N ARG A 12 2.20 -0.27 9.21
CA ARG A 12 3.37 -0.86 9.82
C ARG A 12 3.42 -2.37 9.58
N VAL A 13 4.47 -2.82 8.90
CA VAL A 13 4.63 -4.24 8.60
C VAL A 13 5.34 -4.97 9.74
N GLU A 14 4.92 -6.20 10.00
CA GLU A 14 5.52 -7.00 11.06
C GLU A 14 6.45 -8.06 10.49
N GLY A 15 6.00 -8.73 9.42
CA GLY A 15 6.79 -9.77 8.80
C GLY A 15 8.06 -9.22 8.17
N MET A 16 8.04 -9.03 6.85
CA MET A 16 9.20 -8.51 6.13
C MET A 16 10.48 -9.10 6.68
N THR A 17 10.42 -10.32 7.20
CA THR A 17 11.58 -10.99 7.77
C THR A 17 12.50 -11.51 6.67
N CYS A 18 13.09 -10.58 5.91
CA CYS A 18 13.99 -10.94 4.83
C CYS A 18 13.27 -11.76 3.76
N GLN A 19 12.33 -11.11 3.07
CA GLN A 19 11.56 -11.77 2.02
C GLN A 19 11.80 -11.10 0.67
N SER A 20 12.16 -9.82 0.71
CA SER A 20 12.41 -9.07 -0.51
C SER A 20 11.13 -8.94 -1.35
N CYS A 21 9.99 -9.22 -0.72
CA CYS A 21 8.71 -9.15 -1.41
C CYS A 21 8.41 -7.72 -1.83
N VAL A 22 9.16 -6.77 -1.29
CA VAL A 22 8.99 -5.36 -1.62
C VAL A 22 8.88 -5.15 -3.13
N SER A 23 9.78 -5.80 -3.86
CA SER A 23 9.80 -5.69 -5.31
C SER A 23 8.53 -6.28 -5.92
N SER A 24 8.06 -7.37 -5.34
CA SER A 24 6.86 -8.04 -5.81
C SER A 24 5.63 -7.17 -5.59
N ILE A 25 5.57 -6.52 -4.44
CA ILE A 25 4.44 -5.66 -4.11
C ILE A 25 4.28 -4.54 -5.13
N GLU A 26 5.37 -4.18 -5.79
CA GLU A 26 5.35 -3.13 -6.80
C GLU A 26 4.46 -3.54 -7.97
N GLY A 27 4.47 -4.83 -8.30
CA GLY A 27 3.66 -5.32 -9.40
C GLY A 27 2.18 -5.13 -9.16
N LYS A 28 1.77 -5.17 -7.90
CA LYS A 28 0.37 -4.99 -7.53
C LYS A 28 -0.15 -3.64 -7.98
N VAL A 29 0.68 -2.61 -7.83
CA VAL A 29 0.30 -1.26 -8.24
C VAL A 29 -0.20 -1.23 -9.67
N ARG A 30 0.52 -1.90 -10.56
CA ARG A 30 0.14 -1.95 -11.97
C ARG A 30 -1.19 -2.69 -12.15
N LYS A 31 -1.52 -3.53 -11.19
CA LYS A 31 -2.77 -4.30 -11.23
C LYS A 31 -3.88 -3.56 -10.51
N LEU A 32 -3.52 -2.56 -9.72
CA LEU A 32 -4.49 -1.77 -8.98
C LEU A 32 -5.22 -0.79 -9.90
N GLN A 33 -6.54 -0.71 -9.73
CA GLN A 33 -7.34 0.20 -10.54
C GLN A 33 -7.37 1.60 -9.95
N GLY A 34 -7.54 1.67 -8.63
CA GLY A 34 -7.58 2.96 -7.96
C GLY A 34 -6.22 3.41 -7.50
N VAL A 35 -5.54 2.57 -6.71
CA VAL A 35 -4.21 2.90 -6.20
C VAL A 35 -3.34 3.50 -7.30
N VAL A 36 -2.61 4.55 -6.95
CA VAL A 36 -1.73 5.23 -7.89
C VAL A 36 -0.32 4.63 -7.85
N ARG A 37 0.20 4.44 -6.65
CA ARG A 37 1.54 3.87 -6.47
C ARG A 37 1.76 3.45 -5.03
N VAL A 38 2.70 2.54 -4.82
CA VAL A 38 3.01 2.04 -3.49
C VAL A 38 4.50 2.14 -3.20
N LYS A 39 4.85 2.80 -2.10
CA LYS A 39 6.25 2.96 -1.70
C LYS A 39 6.54 2.21 -0.41
N VAL A 40 7.51 1.31 -0.46
CA VAL A 40 7.90 0.52 0.70
C VAL A 40 9.30 0.88 1.17
N SER A 41 9.43 1.16 2.47
CA SER A 41 10.73 1.52 3.04
C SER A 41 11.24 0.41 3.96
N LEU A 42 12.23 -0.32 3.50
CA LEU A 42 12.83 -1.40 4.28
C LEU A 42 13.59 -0.86 5.47
N SER A 43 14.13 0.34 5.33
CA SER A 43 14.89 0.97 6.41
C SER A 43 13.97 1.40 7.54
N ASN A 44 12.73 1.73 7.20
CA ASN A 44 11.75 2.16 8.19
C ASN A 44 10.79 1.03 8.54
N GLN A 45 10.98 -0.12 7.88
CA GLN A 45 10.14 -1.28 8.12
C GLN A 45 8.66 -0.91 8.03
N GLU A 46 8.32 -0.05 7.08
CA GLU A 46 6.95 0.39 6.89
C GLU A 46 6.53 0.30 5.43
N ALA A 47 5.22 0.34 5.18
CA ALA A 47 4.71 0.26 3.83
C ALA A 47 3.74 1.41 3.54
N VAL A 48 4.02 2.15 2.47
CA VAL A 48 3.18 3.29 2.09
C VAL A 48 2.37 2.98 0.84
N ILE A 49 1.08 3.22 0.90
CA ILE A 49 0.20 2.97 -0.24
C ILE A 49 -0.54 4.25 -0.66
N THR A 50 -0.26 4.70 -1.89
CA THR A 50 -0.90 5.91 -2.41
C THR A 50 -2.08 5.56 -3.30
N TYR A 51 -3.25 6.07 -2.94
CA TYR A 51 -4.46 5.81 -3.71
C TYR A 51 -5.28 7.09 -3.88
N GLN A 52 -6.36 6.99 -4.65
CA GLN A 52 -7.23 8.14 -4.90
C GLN A 52 -8.65 7.86 -4.47
N PRO A 53 -9.28 8.84 -3.80
CA PRO A 53 -10.66 8.71 -3.32
C PRO A 53 -11.67 8.70 -4.46
N TYR A 54 -11.28 9.26 -5.59
CA TYR A 54 -12.16 9.32 -6.76
C TYR A 54 -12.17 7.98 -7.50
N LEU A 55 -11.19 7.14 -7.19
CA LEU A 55 -11.08 5.82 -7.82
C LEU A 55 -11.48 4.71 -6.86
N ILE A 56 -10.64 4.50 -5.84
CA ILE A 56 -10.91 3.47 -4.84
C ILE A 56 -10.85 4.05 -3.43
N GLN A 57 -11.53 3.38 -2.50
CA GLN A 57 -11.55 3.83 -1.11
C GLN A 57 -10.37 3.27 -0.34
N PRO A 58 -10.12 3.82 0.87
CA PRO A 58 -9.02 3.40 1.72
C PRO A 58 -9.24 2.00 2.31
N GLU A 59 -10.45 1.75 2.78
CA GLU A 59 -10.80 0.45 3.36
C GLU A 59 -10.65 -0.65 2.32
N ASP A 60 -11.01 -0.34 1.08
CA ASP A 60 -10.94 -1.32 0.00
C ASP A 60 -9.48 -1.65 -0.33
N LEU A 61 -8.64 -0.62 -0.37
CA LEU A 61 -7.23 -0.80 -0.68
C LEU A 61 -6.51 -1.51 0.46
N ARG A 62 -7.03 -1.35 1.66
CA ARG A 62 -6.45 -1.99 2.84
C ARG A 62 -6.41 -3.51 2.68
N ASP A 63 -7.51 -4.07 2.16
CA ASP A 63 -7.61 -5.50 1.96
C ASP A 63 -6.61 -5.97 0.90
N HIS A 64 -6.27 -5.09 -0.03
CA HIS A 64 -5.33 -5.40 -1.10
C HIS A 64 -3.91 -5.57 -0.53
N VAL A 65 -3.56 -4.74 0.43
CA VAL A 65 -2.25 -4.79 1.05
C VAL A 65 -2.02 -6.14 1.74
N ASN A 66 -3.02 -6.58 2.51
CA ASN A 66 -2.93 -7.85 3.22
C ASN A 66 -2.85 -9.02 2.24
N ASP A 67 -3.36 -8.80 1.03
CA ASP A 67 -3.35 -9.85 0.00
C ASP A 67 -1.92 -10.31 -0.27
N MET A 68 -0.96 -9.45 0.03
CA MET A 68 0.45 -9.78 -0.18
C MET A 68 0.92 -10.85 0.79
N GLY A 69 0.10 -11.11 1.82
CA GLY A 69 0.46 -12.11 2.80
C GLY A 69 1.29 -11.55 3.94
N PHE A 70 1.35 -10.22 4.02
CA PHE A 70 2.12 -9.55 5.06
C PHE A 70 1.26 -9.31 6.29
N GLU A 71 1.87 -8.71 7.32
CA GLU A 71 1.17 -8.42 8.57
C GLU A 71 0.88 -6.93 8.69
N ALA A 72 1.18 -6.18 7.64
CA ALA A 72 0.96 -4.74 7.63
C ALA A 72 -0.41 -4.40 8.20
N ALA A 73 -0.44 -3.35 9.03
CA ALA A 73 -1.70 -2.92 9.65
C ALA A 73 -1.81 -1.39 9.63
N ILE A 74 -3.05 -0.91 9.60
CA ILE A 74 -3.31 0.53 9.58
C ILE A 74 -2.66 1.22 10.78
N LYS A 75 -1.80 2.18 10.50
CA LYS A 75 -1.11 2.93 11.54
C LYS A 75 -2.10 3.46 12.57
N SER A 76 -3.30 3.79 12.12
CA SER A 76 -4.35 4.31 13.00
C SER A 76 -5.33 3.21 13.38
N ALA A 1 -2.35 21.99 3.89
CA ALA A 1 -2.63 22.39 2.52
C ALA A 1 -2.94 21.18 1.65
N GLY A 2 -3.62 21.41 0.53
CA GLY A 2 -3.97 20.33 -0.37
C GLY A 2 -2.74 19.69 -1.00
N HIS A 3 -2.94 18.51 -1.57
CA HIS A 3 -1.84 17.78 -2.21
C HIS A 3 -2.21 17.40 -3.64
N MET A 4 -3.08 16.39 -3.77
CA MET A 4 -3.51 15.94 -5.08
C MET A 4 -4.91 15.34 -5.01
N GLN A 5 -5.40 14.85 -6.15
CA GLN A 5 -6.73 14.25 -6.22
C GLN A 5 -6.72 12.82 -5.71
N GLU A 6 -5.52 12.23 -5.65
CA GLU A 6 -5.37 10.86 -5.18
C GLU A 6 -5.02 10.83 -3.69
N ALA A 7 -5.61 9.87 -2.97
CA ALA A 7 -5.36 9.72 -1.55
C ALA A 7 -4.45 8.54 -1.26
N VAL A 8 -3.57 8.71 -0.29
CA VAL A 8 -2.63 7.65 0.08
C VAL A 8 -2.77 7.28 1.56
N VAL A 9 -2.62 6.00 1.87
CA VAL A 9 -2.73 5.53 3.24
C VAL A 9 -1.48 4.78 3.66
N LYS A 10 -0.98 5.10 4.86
CA LYS A 10 0.23 4.47 5.38
C LYS A 10 -0.11 3.55 6.54
N LEU A 11 0.40 2.32 6.49
CA LEU A 11 0.16 1.34 7.53
C LEU A 11 1.47 0.80 8.10
N ARG A 12 1.37 0.05 9.19
CA ARG A 12 2.55 -0.52 9.83
C ARG A 12 2.68 -2.01 9.51
N VAL A 13 3.81 -2.38 8.92
CA VAL A 13 4.06 -3.77 8.56
C VAL A 13 4.86 -4.49 9.64
N GLU A 14 4.52 -5.74 9.89
CA GLU A 14 5.19 -6.54 10.91
C GLU A 14 6.14 -7.55 10.25
N GLY A 15 6.07 -7.65 8.93
CA GLY A 15 6.92 -8.58 8.22
C GLY A 15 7.86 -7.88 7.25
N MET A 16 7.83 -6.55 7.25
CA MET A 16 8.69 -5.77 6.38
C MET A 16 10.17 -5.99 6.71
N THR A 17 10.42 -6.58 7.87
CA THR A 17 11.79 -6.85 8.31
C THR A 17 12.52 -7.75 7.30
N CYS A 18 11.74 -8.43 6.46
CA CYS A 18 12.31 -9.33 5.46
C CYS A 18 13.31 -8.58 4.58
N GLN A 19 13.90 -9.30 3.64
CA GLN A 19 14.88 -8.71 2.73
C GLN A 19 14.33 -7.44 2.08
N SER A 20 13.44 -7.62 1.11
CA SER A 20 12.84 -6.49 0.41
C SER A 20 11.68 -6.95 -0.46
N CYS A 21 10.66 -7.52 0.17
CA CYS A 21 9.48 -8.00 -0.55
C CYS A 21 8.75 -6.85 -1.23
N VAL A 22 9.08 -5.63 -0.84
CA VAL A 22 8.46 -4.44 -1.40
C VAL A 22 8.45 -4.51 -2.93
N SER A 23 9.56 -4.95 -3.51
CA SER A 23 9.68 -5.06 -4.96
C SER A 23 8.50 -5.83 -5.54
N SER A 24 8.08 -6.88 -4.84
CA SER A 24 6.97 -7.71 -5.28
C SER A 24 5.66 -6.93 -5.22
N ILE A 25 5.51 -6.11 -4.19
CA ILE A 25 4.30 -5.32 -4.00
C ILE A 25 4.15 -4.30 -5.13
N GLU A 26 5.27 -3.89 -5.72
CA GLU A 26 5.26 -2.93 -6.81
C GLU A 26 4.50 -3.48 -8.01
N GLY A 27 4.69 -4.77 -8.28
CA GLY A 27 4.02 -5.40 -9.41
C GLY A 27 2.51 -5.39 -9.26
N LYS A 28 2.03 -5.46 -8.03
CA LYS A 28 0.60 -5.47 -7.75
C LYS A 28 -0.06 -4.21 -8.31
N VAL A 29 0.64 -3.08 -8.20
CA VAL A 29 0.12 -1.82 -8.69
C VAL A 29 -0.35 -1.93 -10.14
N ARG A 30 0.46 -2.59 -10.96
CA ARG A 30 0.14 -2.78 -12.37
C ARG A 30 -1.13 -3.61 -12.53
N LYS A 31 -1.42 -4.43 -11.53
CA LYS A 31 -2.60 -5.28 -11.56
C LYS A 31 -3.78 -4.59 -10.87
N LEU A 32 -3.49 -3.56 -10.09
CA LEU A 32 -4.53 -2.82 -9.39
C LEU A 32 -5.26 -1.88 -10.33
N GLN A 33 -6.58 -1.83 -10.20
CA GLN A 33 -7.41 -0.97 -11.04
C GLN A 33 -7.50 0.44 -10.45
N GLY A 34 -7.67 0.51 -9.14
CA GLY A 34 -7.77 1.80 -8.47
C GLY A 34 -6.43 2.32 -8.00
N VAL A 35 -5.75 1.53 -7.18
CA VAL A 35 -4.44 1.91 -6.66
C VAL A 35 -3.58 2.55 -7.74
N VAL A 36 -2.88 3.61 -7.37
CA VAL A 36 -2.01 4.32 -8.31
C VAL A 36 -0.59 3.76 -8.28
N ARG A 37 -0.04 3.63 -7.08
CA ARG A 37 1.30 3.10 -6.91
C ARG A 37 1.59 2.79 -5.44
N VAL A 38 2.72 2.14 -5.19
CA VAL A 38 3.11 1.78 -3.84
C VAL A 38 4.46 2.39 -3.46
N LYS A 39 4.50 3.05 -2.31
CA LYS A 39 5.73 3.68 -1.84
C LYS A 39 6.26 2.99 -0.59
N VAL A 40 5.78 1.77 -0.36
CA VAL A 40 6.20 0.99 0.80
C VAL A 40 7.72 1.04 0.97
N SER A 41 8.17 1.47 2.15
CA SER A 41 9.59 1.57 2.44
C SER A 41 10.01 0.54 3.49
N LEU A 42 10.70 -0.50 3.06
CA LEU A 42 11.16 -1.56 3.95
C LEU A 42 12.24 -1.02 4.90
N SER A 43 12.88 0.06 4.51
CA SER A 43 13.93 0.66 5.32
C SER A 43 13.35 1.38 6.53
N ASN A 44 12.14 1.91 6.37
CA ASN A 44 11.46 2.61 7.45
C ASN A 44 10.41 1.72 8.11
N GLN A 45 10.34 0.47 7.68
CA GLN A 45 9.39 -0.49 8.22
C GLN A 45 7.97 0.06 8.14
N GLU A 46 7.66 0.72 7.03
CA GLU A 46 6.34 1.30 6.83
C GLU A 46 5.80 0.95 5.44
N ALA A 47 4.48 0.84 5.34
CA ALA A 47 3.84 0.50 4.07
C ALA A 47 2.95 1.65 3.59
N VAL A 48 3.22 2.14 2.40
CA VAL A 48 2.45 3.24 1.82
C VAL A 48 1.64 2.76 0.62
N ILE A 49 0.33 3.00 0.67
CA ILE A 49 -0.56 2.60 -0.42
C ILE A 49 -1.28 3.80 -1.01
N THR A 50 -0.97 4.11 -2.26
CA THR A 50 -1.60 5.24 -2.95
C THR A 50 -2.75 4.78 -3.82
N TYR A 51 -3.94 5.31 -3.56
CA TYR A 51 -5.13 4.95 -4.32
C TYR A 51 -5.97 6.19 -4.64
N GLN A 52 -7.03 5.99 -5.42
CA GLN A 52 -7.91 7.09 -5.80
C GLN A 52 -9.35 6.81 -5.36
N PRO A 53 -10.01 7.84 -4.81
CA PRO A 53 -11.40 7.72 -4.35
C PRO A 53 -12.38 7.57 -5.50
N TYR A 54 -11.97 8.00 -6.69
CA TYR A 54 -12.83 7.91 -7.86
C TYR A 54 -12.77 6.52 -8.48
N LEU A 55 -11.78 5.74 -8.06
CA LEU A 55 -11.61 4.38 -8.57
C LEU A 55 -11.97 3.35 -7.49
N ILE A 56 -11.11 3.23 -6.49
CA ILE A 56 -11.33 2.28 -5.40
C ILE A 56 -11.43 3.01 -4.06
N GLN A 57 -12.13 2.39 -3.11
CA GLN A 57 -12.29 2.98 -1.79
C GLN A 57 -11.12 2.60 -0.89
N PRO A 58 -11.03 3.28 0.28
CA PRO A 58 -9.96 3.04 1.25
C PRO A 58 -10.10 1.69 1.94
N GLU A 59 -11.31 1.38 2.37
CA GLU A 59 -11.58 0.12 3.05
C GLU A 59 -11.29 -1.07 2.14
N ASP A 60 -11.58 -0.90 0.85
CA ASP A 60 -11.35 -1.96 -0.13
C ASP A 60 -9.85 -2.19 -0.33
N LEU A 61 -9.09 -1.10 -0.39
CA LEU A 61 -7.64 -1.19 -0.57
C LEU A 61 -6.98 -1.85 0.64
N ARG A 62 -7.70 -1.90 1.75
CA ARG A 62 -7.17 -2.50 2.97
C ARG A 62 -6.93 -3.99 2.78
N ASP A 63 -7.86 -4.67 2.12
CA ASP A 63 -7.73 -6.10 1.86
C ASP A 63 -6.57 -6.38 0.91
N HIS A 64 -6.38 -5.49 -0.06
CA HIS A 64 -5.30 -5.65 -1.04
C HIS A 64 -3.98 -5.91 -0.34
N VAL A 65 -3.75 -5.22 0.78
CA VAL A 65 -2.51 -5.38 1.53
C VAL A 65 -2.33 -6.82 1.99
N ASN A 66 -3.40 -7.43 2.50
CA ASN A 66 -3.36 -8.80 2.96
C ASN A 66 -3.08 -9.76 1.81
N ASP A 67 -3.30 -9.29 0.59
CA ASP A 67 -3.08 -10.10 -0.60
C ASP A 67 -1.59 -10.40 -0.78
N MET A 68 -0.74 -9.54 -0.21
CA MET A 68 0.70 -9.71 -0.31
C MET A 68 1.19 -10.79 0.66
N GLY A 69 0.31 -11.20 1.57
CA GLY A 69 0.68 -12.23 2.52
C GLY A 69 1.14 -11.66 3.85
N PHE A 70 1.50 -10.38 3.84
CA PHE A 70 1.97 -9.70 5.05
C PHE A 70 0.80 -9.09 5.82
N GLU A 71 1.04 -8.73 7.07
CA GLU A 71 0.01 -8.14 7.92
C GLU A 71 0.29 -6.66 8.16
N ALA A 72 -0.68 -5.82 7.86
CA ALA A 72 -0.54 -4.38 8.04
C ALA A 72 -1.60 -3.84 9.01
N ALA A 73 -1.20 -2.92 9.87
CA ALA A 73 -2.11 -2.33 10.84
C ALA A 73 -1.94 -0.82 10.91
N ILE A 74 -3.03 -0.10 11.13
CA ILE A 74 -3.00 1.35 11.22
C ILE A 74 -1.85 1.81 12.11
N LYS A 75 -0.98 2.65 11.55
CA LYS A 75 0.17 3.18 12.29
C LYS A 75 -0.26 3.73 13.64
N SER A 76 -1.12 4.76 13.60
CA SER A 76 -1.61 5.39 14.83
C SER A 76 -2.98 4.85 15.21
N ALA A 1 -8.44 20.48 -0.29
CA ALA A 1 -8.66 19.83 -1.58
C ALA A 1 -8.84 20.85 -2.69
N GLY A 2 -8.71 20.40 -3.93
CA GLY A 2 -8.87 21.29 -5.07
C GLY A 2 -8.56 20.61 -6.39
N HIS A 3 -7.33 20.13 -6.53
CA HIS A 3 -6.90 19.46 -7.75
C HIS A 3 -6.69 17.98 -7.50
N MET A 4 -5.71 17.66 -6.65
CA MET A 4 -5.39 16.27 -6.33
C MET A 4 -6.20 15.81 -5.13
N GLN A 5 -7.18 14.94 -5.38
CA GLN A 5 -8.02 14.40 -4.32
C GLN A 5 -7.49 13.07 -3.81
N GLU A 6 -6.61 12.45 -4.59
CA GLU A 6 -6.02 11.17 -4.23
C GLU A 6 -5.41 11.23 -2.83
N ALA A 7 -5.60 10.18 -2.05
CA ALA A 7 -5.06 10.12 -0.70
C ALA A 7 -4.27 8.83 -0.48
N VAL A 8 -3.15 8.94 0.22
CA VAL A 8 -2.29 7.79 0.49
C VAL A 8 -2.06 7.63 2.00
N VAL A 9 -2.06 6.38 2.46
CA VAL A 9 -1.83 6.09 3.87
C VAL A 9 -0.67 5.13 4.05
N LYS A 10 -0.06 5.18 5.24
CA LYS A 10 1.08 4.31 5.55
C LYS A 10 0.70 3.28 6.62
N LEU A 11 1.09 2.04 6.40
CA LEU A 11 0.78 0.97 7.35
C LEU A 11 2.07 0.26 7.77
N ARG A 12 2.12 -0.13 9.04
CA ARG A 12 3.28 -0.83 9.58
C ARG A 12 3.25 -2.31 9.22
N VAL A 13 4.34 -2.81 8.64
CA VAL A 13 4.43 -4.21 8.26
C VAL A 13 5.07 -5.04 9.36
N GLU A 14 4.47 -6.19 9.65
CA GLU A 14 4.99 -7.08 10.68
C GLU A 14 5.68 -8.29 10.07
N GLY A 15 5.64 -8.38 8.74
CA GLY A 15 6.27 -9.48 8.05
C GLY A 15 7.46 -9.04 7.20
N MET A 16 7.77 -7.75 7.26
CA MET A 16 8.88 -7.20 6.50
C MET A 16 10.21 -7.81 6.95
N THR A 17 10.20 -8.45 8.11
CA THR A 17 11.39 -9.07 8.66
C THR A 17 11.80 -10.29 7.83
N CYS A 18 10.86 -10.83 7.08
CA CYS A 18 11.11 -11.99 6.25
C CYS A 18 12.19 -11.71 5.22
N GLN A 19 11.83 -10.95 4.19
CA GLN A 19 12.77 -10.60 3.13
C GLN A 19 12.43 -9.24 2.53
N SER A 20 13.08 -8.92 1.41
CA SER A 20 12.85 -7.65 0.74
C SER A 20 11.72 -7.76 -0.28
N CYS A 21 10.61 -8.36 0.15
CA CYS A 21 9.46 -8.55 -0.73
C CYS A 21 8.89 -7.19 -1.17
N VAL A 22 9.28 -6.14 -0.46
CA VAL A 22 8.81 -4.79 -0.77
C VAL A 22 8.97 -4.49 -2.26
N SER A 23 10.13 -4.83 -2.80
CA SER A 23 10.41 -4.58 -4.21
C SER A 23 9.48 -5.40 -5.09
N SER A 24 9.20 -6.63 -4.68
CA SER A 24 8.34 -7.53 -5.44
C SER A 24 6.89 -7.03 -5.41
N ILE A 25 6.46 -6.57 -4.24
CA ILE A 25 5.10 -6.06 -4.08
C ILE A 25 4.86 -4.85 -4.97
N GLU A 26 5.92 -4.12 -5.28
CA GLU A 26 5.82 -2.94 -6.13
C GLU A 26 5.08 -3.27 -7.42
N GLY A 27 5.36 -4.43 -7.98
CA GLY A 27 4.72 -4.84 -9.23
C GLY A 27 3.24 -5.08 -9.04
N LYS A 28 2.84 -5.49 -7.84
CA LYS A 28 1.43 -5.76 -7.55
C LYS A 28 0.59 -4.49 -7.70
N VAL A 29 1.17 -3.36 -7.31
CA VAL A 29 0.47 -2.08 -7.40
C VAL A 29 0.02 -1.81 -8.83
N ARG A 30 0.80 -2.29 -9.80
CA ARG A 30 0.48 -2.10 -11.20
C ARG A 30 -0.79 -2.87 -11.59
N LYS A 31 -1.08 -3.92 -10.83
CA LYS A 31 -2.26 -4.74 -11.08
C LYS A 31 -3.51 -4.09 -10.50
N LEU A 32 -3.32 -3.13 -9.61
CA LEU A 32 -4.43 -2.44 -8.98
C LEU A 32 -5.02 -1.39 -9.93
N GLN A 33 -6.35 -1.32 -9.97
CA GLN A 33 -7.03 -0.37 -10.83
C GLN A 33 -7.16 0.99 -10.15
N GLY A 34 -7.58 0.97 -8.88
CA GLY A 34 -7.74 2.21 -8.14
C GLY A 34 -6.42 2.75 -7.63
N VAL A 35 -5.69 1.95 -6.87
CA VAL A 35 -4.41 2.35 -6.32
C VAL A 35 -3.55 3.04 -7.38
N VAL A 36 -2.80 4.06 -6.96
CA VAL A 36 -1.94 4.79 -7.88
C VAL A 36 -0.54 4.20 -7.91
N ARG A 37 0.04 4.01 -6.73
CA ARG A 37 1.38 3.45 -6.61
C ARG A 37 1.71 3.12 -5.15
N VAL A 38 2.79 2.37 -4.95
CA VAL A 38 3.21 1.98 -3.61
C VAL A 38 4.61 2.50 -3.31
N LYS A 39 4.76 3.10 -2.13
CA LYS A 39 6.05 3.65 -1.71
C LYS A 39 6.65 2.82 -0.58
N VAL A 40 6.15 1.60 -0.41
CA VAL A 40 6.64 0.71 0.63
C VAL A 40 8.16 0.75 0.73
N SER A 41 8.65 1.05 1.93
CA SER A 41 10.09 1.14 2.16
C SER A 41 10.57 -0.02 3.05
N LEU A 42 11.30 -0.96 2.45
CA LEU A 42 11.81 -2.10 3.19
C LEU A 42 12.87 -1.67 4.20
N SER A 43 13.57 -0.59 3.88
CA SER A 43 14.62 -0.08 4.76
C SER A 43 14.01 0.55 6.02
N ASN A 44 12.80 1.06 5.88
CA ASN A 44 12.11 1.69 7.00
C ASN A 44 11.11 0.72 7.63
N GLN A 45 11.07 -0.51 7.12
CA GLN A 45 10.15 -1.52 7.62
C GLN A 45 8.72 -1.01 7.63
N GLU A 46 8.36 -0.25 6.60
CA GLU A 46 7.01 0.30 6.49
C GLU A 46 6.45 0.08 5.09
N ALA A 47 5.13 0.15 4.97
CA ALA A 47 4.47 -0.04 3.70
C ALA A 47 3.47 1.08 3.42
N VAL A 48 3.66 1.79 2.30
CA VAL A 48 2.78 2.89 1.93
C VAL A 48 1.97 2.54 0.69
N ILE A 49 0.66 2.72 0.78
CA ILE A 49 -0.23 2.43 -0.34
C ILE A 49 -1.00 3.67 -0.77
N THR A 50 -0.68 4.18 -1.95
CA THR A 50 -1.34 5.37 -2.48
C THR A 50 -2.54 4.99 -3.34
N TYR A 51 -3.71 5.53 -3.00
CA TYR A 51 -4.92 5.25 -3.73
C TYR A 51 -5.75 6.52 -3.95
N GLN A 52 -6.76 6.43 -4.80
CA GLN A 52 -7.61 7.57 -5.09
C GLN A 52 -9.07 7.26 -4.77
N PRO A 53 -9.76 8.21 -4.13
CA PRO A 53 -11.16 8.05 -3.75
C PRO A 53 -12.09 8.08 -4.96
N TYR A 54 -11.58 8.57 -6.08
CA TYR A 54 -12.36 8.64 -7.31
C TYR A 54 -12.40 7.29 -8.02
N LEU A 55 -11.50 6.40 -7.63
CA LEU A 55 -11.43 5.07 -8.22
C LEU A 55 -11.81 4.00 -7.21
N ILE A 56 -10.95 3.79 -6.21
CA ILE A 56 -11.19 2.80 -5.18
C ILE A 56 -11.24 3.44 -3.80
N GLN A 57 -11.96 2.80 -2.88
CA GLN A 57 -12.08 3.31 -1.52
C GLN A 57 -10.93 2.82 -0.64
N PRO A 58 -10.78 3.43 0.54
CA PRO A 58 -9.72 3.08 1.49
C PRO A 58 -9.93 1.70 2.11
N GLU A 59 -11.15 1.43 2.55
CA GLU A 59 -11.48 0.15 3.15
C GLU A 59 -11.28 -0.99 2.16
N ASP A 60 -11.55 -0.72 0.89
CA ASP A 60 -11.40 -1.73 -0.15
C ASP A 60 -9.93 -2.06 -0.37
N LEU A 61 -9.09 -1.05 -0.35
CA LEU A 61 -7.65 -1.24 -0.55
C LEU A 61 -7.04 -2.03 0.60
N ARG A 62 -7.76 -2.07 1.73
CA ARG A 62 -7.29 -2.80 2.91
C ARG A 62 -7.09 -4.27 2.58
N ASP A 63 -8.02 -4.84 1.83
CA ASP A 63 -7.93 -6.25 1.46
C ASP A 63 -6.73 -6.50 0.55
N HIS A 64 -6.47 -5.56 -0.35
CA HIS A 64 -5.34 -5.68 -1.26
C HIS A 64 -4.04 -5.91 -0.51
N VAL A 65 -3.89 -5.24 0.62
CA VAL A 65 -2.69 -5.38 1.44
C VAL A 65 -2.46 -6.82 1.85
N ASN A 66 -3.53 -7.49 2.28
CA ASN A 66 -3.45 -8.88 2.69
C ASN A 66 -3.07 -9.78 1.53
N ASP A 67 -3.36 -9.32 0.32
CA ASP A 67 -3.05 -10.09 -0.89
C ASP A 67 -1.54 -10.20 -1.07
N MET A 68 -0.81 -9.28 -0.48
CA MET A 68 0.65 -9.27 -0.58
C MET A 68 1.26 -10.42 0.22
N GLY A 69 0.43 -11.04 1.08
CA GLY A 69 0.91 -12.15 1.89
C GLY A 69 1.35 -11.70 3.27
N PHE A 70 1.51 -10.40 3.44
CA PHE A 70 1.93 -9.84 4.73
C PHE A 70 0.78 -9.11 5.41
N GLU A 71 0.99 -8.74 6.66
CA GLU A 71 -0.03 -8.04 7.43
C GLU A 71 0.39 -6.59 7.70
N ALA A 72 -0.47 -5.65 7.32
CA ALA A 72 -0.20 -4.24 7.53
C ALA A 72 -1.25 -3.59 8.44
N ALA A 73 -0.80 -2.69 9.31
CA ALA A 73 -1.69 -2.01 10.22
C ALA A 73 -1.56 -0.50 10.09
N ILE A 74 -2.70 0.19 10.17
CA ILE A 74 -2.71 1.65 10.06
C ILE A 74 -1.87 2.29 11.16
N LYS A 75 -0.90 3.11 10.75
CA LYS A 75 -0.03 3.79 11.70
C LYS A 75 -0.84 4.53 12.76
N SER A 76 -1.61 5.52 12.32
CA SER A 76 -2.43 6.31 13.23
C SER A 76 -3.90 5.90 13.11
N ALA A 1 -13.38 12.11 -5.98
CA ALA A 1 -14.20 13.03 -6.76
C ALA A 1 -13.35 14.09 -7.45
N GLY A 2 -12.19 14.37 -6.87
CA GLY A 2 -11.29 15.36 -7.43
C GLY A 2 -10.26 14.75 -8.35
N HIS A 3 -9.14 15.45 -8.54
CA HIS A 3 -8.07 14.98 -9.40
C HIS A 3 -6.77 14.84 -8.62
N MET A 4 -6.33 15.93 -8.00
CA MET A 4 -5.10 15.93 -7.23
C MET A 4 -5.39 15.73 -5.75
N GLN A 5 -6.49 15.05 -5.45
CA GLN A 5 -6.88 14.79 -4.07
C GLN A 5 -6.39 13.42 -3.62
N GLU A 6 -5.47 12.84 -4.37
CA GLU A 6 -4.92 11.53 -4.05
C GLU A 6 -4.41 11.49 -2.61
N ALA A 7 -4.65 10.37 -1.94
CA ALA A 7 -4.21 10.22 -0.56
C ALA A 7 -3.40 8.93 -0.39
N VAL A 8 -2.51 8.92 0.60
CA VAL A 8 -1.68 7.75 0.88
C VAL A 8 -1.88 7.26 2.31
N VAL A 9 -1.81 5.94 2.48
CA VAL A 9 -1.98 5.34 3.80
C VAL A 9 -0.76 4.50 4.18
N LYS A 10 -0.29 4.69 5.41
CA LYS A 10 0.88 3.96 5.90
C LYS A 10 0.47 2.95 6.97
N LEU A 11 0.91 1.71 6.81
CA LEU A 11 0.59 0.65 7.77
C LEU A 11 1.86 0.01 8.32
N ARG A 12 1.81 -0.42 9.58
CA ARG A 12 2.96 -1.06 10.22
C ARG A 12 3.00 -2.55 9.90
N VAL A 13 4.08 -2.98 9.26
CA VAL A 13 4.24 -4.39 8.89
C VAL A 13 5.05 -5.13 9.95
N GLU A 14 4.68 -6.38 10.19
CA GLU A 14 5.38 -7.21 11.18
C GLU A 14 6.28 -8.24 10.49
N GLY A 15 5.96 -8.55 9.24
CA GLY A 15 6.75 -9.52 8.50
C GLY A 15 7.97 -8.90 7.85
N MET A 16 7.85 -8.54 6.58
CA MET A 16 8.95 -7.93 5.85
C MET A 16 10.28 -8.57 6.24
N THR A 17 10.23 -9.86 6.60
CA THR A 17 11.43 -10.58 6.98
C THR A 17 12.53 -10.43 5.95
N CYS A 18 12.13 -10.26 4.69
CA CYS A 18 13.09 -10.10 3.60
C CYS A 18 12.86 -8.78 2.86
N GLN A 19 13.93 -8.21 2.33
CA GLN A 19 13.85 -6.95 1.60
C GLN A 19 13.74 -7.20 0.10
N SER A 20 13.19 -8.35 -0.27
CA SER A 20 13.04 -8.71 -1.67
C SER A 20 11.56 -8.84 -2.03
N CYS A 21 10.73 -9.10 -1.03
CA CYS A 21 9.30 -9.25 -1.24
C CYS A 21 8.69 -7.97 -1.80
N VAL A 22 9.23 -6.83 -1.37
CA VAL A 22 8.74 -5.53 -1.82
C VAL A 22 8.66 -5.48 -3.34
N SER A 23 9.70 -5.96 -4.01
CA SER A 23 9.74 -5.97 -5.46
C SER A 23 8.49 -6.61 -6.05
N SER A 24 8.03 -7.68 -5.40
CA SER A 24 6.83 -8.39 -5.85
C SER A 24 5.59 -7.54 -5.64
N ILE A 25 5.57 -6.78 -4.56
CA ILE A 25 4.44 -5.91 -4.24
C ILE A 25 4.26 -4.82 -5.30
N GLU A 26 5.36 -4.47 -5.97
CA GLU A 26 5.32 -3.45 -7.00
C GLU A 26 4.41 -3.87 -8.16
N GLY A 27 4.42 -5.17 -8.45
CA GLY A 27 3.59 -5.68 -9.54
C GLY A 27 2.11 -5.49 -9.28
N LYS A 28 1.72 -5.52 -8.01
CA LYS A 28 0.32 -5.35 -7.63
C LYS A 28 -0.19 -3.98 -8.08
N VAL A 29 0.63 -2.95 -7.91
CA VAL A 29 0.27 -1.60 -8.30
C VAL A 29 -0.23 -1.56 -9.74
N ARG A 30 0.49 -2.22 -10.63
CA ARG A 30 0.13 -2.26 -12.04
C ARG A 30 -1.21 -2.96 -12.24
N LYS A 31 -1.57 -3.83 -11.29
CA LYS A 31 -2.83 -4.56 -11.35
C LYS A 31 -3.94 -3.81 -10.63
N LEU A 32 -3.54 -2.84 -9.81
CA LEU A 32 -4.51 -2.04 -9.06
C LEU A 32 -5.20 -1.02 -9.97
N GLN A 33 -6.51 -0.86 -9.79
CA GLN A 33 -7.28 0.08 -10.59
C GLN A 33 -7.20 1.48 -10.00
N GLY A 34 -7.46 1.59 -8.69
CA GLY A 34 -7.41 2.88 -8.03
C GLY A 34 -6.03 3.23 -7.53
N VAL A 35 -5.44 2.35 -6.73
CA VAL A 35 -4.11 2.56 -6.18
C VAL A 35 -3.16 3.08 -7.26
N VAL A 36 -2.37 4.10 -6.89
CA VAL A 36 -1.42 4.68 -7.83
C VAL A 36 -0.05 4.02 -7.71
N ARG A 37 0.41 3.83 -6.48
CA ARG A 37 1.70 3.20 -6.23
C ARG A 37 1.85 2.84 -4.76
N VAL A 38 2.75 1.89 -4.48
CA VAL A 38 2.99 1.45 -3.12
C VAL A 38 4.48 1.48 -2.78
N LYS A 39 4.82 2.16 -1.70
CA LYS A 39 6.21 2.26 -1.28
C LYS A 39 6.44 1.53 0.05
N VAL A 40 7.36 0.58 0.05
CA VAL A 40 7.66 -0.18 1.26
C VAL A 40 9.06 0.14 1.77
N SER A 41 9.17 0.39 3.08
CA SER A 41 10.45 0.70 3.69
C SER A 41 10.90 -0.42 4.60
N LEU A 42 11.91 -1.17 4.16
CA LEU A 42 12.44 -2.28 4.94
C LEU A 42 13.16 -1.78 6.19
N SER A 43 13.74 -0.58 6.09
CA SER A 43 14.46 0.02 7.21
C SER A 43 13.49 0.45 8.30
N ASN A 44 12.28 0.82 7.91
CA ASN A 44 11.26 1.25 8.86
C ASN A 44 10.27 0.13 9.15
N GLN A 45 10.46 -1.01 8.48
CA GLN A 45 9.58 -2.15 8.65
C GLN A 45 8.11 -1.74 8.52
N GLU A 46 7.84 -0.87 7.56
CA GLU A 46 6.48 -0.39 7.33
C GLU A 46 6.12 -0.48 5.83
N ALA A 47 4.83 -0.33 5.54
CA ALA A 47 4.35 -0.39 4.17
C ALA A 47 3.46 0.79 3.84
N VAL A 48 3.80 1.52 2.77
CA VAL A 48 3.02 2.67 2.36
C VAL A 48 2.23 2.39 1.08
N ILE A 49 0.95 2.73 1.10
CA ILE A 49 0.09 2.50 -0.06
C ILE A 49 -0.56 3.80 -0.53
N THR A 50 -0.23 4.22 -1.75
CA THR A 50 -0.77 5.44 -2.31
C THR A 50 -1.95 5.14 -3.23
N TYR A 51 -3.10 5.74 -2.92
CA TYR A 51 -4.30 5.54 -3.72
C TYR A 51 -5.01 6.87 -3.96
N GLN A 52 -6.08 6.81 -4.75
CA GLN A 52 -6.86 8.01 -5.07
C GLN A 52 -8.31 7.84 -4.66
N PRO A 53 -8.88 8.88 -4.03
CA PRO A 53 -10.28 8.86 -3.57
C PRO A 53 -11.27 8.89 -4.74
N TYR A 54 -10.81 9.39 -5.89
CA TYR A 54 -11.66 9.49 -7.06
C TYR A 54 -11.75 8.13 -7.78
N LEU A 55 -10.85 7.22 -7.41
CA LEU A 55 -10.83 5.90 -8.02
C LEU A 55 -11.30 4.84 -7.03
N ILE A 56 -10.48 4.57 -6.01
CA ILE A 56 -10.83 3.60 -4.99
C ILE A 56 -10.78 4.20 -3.59
N GLN A 57 -11.51 3.60 -2.66
CA GLN A 57 -11.55 4.09 -1.29
C GLN A 57 -10.40 3.50 -0.47
N PRO A 58 -10.17 4.07 0.72
CA PRO A 58 -9.11 3.62 1.62
C PRO A 58 -9.41 2.25 2.23
N GLU A 59 -10.64 2.06 2.68
CA GLU A 59 -11.06 0.80 3.28
C GLU A 59 -10.95 -0.34 2.28
N ASP A 60 -11.27 -0.05 1.03
CA ASP A 60 -11.21 -1.06 -0.03
C ASP A 60 -9.76 -1.46 -0.32
N LEU A 61 -8.88 -0.46 -0.37
CA LEU A 61 -7.47 -0.71 -0.64
C LEU A 61 -6.82 -1.44 0.53
N ARG A 62 -7.36 -1.25 1.72
CA ARG A 62 -6.84 -1.89 2.92
C ARG A 62 -6.86 -3.41 2.77
N ASP A 63 -7.95 -3.93 2.23
CA ASP A 63 -8.10 -5.37 2.03
C ASP A 63 -7.09 -5.89 1.01
N HIS A 64 -6.77 -5.06 0.03
CA HIS A 64 -5.82 -5.43 -1.01
C HIS A 64 -4.41 -5.57 -0.42
N VAL A 65 -4.08 -4.68 0.49
CA VAL A 65 -2.76 -4.69 1.13
C VAL A 65 -2.50 -6.03 1.82
N ASN A 66 -3.50 -6.51 2.57
CA ASN A 66 -3.37 -7.77 3.28
C ASN A 66 -3.25 -8.94 2.31
N ASP A 67 -3.87 -8.80 1.14
CA ASP A 67 -3.83 -9.83 0.12
C ASP A 67 -2.39 -10.15 -0.28
N MET A 68 -1.50 -9.20 -0.04
CA MET A 68 -0.08 -9.37 -0.37
C MET A 68 0.54 -10.46 0.48
N GLY A 69 -0.17 -10.86 1.54
CA GLY A 69 0.34 -11.90 2.42
C GLY A 69 1.25 -11.35 3.51
N PHE A 70 0.94 -10.14 3.97
CA PHE A 70 1.73 -9.50 5.01
C PHE A 70 0.91 -9.29 6.27
N GLU A 71 1.54 -8.71 7.30
CA GLU A 71 0.86 -8.46 8.56
C GLU A 71 0.58 -6.97 8.75
N ALA A 72 0.84 -6.20 7.70
CA ALA A 72 0.61 -4.75 7.74
C ALA A 72 -0.72 -4.43 8.41
N ALA A 73 -0.71 -3.39 9.26
CA ALA A 73 -1.91 -2.99 9.96
C ALA A 73 -2.04 -1.46 9.98
N ILE A 74 -3.27 -0.98 10.02
CA ILE A 74 -3.53 0.46 10.04
C ILE A 74 -2.71 1.14 11.14
N LYS A 75 -1.91 2.12 10.74
CA LYS A 75 -1.07 2.86 11.68
C LYS A 75 -1.93 3.67 12.65
N SER A 76 -2.51 4.76 12.15
CA SER A 76 -3.35 5.62 12.98
C SER A 76 -4.59 6.05 12.21
#